data_9WJW
#
_entry.id   9WJW
#
_cell.length_a   1.00
_cell.length_b   1.00
_cell.length_c   1.00
_cell.angle_alpha   90.00
_cell.angle_beta   90.00
_cell.angle_gamma   90.00
#
_symmetry.space_group_name_H-M   'P 1'
#
loop_
_entity.id
_entity.type
_entity.pdbx_description
1 polymer 'Mannose/fructose/sorbose family PTS transporter subunit IIC'
2 polymer 'PTS mannose family transporter subunit IID'
3 polymer 'Prepeptide GarQ'
4 non-polymer alpha-D-mannopyranose
#
loop_
_entity_poly.entity_id
_entity_poly.type
_entity_poly.pdbx_seq_one_letter_code
_entity_poly.pdbx_strand_id
1 'polypeptide(L)'
;MSVISIILVVLIAFLAGIEGILDEFQFHQPLIACTLIGLVTGNLTACIILGGTLQMIALGWANIGAAVAPDAALASVASA
IILVLGGQGVAGIPSAIAIAIPLAVAGLFLTMIVRTLAVPIVHLMDRAAEKGNIRSVEWLHISAICMQGIRIAIPAAALL
FIPADSVQSFLEAMPAWLTDGMAIGGGMVVAVGYALVINMMATKEVWPFFVIGFVVAAISQLTLIAIGALGVALALIYLN
LSKMGGGNSNGGGGGNSRDPLGDILNDY
;
F,S,Y
2 'polypeptide(L)'
;MAEKIELSKRDRLRVAWRSTFIQGSWNYERMQNGGWAFSMIPAIKKLYKTKEDRSSALKRHLEFFNTHPYIASPILGVTL
ALEEERANGAEVDDVAIQGVKVGMMGPLAGVGDPVFWFTIRPMLGALGASLALSGNILGPILFFVAWNVIRWGFMWYTQE
FGYKAGSKITDDLSGGLLQDITKGASILGMFVLAALVQRWVNIQFAPIISKVKLDEGAYIDWSHLPQGAQGIKTALQQQQ
AGLALSEIKVTTLQNNLDNLIPGLAAVALTFLCMWLLKKKISPIIIILGLFVVGIVGHLIGLL
;
G,T,Z
3 'polypeptide(L)' EYHLMNGANGYLTRVNGKYVYRVTKDPVSAVFGVISNGWGSAGAGFGPQH A
#
# COMPACT_ATOMS: atom_id res chain seq x y z
N MET A 1 48.16 -13.39 -13.40
CA MET A 1 48.96 -13.95 -14.48
C MET A 1 50.05 -14.86 -13.92
N SER A 2 50.36 -14.70 -12.65
CA SER A 2 51.39 -15.50 -12.01
C SER A 2 50.88 -16.92 -11.75
N VAL A 3 51.84 -17.84 -11.62
CA VAL A 3 51.50 -19.24 -11.36
C VAL A 3 50.78 -19.38 -10.02
N ILE A 4 51.27 -18.67 -9.00
CA ILE A 4 50.65 -18.72 -7.68
C ILE A 4 49.22 -18.21 -7.75
N SER A 5 49.00 -17.11 -8.47
CA SER A 5 47.65 -16.56 -8.59
C SER A 5 46.73 -17.54 -9.32
N ILE A 6 47.22 -18.19 -10.37
CA ILE A 6 46.39 -19.16 -11.09
C ILE A 6 46.02 -20.33 -10.19
N ILE A 7 47.00 -20.83 -9.42
CA ILE A 7 46.74 -21.94 -8.53
C ILE A 7 45.71 -21.55 -7.47
N LEU A 8 45.85 -20.34 -6.91
CA LEU A 8 44.91 -19.89 -5.89
C LEU A 8 43.52 -19.69 -6.47
N VAL A 9 43.43 -19.20 -7.71
CA VAL A 9 42.12 -19.03 -8.36
C VAL A 9 41.46 -20.39 -8.56
N VAL A 10 42.24 -21.38 -9.01
CA VAL A 10 41.68 -22.73 -9.19
C VAL A 10 41.21 -23.30 -7.85
N LEU A 11 41.99 -23.08 -6.80
CA LEU A 11 41.60 -23.55 -5.48
C LEU A 11 40.31 -22.88 -5.00
N ILE A 12 40.18 -21.58 -5.23
CA ILE A 12 38.97 -20.86 -4.84
C ILE A 12 37.78 -21.38 -5.64
N ALA A 13 37.99 -21.69 -6.92
CA ALA A 13 36.91 -22.28 -7.72
C ALA A 13 36.50 -23.63 -7.16
N PHE A 14 37.47 -24.44 -6.75
CA PHE A 14 37.16 -25.74 -6.15
C PHE A 14 36.35 -25.57 -4.86
N LEU A 15 36.73 -24.61 -4.03
CA LEU A 15 35.98 -24.34 -2.81
C LEU A 15 34.57 -23.86 -3.12
N ALA A 16 34.42 -23.00 -4.12
CA ALA A 16 33.11 -22.53 -4.52
C ALA A 16 32.25 -23.69 -5.01
N GLY A 17 32.85 -24.62 -5.77
CA GLY A 17 32.12 -25.80 -6.20
C GLY A 17 31.67 -26.66 -5.04
N ILE A 18 32.53 -26.83 -4.03
CA ILE A 18 32.16 -27.67 -2.88
C ILE A 18 31.02 -27.02 -2.10
N GLU A 19 31.14 -25.74 -1.77
CA GLU A 19 30.06 -25.06 -1.06
C GLU A 19 28.84 -24.79 -1.91
N GLY A 20 28.91 -25.00 -3.23
CA GLY A 20 27.71 -24.94 -4.04
C GLY A 20 26.70 -26.00 -3.67
N ILE A 21 27.17 -27.20 -3.37
CA ILE A 21 26.31 -28.30 -2.95
C ILE A 21 26.20 -28.36 -1.42
N LEU A 22 27.29 -28.07 -0.71
CA LEU A 22 27.23 -28.10 0.75
C LEU A 22 26.27 -27.05 1.28
N ASP A 23 26.34 -25.83 0.76
CA ASP A 23 25.45 -24.73 1.15
C ASP A 23 25.53 -24.44 2.65
N GLU A 24 26.75 -24.46 3.20
CA GLU A 24 26.96 -24.21 4.61
C GLU A 24 27.80 -22.97 4.88
N PHE A 25 28.98 -22.88 4.27
CA PHE A 25 29.86 -21.73 4.48
C PHE A 25 29.60 -20.61 3.48
N GLN A 26 28.77 -20.85 2.47
CA GLN A 26 28.42 -19.84 1.46
C GLN A 26 29.65 -19.33 0.70
N PHE A 27 30.67 -20.18 0.56
CA PHE A 27 31.81 -19.80 -0.28
C PHE A 27 31.40 -19.70 -1.75
N HIS A 28 30.25 -20.26 -2.12
CA HIS A 28 29.77 -20.19 -3.49
C HIS A 28 29.04 -18.89 -3.79
N GLN A 29 28.67 -18.12 -2.77
CA GLN A 29 27.96 -16.87 -3.00
C GLN A 29 28.89 -15.86 -3.67
N PRO A 30 28.35 -14.99 -4.52
CA PRO A 30 29.20 -14.00 -5.19
C PRO A 30 29.93 -13.08 -4.23
N LEU A 31 29.30 -12.71 -3.11
CA LEU A 31 29.91 -11.78 -2.16
C LEU A 31 31.25 -12.29 -1.64
N ILE A 32 31.41 -13.61 -1.57
CA ILE A 32 32.63 -14.22 -1.05
C ILE A 32 33.52 -14.72 -2.17
N ALA A 33 32.96 -15.44 -3.14
CA ALA A 33 33.77 -15.99 -4.22
C ALA A 33 34.40 -14.89 -5.06
N CYS A 34 33.61 -13.89 -5.44
CA CYS A 34 34.15 -12.80 -6.26
C CYS A 34 35.22 -12.02 -5.50
N THR A 35 34.96 -11.76 -4.22
CA THR A 35 35.93 -11.01 -3.42
C THR A 35 37.22 -11.80 -3.23
N LEU A 36 37.14 -13.12 -3.02
CA LEU A 36 38.34 -13.93 -2.87
C LEU A 36 39.13 -13.97 -4.18
N ILE A 37 38.43 -14.15 -5.30
CA ILE A 37 39.12 -14.14 -6.59
C ILE A 37 39.82 -12.82 -6.82
N GLY A 38 39.15 -11.71 -6.51
CA GLY A 38 39.77 -10.41 -6.68
C GLY A 38 40.97 -10.22 -5.77
N LEU A 39 40.86 -10.66 -4.51
CA LEU A 39 41.96 -10.52 -3.57
C LEU A 39 43.17 -11.34 -4.00
N VAL A 40 42.94 -12.49 -4.63
CA VAL A 40 44.06 -13.35 -5.00
C VAL A 40 44.89 -12.73 -6.12
N THR A 41 44.24 -12.11 -7.11
CA THR A 41 44.97 -11.71 -8.31
C THR A 41 44.96 -10.20 -8.53
N GLY A 42 45.26 -9.43 -7.49
CA GLY A 42 45.41 -7.99 -7.66
C GLY A 42 44.17 -7.18 -7.35
N ASN A 43 43.41 -6.82 -8.38
CA ASN A 43 42.26 -5.94 -8.22
C ASN A 43 41.23 -6.54 -7.27
N LEU A 44 41.10 -5.94 -6.08
CA LEU A 44 40.19 -6.42 -5.06
C LEU A 44 38.89 -5.62 -5.00
N THR A 45 38.99 -4.29 -4.94
CA THR A 45 37.79 -3.45 -4.89
C THR A 45 36.95 -3.62 -6.15
N ALA A 46 37.59 -3.70 -7.31
CA ALA A 46 36.87 -3.89 -8.55
C ALA A 46 36.04 -5.17 -8.52
N CYS A 47 36.59 -6.24 -7.94
CA CYS A 47 35.82 -7.46 -7.76
C CYS A 47 34.83 -7.36 -6.61
N ILE A 48 35.09 -6.52 -5.61
CA ILE A 48 34.14 -6.35 -4.52
C ILE A 48 32.85 -5.74 -5.03
N ILE A 49 32.95 -4.70 -5.86
CA ILE A 49 31.73 -4.08 -6.40
C ILE A 49 30.97 -5.09 -7.27
N LEU A 50 31.68 -5.86 -8.09
CA LEU A 50 31.03 -6.84 -8.94
C LEU A 50 30.34 -7.91 -8.12
N GLY A 51 30.97 -8.36 -7.03
CA GLY A 51 30.32 -9.28 -6.13
C GLY A 51 29.08 -8.69 -5.50
N GLY A 52 29.13 -7.40 -5.16
CA GLY A 52 27.94 -6.74 -4.63
C GLY A 52 26.79 -6.72 -5.61
N THR A 53 27.06 -6.36 -6.86
CA THR A 53 25.99 -6.35 -7.87
C THR A 53 25.46 -7.75 -8.11
N LEU A 54 26.35 -8.75 -8.20
CA LEU A 54 25.90 -10.12 -8.42
C LEU A 54 25.06 -10.62 -7.25
N GLN A 55 25.46 -10.28 -6.03
CA GLN A 55 24.68 -10.66 -4.85
C GLN A 55 23.31 -9.99 -4.87
N MET A 56 23.25 -8.74 -5.31
CA MET A 56 21.94 -8.10 -5.49
C MET A 56 21.11 -8.85 -6.51
N ILE A 57 21.73 -9.32 -7.58
CA ILE A 57 21.01 -10.13 -8.56
C ILE A 57 20.67 -11.51 -8.00
N ALA A 58 21.62 -12.13 -7.29
CA ALA A 58 21.50 -13.52 -6.89
C ALA A 58 20.70 -13.72 -5.60
N LEU A 59 19.92 -12.74 -5.16
CA LEU A 59 19.02 -12.98 -4.04
C LEU A 59 17.89 -13.89 -4.48
N GLY A 60 17.44 -14.75 -3.57
CA GLY A 60 16.39 -15.69 -3.91
C GLY A 60 16.82 -16.71 -4.94
N TRP A 61 17.99 -17.30 -4.76
CA TRP A 61 18.51 -18.30 -5.68
C TRP A 61 18.87 -19.59 -4.94
N ALA A 62 17.95 -20.08 -4.11
CA ALA A 62 18.19 -21.26 -3.30
C ALA A 62 17.54 -22.50 -3.90
N ASN A 63 18.20 -23.64 -3.71
CA ASN A 63 17.67 -24.93 -4.13
C ASN A 63 16.69 -25.43 -3.08
N ILE A 64 15.52 -25.90 -3.53
CA ILE A 64 14.46 -26.36 -2.64
C ILE A 64 14.05 -27.76 -3.10
N GLY A 65 14.66 -28.80 -2.49
CA GLY A 65 14.19 -30.15 -2.66
C GLY A 65 14.10 -30.65 -4.08
N ALA A 66 15.25 -30.82 -4.74
CA ALA A 66 15.38 -31.29 -6.12
C ALA A 66 14.92 -30.24 -7.13
N ALA A 67 14.63 -29.02 -6.68
CA ALA A 67 14.34 -27.89 -7.57
C ALA A 67 15.57 -26.98 -7.52
N VAL A 68 16.55 -27.29 -8.37
CA VAL A 68 17.82 -26.57 -8.36
C VAL A 68 17.59 -25.13 -8.80
N ALA A 69 18.38 -24.20 -8.25
CA ALA A 69 18.35 -22.78 -8.55
C ALA A 69 19.50 -22.40 -9.47
N PRO A 70 19.30 -21.42 -10.35
CA PRO A 70 20.31 -21.15 -11.39
C PRO A 70 21.59 -20.58 -10.82
N ASP A 71 22.71 -20.97 -11.44
CA ASP A 71 24.00 -20.31 -11.33
C ASP A 71 24.40 -20.03 -9.87
N ALA A 72 24.48 -21.11 -9.10
CA ALA A 72 24.83 -20.97 -7.68
C ALA A 72 26.24 -20.40 -7.51
N ALA A 73 27.23 -20.99 -8.17
CA ALA A 73 28.61 -20.63 -7.95
C ALA A 73 29.37 -20.34 -9.23
N LEU A 74 28.96 -20.96 -10.33
CA LEU A 74 29.70 -20.82 -11.58
C LEU A 74 29.64 -19.39 -12.10
N ALA A 75 28.49 -18.74 -11.96
CA ALA A 75 28.34 -17.38 -12.47
C ALA A 75 29.31 -16.43 -11.77
N SER A 76 29.40 -16.51 -10.44
CA SER A 76 30.25 -15.59 -9.69
C SER A 76 31.72 -15.79 -10.03
N VAL A 77 32.19 -17.04 -10.00
CA VAL A 77 33.60 -17.31 -10.26
C VAL A 77 33.96 -16.95 -11.69
N ALA A 78 33.11 -17.32 -12.65
CA ALA A 78 33.38 -17.03 -14.05
C ALA A 78 33.38 -15.52 -14.31
N SER A 79 32.43 -14.80 -13.72
CA SER A 79 32.39 -13.35 -13.90
C SER A 79 33.63 -12.69 -13.31
N ALA A 80 34.05 -13.12 -12.12
CA ALA A 80 35.25 -12.55 -11.51
C ALA A 80 36.48 -12.82 -12.37
N ILE A 81 36.61 -14.06 -12.88
CA ILE A 81 37.76 -14.40 -13.70
C ILE A 81 37.77 -13.59 -14.99
N ILE A 82 36.61 -13.46 -15.63
CA ILE A 82 36.54 -12.71 -16.88
C ILE A 82 36.81 -11.23 -16.64
N LEU A 83 36.35 -10.70 -15.51
CA LEU A 83 36.63 -9.31 -15.18
C LEU A 83 38.12 -9.07 -14.95
N VAL A 84 38.79 -9.96 -14.20
CA VAL A 84 40.21 -9.76 -13.94
C VAL A 84 41.04 -10.00 -15.19
N LEU A 85 40.60 -10.89 -16.08
CA LEU A 85 41.38 -11.19 -17.28
C LEU A 85 41.27 -10.08 -18.30
N GLY A 86 40.08 -9.50 -18.48
CA GLY A 86 39.83 -8.55 -19.54
C GLY A 86 40.10 -7.10 -19.21
N GLY A 87 40.70 -6.80 -18.06
CA GLY A 87 40.89 -5.42 -17.71
C GLY A 87 39.56 -4.75 -17.37
N GLN A 88 39.58 -3.41 -17.39
CA GLN A 88 38.40 -2.61 -17.09
C GLN A 88 37.79 -3.03 -15.75
N GLY A 89 38.55 -2.80 -14.69
CA GLY A 89 38.23 -3.39 -13.39
C GLY A 89 36.83 -3.06 -12.91
N VAL A 90 36.43 -1.80 -13.02
CA VAL A 90 35.12 -1.35 -12.58
C VAL A 90 34.23 -1.00 -13.77
N ALA A 91 34.82 -0.53 -14.87
CA ALA A 91 34.03 -0.19 -16.05
C ALA A 91 33.48 -1.44 -16.74
N GLY A 92 34.16 -2.57 -16.63
CA GLY A 92 33.73 -3.80 -17.24
C GLY A 92 32.77 -4.63 -16.43
N ILE A 93 32.30 -4.10 -15.29
CA ILE A 93 31.38 -4.87 -14.45
C ILE A 93 30.05 -5.12 -15.14
N PRO A 94 29.41 -4.16 -15.82
CA PRO A 94 28.18 -4.51 -16.56
C PRO A 94 28.38 -5.59 -17.60
N SER A 95 29.52 -5.58 -18.31
CA SER A 95 29.80 -6.63 -19.27
C SER A 95 29.98 -7.98 -18.58
N ALA A 96 30.69 -7.98 -17.44
CA ALA A 96 30.88 -9.22 -16.70
C ALA A 96 29.55 -9.77 -16.21
N ILE A 97 28.65 -8.89 -15.77
CA ILE A 97 27.33 -9.32 -15.34
C ILE A 97 26.54 -9.88 -16.52
N ALA A 98 26.62 -9.22 -17.68
CA ALA A 98 25.88 -9.68 -18.85
C ALA A 98 26.40 -11.02 -19.35
N ILE A 99 27.67 -11.32 -19.12
CA ILE A 99 28.20 -12.64 -19.46
C ILE A 99 27.93 -13.68 -18.37
N ALA A 100 27.81 -13.24 -17.12
CA ALA A 100 27.55 -14.18 -16.03
C ALA A 100 26.09 -14.62 -15.99
N ILE A 101 25.16 -13.74 -16.37
CA ILE A 101 23.74 -14.07 -16.29
C ILE A 101 23.36 -15.27 -17.15
N PRO A 102 23.70 -15.33 -18.45
CA PRO A 102 23.25 -16.46 -19.26
C PRO A 102 24.18 -17.66 -19.19
N LEU A 103 25.02 -17.71 -18.17
CA LEU A 103 25.78 -18.91 -17.85
C LEU A 103 24.94 -19.94 -17.09
N ALA A 104 23.62 -19.76 -17.04
CA ALA A 104 22.76 -20.79 -16.48
C ALA A 104 22.89 -22.09 -17.25
N VAL A 105 23.14 -22.01 -18.56
CA VAL A 105 23.38 -23.22 -19.35
C VAL A 105 24.55 -24.00 -18.78
N ALA A 106 25.65 -23.31 -18.48
CA ALA A 106 26.83 -23.98 -17.95
C ALA A 106 26.69 -24.35 -16.48
N GLY A 107 25.79 -23.69 -15.75
CA GLY A 107 25.66 -23.97 -14.34
C GLY A 107 24.62 -25.00 -13.94
N LEU A 108 23.36 -24.77 -14.33
CA LEU A 108 22.25 -25.59 -13.85
C LEU A 108 22.35 -27.02 -14.39
N PHE A 109 22.56 -27.16 -15.70
CA PHE A 109 22.64 -28.49 -16.27
C PHE A 109 23.89 -29.21 -15.82
N LEU A 110 24.99 -28.48 -15.62
CA LEU A 110 26.23 -29.10 -15.19
C LEU A 110 26.13 -29.59 -13.74
N THR A 111 25.38 -28.89 -12.89
CA THR A 111 25.17 -29.44 -11.55
C THR A 111 24.11 -30.54 -11.53
N MET A 112 23.12 -30.47 -12.42
CA MET A 112 22.10 -31.52 -12.47
C MET A 112 22.70 -32.85 -12.93
N ILE A 113 23.59 -32.81 -13.93
CA ILE A 113 24.20 -34.06 -14.40
C ILE A 113 25.09 -34.66 -13.31
N VAL A 114 25.77 -33.82 -12.53
CA VAL A 114 26.56 -34.32 -11.42
C VAL A 114 25.66 -34.92 -10.35
N ARG A 115 24.53 -34.27 -10.06
CA ARG A 115 23.63 -34.76 -9.03
C ARG A 115 23.01 -36.10 -9.42
N THR A 116 22.70 -36.31 -10.71
CA THR A 116 22.23 -37.62 -11.12
C THR A 116 23.37 -38.61 -11.33
N LEU A 117 24.61 -38.14 -11.40
CA LEU A 117 25.77 -39.03 -11.48
C LEU A 117 26.19 -39.55 -10.11
N ALA A 118 25.62 -39.03 -9.03
CA ALA A 118 25.96 -39.48 -7.68
C ALA A 118 25.12 -40.67 -7.23
N VAL A 119 24.10 -41.06 -8.00
CA VAL A 119 23.31 -42.23 -7.63
C VAL A 119 24.14 -43.52 -7.64
N PRO A 120 24.96 -43.81 -8.66
CA PRO A 120 25.85 -44.97 -8.55
C PRO A 120 26.81 -44.88 -7.38
N ILE A 121 27.20 -43.67 -6.99
CA ILE A 121 28.04 -43.51 -5.81
C ILE A 121 27.32 -43.99 -4.57
N VAL A 122 26.04 -43.62 -4.42
CA VAL A 122 25.29 -44.08 -3.26
C VAL A 122 25.02 -45.59 -3.35
N HIS A 123 24.89 -46.13 -4.57
CA HIS A 123 24.75 -47.57 -4.70
C HIS A 123 26.01 -48.29 -4.23
N LEU A 124 27.17 -47.78 -4.60
CA LEU A 124 28.43 -48.33 -4.10
C LEU A 124 28.52 -48.17 -2.59
N MET A 125 28.00 -47.06 -2.06
CA MET A 125 27.98 -46.85 -0.62
C MET A 125 27.14 -47.91 0.08
N ASP A 126 25.97 -48.23 -0.49
CA ASP A 126 25.14 -49.30 0.07
C ASP A 126 25.85 -50.64 -0.02
N ARG A 127 26.51 -50.92 -1.15
CA ARG A 127 27.24 -52.17 -1.29
C ARG A 127 28.33 -52.30 -0.24
N ALA A 128 29.08 -51.22 -0.01
CA ALA A 128 30.13 -51.24 1.01
C ALA A 128 29.54 -51.37 2.41
N ALA A 129 28.44 -50.68 2.69
CA ALA A 129 27.80 -50.79 4.00
C ALA A 129 27.28 -52.20 4.25
N GLU A 130 26.90 -52.92 3.19
CA GLU A 130 26.42 -54.29 3.36
C GLU A 130 27.52 -55.18 3.93
N LYS A 131 28.78 -54.95 3.51
CA LYS A 131 29.91 -55.70 4.05
C LYS A 131 30.36 -55.21 5.42
N GLY A 132 29.82 -54.08 5.89
CA GLY A 132 30.27 -53.51 7.14
C GLY A 132 31.52 -52.67 7.04
N ASN A 133 32.02 -52.42 5.83
CA ASN A 133 33.24 -51.63 5.62
C ASN A 133 32.87 -50.15 5.68
N ILE A 134 32.75 -49.63 6.91
CA ILE A 134 32.39 -48.23 7.11
C ILE A 134 33.48 -47.27 6.71
N ARG A 135 34.70 -47.76 6.45
CA ARG A 135 35.78 -46.91 5.99
C ARG A 135 35.62 -46.49 4.52
N SER A 136 34.74 -47.15 3.77
CA SER A 136 34.56 -46.84 2.36
C SER A 136 33.38 -45.92 2.10
N VAL A 137 32.36 -45.92 2.97
CA VAL A 137 31.23 -45.02 2.78
C VAL A 137 31.67 -43.57 2.92
N GLU A 138 32.53 -43.29 3.90
CA GLU A 138 33.06 -41.93 4.06
C GLU A 138 33.92 -41.54 2.87
N TRP A 139 34.71 -42.49 2.34
CA TRP A 139 35.53 -42.18 1.17
C TRP A 139 34.66 -41.87 -0.04
N LEU A 140 33.57 -42.61 -0.22
CA LEU A 140 32.66 -42.33 -1.33
C LEU A 140 31.97 -40.97 -1.16
N HIS A 141 31.60 -40.64 0.08
CA HIS A 141 31.04 -39.31 0.35
C HIS A 141 32.02 -38.21 0.00
N ILE A 142 33.29 -38.38 0.41
CA ILE A 142 34.31 -37.39 0.09
C ILE A 142 34.55 -37.31 -1.41
N SER A 143 34.48 -38.46 -2.11
CA SER A 143 34.65 -38.44 -3.56
C SER A 143 33.51 -37.68 -4.23
N ALA A 144 32.28 -37.84 -3.74
CA ALA A 144 31.16 -37.07 -4.29
C ALA A 144 31.35 -35.58 -4.05
N ILE A 145 31.79 -35.21 -2.85
CA ILE A 145 32.08 -33.80 -2.55
C ILE A 145 33.16 -33.27 -3.49
N CYS A 146 34.21 -34.08 -3.70
CA CYS A 146 35.31 -33.66 -4.56
C CYS A 146 34.86 -33.48 -5.99
N MET A 147 34.00 -34.37 -6.50
CA MET A 147 33.53 -34.21 -7.87
C MET A 147 32.60 -33.00 -8.00
N GLN A 148 31.81 -32.70 -6.96
CA GLN A 148 31.01 -31.49 -7.00
C GLN A 148 31.88 -30.24 -6.99
N GLY A 149 33.01 -30.28 -6.30
CA GLY A 149 33.95 -29.18 -6.40
C GLY A 149 34.62 -29.10 -7.77
N ILE A 150 34.98 -30.25 -8.33
CA ILE A 150 35.68 -30.30 -9.61
C ILE A 150 34.79 -29.77 -10.74
N ARG A 151 33.49 -30.00 -10.67
CA ARG A 151 32.60 -29.56 -11.75
C ARG A 151 32.66 -28.05 -11.94
N ILE A 152 33.09 -27.30 -10.93
CA ILE A 152 33.30 -25.86 -11.07
C ILE A 152 34.78 -25.50 -11.15
N ALA A 153 35.66 -26.31 -10.56
CA ALA A 153 37.09 -26.05 -10.67
C ALA A 153 37.56 -26.14 -12.11
N ILE A 154 37.05 -27.12 -12.87
CA ILE A 154 37.51 -27.30 -14.26
C ILE A 154 37.19 -26.11 -15.15
N PRO A 155 35.95 -25.59 -15.20
CA PRO A 155 35.69 -24.44 -16.08
C PRO A 155 36.51 -23.20 -15.74
N ALA A 156 36.84 -22.99 -14.46
CA ALA A 156 37.68 -21.85 -14.10
C ALA A 156 39.07 -21.98 -14.70
N ALA A 157 39.66 -23.18 -14.63
CA ALA A 157 40.97 -23.41 -15.24
C ALA A 157 40.89 -23.27 -16.75
N ALA A 158 39.80 -23.75 -17.36
CA ALA A 158 39.64 -23.59 -18.80
C ALA A 158 39.57 -22.12 -19.18
N LEU A 159 38.85 -21.31 -18.40
CA LEU A 159 38.77 -19.88 -18.66
C LEU A 159 40.13 -19.21 -18.49
N LEU A 160 40.87 -19.59 -17.45
CA LEU A 160 42.17 -18.99 -17.21
C LEU A 160 43.16 -19.30 -18.33
N PHE A 161 43.17 -20.54 -18.80
CA PHE A 161 44.17 -21.00 -19.76
C PHE A 161 43.83 -20.62 -21.20
N ILE A 162 42.77 -19.84 -21.41
CA ILE A 162 42.36 -19.44 -22.76
C ILE A 162 41.89 -17.99 -22.71
N PRO A 163 42.65 -17.05 -23.27
CA PRO A 163 42.17 -15.67 -23.35
C PRO A 163 40.99 -15.51 -24.30
N ALA A 164 41.20 -15.88 -25.56
CA ALA A 164 40.11 -15.97 -26.53
C ALA A 164 40.14 -17.28 -27.29
N ASP A 165 41.36 -17.73 -27.64
CA ASP A 165 41.61 -18.90 -28.48
C ASP A 165 40.61 -19.00 -29.63
N SER A 166 40.07 -20.20 -29.85
CA SER A 166 39.06 -20.42 -30.87
C SER A 166 37.69 -20.15 -30.25
N VAL A 167 37.05 -19.07 -30.67
CA VAL A 167 35.74 -18.73 -30.14
C VAL A 167 34.65 -19.39 -30.99
N GLN A 168 34.36 -20.65 -30.69
CA GLN A 168 33.20 -21.31 -31.29
C GLN A 168 32.05 -21.46 -30.31
N SER A 169 32.32 -21.49 -29.01
CA SER A 169 31.27 -21.34 -28.01
C SER A 169 30.73 -19.93 -27.96
N PHE A 170 31.43 -18.97 -28.57
CA PHE A 170 30.96 -17.59 -28.69
C PHE A 170 30.28 -17.34 -30.04
N LEU A 171 30.37 -18.29 -30.97
CA LEU A 171 29.82 -18.09 -32.32
C LEU A 171 28.67 -19.04 -32.63
N GLU A 172 28.91 -20.35 -32.50
CA GLU A 172 27.91 -21.33 -32.92
C GLU A 172 27.04 -21.77 -31.75
N ALA A 173 27.51 -21.57 -30.52
CA ALA A 173 26.73 -21.94 -29.35
C ALA A 173 25.57 -20.98 -29.15
N MET A 174 25.52 -19.91 -29.95
CA MET A 174 24.44 -18.93 -29.93
C MET A 174 23.86 -18.80 -31.33
N PRO A 175 23.00 -19.74 -31.76
CA PRO A 175 22.34 -19.60 -33.07
C PRO A 175 21.38 -18.43 -33.15
N ALA A 176 21.30 -17.64 -32.07
CA ALA A 176 20.41 -16.48 -31.96
C ALA A 176 18.94 -16.89 -32.01
N TRP A 177 18.65 -18.18 -31.79
CA TRP A 177 17.30 -18.63 -31.58
C TRP A 177 17.29 -19.56 -30.37
N LEU A 178 18.46 -20.03 -29.99
CA LEU A 178 18.64 -20.88 -28.82
C LEU A 178 19.23 -20.14 -27.62
N THR A 179 20.15 -19.20 -27.85
CA THR A 179 20.74 -18.47 -26.74
C THR A 179 19.72 -17.52 -26.09
N ASP A 180 18.89 -16.85 -26.89
CA ASP A 180 17.91 -15.93 -26.33
C ASP A 180 16.74 -16.69 -25.72
N GLY A 181 16.30 -17.77 -26.35
CA GLY A 181 15.26 -18.59 -25.75
C GLY A 181 15.69 -19.17 -24.43
N MET A 182 16.94 -19.65 -24.36
CA MET A 182 17.45 -20.18 -23.10
C MET A 182 17.64 -19.07 -22.07
N ALA A 183 18.03 -17.87 -22.50
CA ALA A 183 18.16 -16.76 -21.59
C ALA A 183 16.84 -16.38 -20.96
N ILE A 184 15.76 -16.34 -21.77
CA ILE A 184 14.45 -16.02 -21.21
C ILE A 184 13.86 -17.19 -20.44
N GLY A 185 14.26 -18.43 -20.75
CA GLY A 185 13.82 -19.55 -19.94
C GLY A 185 14.54 -19.64 -18.61
N GLY A 186 15.73 -19.07 -18.52
CA GLY A 186 16.46 -19.04 -17.27
C GLY A 186 15.96 -18.03 -16.27
N GLY A 187 15.10 -17.11 -16.69
CA GLY A 187 14.50 -16.15 -15.79
C GLY A 187 13.27 -16.66 -15.07
N MET A 188 12.79 -17.86 -15.41
CA MET A 188 11.62 -18.44 -14.78
C MET A 188 11.91 -19.70 -13.99
N VAL A 189 13.14 -20.22 -14.03
CA VAL A 189 13.42 -21.49 -13.36
C VAL A 189 13.34 -21.36 -11.85
N VAL A 190 13.40 -20.14 -11.30
CA VAL A 190 13.20 -19.97 -9.86
C VAL A 190 11.74 -20.20 -9.48
N ALA A 191 10.82 -20.16 -10.46
CA ALA A 191 9.41 -20.37 -10.16
C ALA A 191 9.16 -21.80 -9.68
N VAL A 192 9.92 -22.78 -10.16
CA VAL A 192 9.73 -24.15 -9.70
C VAL A 192 10.07 -24.28 -8.22
N GLY A 193 11.19 -23.69 -7.81
CA GLY A 193 11.56 -23.71 -6.40
C GLY A 193 10.58 -22.93 -5.54
N TYR A 194 10.13 -21.77 -6.04
CA TYR A 194 9.14 -20.99 -5.30
C TYR A 194 7.85 -21.77 -5.14
N ALA A 195 7.40 -22.44 -6.21
CA ALA A 195 6.19 -23.24 -6.13
C ALA A 195 6.34 -24.39 -5.15
N LEU A 196 7.51 -25.03 -5.16
CA LEU A 196 7.73 -26.15 -4.23
C LEU A 196 7.71 -25.69 -2.79
N VAL A 197 8.38 -24.58 -2.48
CA VAL A 197 8.41 -24.12 -1.10
C VAL A 197 7.04 -23.58 -0.68
N ILE A 198 6.29 -22.99 -1.61
CA ILE A 198 4.94 -22.55 -1.30
C ILE A 198 4.03 -23.74 -1.05
N ASN A 199 4.21 -24.81 -1.82
CA ASN A 199 3.47 -26.05 -1.55
C ASN A 199 3.84 -26.64 -0.19
N MET A 200 5.10 -26.47 0.22
CA MET A 200 5.53 -27.01 1.51
C MET A 200 4.77 -26.37 2.66
N MET A 201 4.55 -25.05 2.61
CA MET A 201 3.79 -24.36 3.64
C MET A 201 2.66 -23.58 2.96
N ALA A 202 1.43 -24.03 3.16
CA ALA A 202 0.27 -23.38 2.57
C ALA A 202 -0.98 -23.84 3.30
N THR A 203 -1.65 -22.92 3.97
CA THR A 203 -2.93 -23.17 4.61
C THR A 203 -3.86 -22.01 4.32
N LYS A 204 -5.16 -22.25 4.55
CA LYS A 204 -6.15 -21.21 4.32
C LYS A 204 -5.98 -20.03 5.27
N GLU A 205 -5.19 -20.19 6.33
CA GLU A 205 -4.94 -19.11 7.27
C GLU A 205 -3.84 -18.17 6.80
N VAL A 206 -2.91 -18.65 5.96
CA VAL A 206 -1.75 -17.86 5.57
C VAL A 206 -1.80 -17.40 4.11
N TRP A 207 -2.75 -17.90 3.31
CA TRP A 207 -2.88 -17.43 1.94
C TRP A 207 -3.16 -15.92 1.83
N PRO A 208 -3.99 -15.29 2.67
CA PRO A 208 -4.15 -13.84 2.57
C PRO A 208 -2.85 -13.07 2.71
N PHE A 209 -1.90 -13.57 3.50
CA PHE A 209 -0.59 -12.92 3.58
C PHE A 209 0.16 -13.04 2.26
N PHE A 210 0.00 -14.16 1.57
CA PHE A 210 0.55 -14.28 0.21
C PHE A 210 -0.07 -13.23 -0.71
N VAL A 211 -1.39 -13.04 -0.63
CA VAL A 211 -2.04 -12.05 -1.47
C VAL A 211 -1.52 -10.66 -1.16
N ILE A 212 -1.39 -10.34 0.13
CA ILE A 212 -0.90 -9.02 0.54
C ILE A 212 0.53 -8.80 0.04
N GLY A 213 1.39 -9.79 0.21
CA GLY A 213 2.76 -9.65 -0.24
C GLY A 213 2.87 -9.49 -1.75
N PHE A 214 2.04 -10.23 -2.50
CA PHE A 214 2.04 -10.09 -3.94
C PHE A 214 1.57 -8.71 -4.37
N VAL A 215 0.54 -8.18 -3.71
CA VAL A 215 0.01 -6.87 -4.08
C VAL A 215 0.98 -5.76 -3.70
N VAL A 216 1.57 -5.85 -2.51
CA VAL A 216 2.37 -4.76 -1.95
C VAL A 216 3.73 -4.66 -2.64
N ALA A 217 3.98 -5.53 -3.60
CA ALA A 217 5.26 -5.59 -4.31
C ALA A 217 5.20 -4.82 -5.62
N ALA A 218 4.51 -3.69 -5.63
CA ALA A 218 4.32 -2.87 -6.84
C ALA A 218 5.64 -2.32 -7.37
N ILE A 219 5.58 -1.60 -8.48
CA ILE A 219 6.75 -1.30 -9.29
C ILE A 219 7.67 -0.28 -8.63
N SER A 220 8.72 -0.76 -7.98
CA SER A 220 9.93 0.02 -7.66
C SER A 220 9.63 1.23 -6.77
N GLN A 221 9.10 0.95 -5.59
CA GLN A 221 9.15 1.93 -4.50
C GLN A 221 9.54 1.35 -3.15
N LEU A 222 9.34 0.05 -2.92
CA LEU A 222 9.76 -0.60 -1.69
C LEU A 222 10.85 -1.60 -2.01
N THR A 223 11.93 -1.57 -1.23
CA THR A 223 13.01 -2.52 -1.42
C THR A 223 12.64 -3.87 -0.82
N LEU A 224 13.47 -4.88 -1.10
CA LEU A 224 13.21 -6.21 -0.57
C LEU A 224 13.37 -6.26 0.94
N ILE A 225 14.30 -5.48 1.49
CA ILE A 225 14.46 -5.43 2.94
C ILE A 225 13.22 -4.84 3.59
N ALA A 226 12.65 -3.80 2.98
CA ALA A 226 11.42 -3.22 3.51
C ALA A 226 10.27 -4.23 3.46
N ILE A 227 10.18 -4.99 2.38
CA ILE A 227 9.12 -6.00 2.27
C ILE A 227 9.29 -7.08 3.32
N GLY A 228 10.53 -7.53 3.55
CA GLY A 228 10.76 -8.54 4.57
C GLY A 228 10.47 -8.03 5.97
N ALA A 229 10.85 -6.78 6.25
CA ALA A 229 10.53 -6.19 7.55
C ALA A 229 9.02 -6.07 7.74
N LEU A 230 8.30 -5.68 6.68
CA LEU A 230 6.85 -5.63 6.74
C LEU A 230 6.27 -7.00 7.02
N GLY A 231 6.81 -8.04 6.38
CA GLY A 231 6.34 -9.39 6.64
C GLY A 231 6.58 -9.84 8.06
N VAL A 232 7.75 -9.53 8.61
CA VAL A 232 8.06 -9.89 9.99
C VAL A 232 7.12 -9.16 10.95
N ALA A 233 6.88 -7.88 10.71
CA ALA A 233 5.98 -7.12 11.57
C ALA A 233 4.56 -7.68 11.49
N LEU A 234 4.10 -8.02 10.29
CA LEU A 234 2.76 -8.58 10.13
C LEU A 234 2.64 -9.93 10.85
N ALA A 235 3.68 -10.76 10.75
CA ALA A 235 3.67 -12.04 11.45
C ALA A 235 3.61 -11.84 12.96
N LEU A 236 4.39 -10.90 13.48
CA LEU A 236 4.37 -10.63 14.92
C LEU A 236 3.01 -10.12 15.37
N ILE A 237 2.41 -9.21 14.60
CA ILE A 237 1.10 -8.67 14.95
C ILE A 237 0.04 -9.78 14.93
N TYR A 238 0.09 -10.64 13.91
CA TYR A 238 -0.88 -11.72 13.81
C TYR A 238 -0.73 -12.69 14.98
N LEU A 239 0.49 -13.06 15.34
CA LEU A 239 0.71 -13.96 16.46
C LEU A 239 0.22 -13.33 17.77
N ASN A 240 0.54 -12.05 17.98
CA ASN A 240 0.09 -11.38 19.20
C ASN A 240 -1.42 -11.31 19.28
N LEU A 241 -2.09 -11.01 18.17
CA LEU A 241 -3.55 -10.93 18.17
C LEU A 241 -4.18 -12.31 18.37
N SER A 242 -3.59 -13.34 17.77
CA SER A 242 -4.14 -14.69 17.91
C SER A 242 -3.96 -15.23 19.31
N LYS A 243 -2.87 -14.85 19.99
CA LYS A 243 -2.66 -15.33 21.35
C LYS A 243 -3.59 -14.69 22.37
N MET A 244 -4.35 -13.67 21.98
CA MET A 244 -5.27 -13.02 22.92
C MET A 244 -6.51 -13.86 23.21
N GLY A 245 -6.76 -14.91 22.43
CA GLY A 245 -7.92 -15.76 22.64
C GLY A 245 -7.61 -17.02 23.43
N GLU B 3 29.60 -50.13 30.03
CA GLU B 3 28.52 -50.85 29.36
C GLU B 3 27.44 -49.87 28.88
N LYS B 4 27.55 -48.61 29.32
CA LYS B 4 26.57 -47.60 28.96
C LYS B 4 27.00 -46.73 27.79
N ILE B 5 28.29 -46.72 27.44
CA ILE B 5 28.84 -45.94 26.33
C ILE B 5 28.59 -44.45 26.58
N GLU B 6 27.33 -44.05 26.63
CA GLU B 6 26.81 -42.74 27.03
C GLU B 6 27.02 -41.66 25.98
N LEU B 7 27.74 -41.93 24.89
CA LEU B 7 27.89 -40.97 23.78
C LEU B 7 28.41 -39.62 24.29
N SER B 8 29.67 -39.66 24.72
CA SER B 8 30.32 -38.51 25.34
C SER B 8 30.25 -37.26 24.47
N LYS B 9 30.46 -36.09 25.08
CA LYS B 9 30.25 -34.83 24.38
C LYS B 9 31.21 -34.65 23.21
N ARG B 10 32.39 -35.27 23.27
CA ARG B 10 33.33 -35.17 22.15
C ARG B 10 32.75 -35.79 20.90
N ASP B 11 32.11 -36.96 21.02
CA ASP B 11 31.53 -37.60 19.85
C ASP B 11 30.33 -36.82 19.32
N ARG B 12 29.56 -36.18 20.21
CA ARG B 12 28.48 -35.31 19.75
C ARG B 12 29.02 -34.11 18.99
N LEU B 13 30.14 -33.55 19.46
CA LEU B 13 30.77 -32.45 18.73
C LEU B 13 31.26 -32.92 17.37
N ARG B 14 31.83 -34.13 17.30
CA ARG B 14 32.25 -34.69 16.03
C ARG B 14 31.07 -34.88 15.08
N VAL B 15 29.95 -35.37 15.61
CA VAL B 15 28.75 -35.56 14.79
C VAL B 15 28.25 -34.22 14.27
N ALA B 16 28.23 -33.20 15.13
CA ALA B 16 27.79 -31.88 14.71
C ALA B 16 28.71 -31.31 13.64
N TRP B 17 30.02 -31.53 13.78
CA TRP B 17 30.96 -31.06 12.76
C TRP B 17 30.74 -31.77 11.45
N ARG B 18 30.55 -33.09 11.48
CA ARG B 18 30.32 -33.85 10.25
C ARG B 18 28.97 -33.52 9.62
N SER B 19 28.01 -33.05 10.41
CA SER B 19 26.72 -32.66 9.88
C SER B 19 26.80 -31.47 8.95
N THR B 20 27.92 -30.74 8.94
CA THR B 20 28.15 -29.71 7.95
C THR B 20 28.21 -30.30 6.54
N PHE B 21 28.54 -31.57 6.41
CA PHE B 21 28.59 -32.26 5.12
C PHE B 21 27.38 -33.16 4.91
N ILE B 22 26.21 -32.71 5.37
CA ILE B 22 24.98 -33.48 5.19
C ILE B 22 24.66 -33.63 3.71
N GLN B 23 25.13 -32.71 2.88
CA GLN B 23 25.02 -32.82 1.44
C GLN B 23 26.38 -33.16 0.84
N GLY B 24 26.44 -33.19 -0.48
CA GLY B 24 27.65 -33.58 -1.19
C GLY B 24 27.46 -34.90 -1.91
N SER B 25 26.91 -35.88 -1.20
CA SER B 25 26.37 -37.08 -1.85
C SER B 25 24.88 -36.91 -2.10
N TRP B 26 24.53 -35.81 -2.76
CA TRP B 26 23.14 -35.46 -3.01
C TRP B 26 22.71 -36.06 -4.35
N ASN B 27 21.92 -37.12 -4.29
CA ASN B 27 21.40 -37.80 -5.47
C ASN B 27 19.90 -37.57 -5.57
N TYR B 28 19.32 -38.04 -6.68
CA TYR B 28 17.89 -37.87 -6.92
C TYR B 28 17.06 -39.00 -6.36
N GLU B 29 17.65 -40.17 -6.10
CA GLU B 29 16.88 -41.31 -5.62
C GLU B 29 16.65 -41.20 -4.11
N ARG B 30 17.72 -41.22 -3.33
CA ARG B 30 17.66 -41.07 -1.88
C ARG B 30 18.45 -39.82 -1.54
N MET B 31 17.78 -38.67 -1.62
CA MET B 31 18.48 -37.39 -1.44
C MET B 31 18.96 -37.26 0.00
N GLN B 32 20.17 -36.70 0.15
CA GLN B 32 20.73 -36.35 1.45
C GLN B 32 20.81 -37.54 2.40
N ASN B 33 20.97 -38.75 1.85
CA ASN B 33 21.07 -39.93 2.70
C ASN B 33 22.52 -40.33 2.98
N GLY B 34 23.40 -40.20 1.98
CA GLY B 34 24.81 -40.44 2.23
C GLY B 34 25.37 -39.47 3.25
N GLY B 35 24.91 -38.21 3.22
CA GLY B 35 25.31 -37.26 4.24
C GLY B 35 24.83 -37.64 5.62
N TRP B 36 23.60 -38.16 5.72
CA TRP B 36 23.10 -38.62 7.02
C TRP B 36 23.94 -39.77 7.55
N ALA B 37 24.28 -40.73 6.68
CA ALA B 37 25.12 -41.85 7.11
C ALA B 37 26.51 -41.36 7.50
N PHE B 38 27.06 -40.41 6.74
CA PHE B 38 28.38 -39.87 7.05
C PHE B 38 28.39 -39.16 8.39
N SER B 39 27.32 -38.41 8.69
CA SER B 39 27.21 -37.76 9.99
C SER B 39 27.07 -38.78 11.10
N MET B 40 26.32 -39.86 10.86
CA MET B 40 26.12 -40.88 11.87
C MET B 40 27.33 -41.81 12.04
N ILE B 41 28.29 -41.76 11.13
CA ILE B 41 29.41 -42.71 11.16
C ILE B 41 30.12 -42.78 12.51
N PRO B 42 30.50 -41.66 13.14
CA PRO B 42 31.17 -41.79 14.46
C PRO B 42 30.29 -42.43 15.51
N ALA B 43 28.99 -42.15 15.50
CA ALA B 43 28.08 -42.78 16.45
C ALA B 43 27.98 -44.27 16.21
N ILE B 44 27.93 -44.69 14.93
CA ILE B 44 27.91 -46.11 14.63
C ILE B 44 29.21 -46.77 15.07
N LYS B 45 30.33 -46.06 14.90
CA LYS B 45 31.62 -46.60 15.34
C LYS B 45 31.64 -46.82 16.84
N LYS B 46 31.21 -45.82 17.61
CA LYS B 46 31.31 -45.92 19.07
C LYS B 46 30.29 -46.90 19.64
N LEU B 47 29.04 -46.80 19.19
CA LEU B 47 27.97 -47.56 19.82
C LEU B 47 28.03 -49.04 19.46
N TYR B 48 28.44 -49.36 18.24
CA TYR B 48 28.39 -50.72 17.72
C TYR B 48 29.79 -51.22 17.40
N LYS B 49 29.99 -52.53 17.55
CA LYS B 49 31.30 -53.13 17.41
C LYS B 49 31.21 -54.42 16.62
N THR B 50 32.37 -55.03 16.39
CA THR B 50 32.57 -56.38 15.86
C THR B 50 31.77 -56.66 14.58
N LYS B 51 31.30 -55.61 13.89
CA LYS B 51 30.79 -55.65 12.53
C LYS B 51 29.51 -56.48 12.39
N GLU B 52 29.01 -57.11 13.46
CA GLU B 52 27.83 -57.96 13.32
C GLU B 52 26.56 -57.16 13.10
N ASP B 53 26.52 -55.90 13.54
CA ASP B 53 25.37 -55.05 13.34
C ASP B 53 25.70 -53.70 12.73
N ARG B 54 26.98 -53.43 12.47
CA ARG B 54 27.35 -52.18 11.80
C ARG B 54 26.68 -52.08 10.43
N SER B 55 26.63 -53.20 9.69
CA SER B 55 25.96 -53.20 8.40
C SER B 55 24.48 -52.86 8.54
N SER B 56 23.82 -53.44 9.55
CA SER B 56 22.40 -53.15 9.76
C SER B 56 22.19 -51.68 10.14
N ALA B 57 23.06 -51.15 11.01
CA ALA B 57 22.94 -49.76 11.42
C ALA B 57 23.15 -48.82 10.25
N LEU B 58 24.09 -49.15 9.37
CA LEU B 58 24.33 -48.31 8.19
C LEU B 58 23.17 -48.40 7.21
N LYS B 59 22.70 -49.61 6.92
CA LYS B 59 21.62 -49.77 5.96
C LYS B 59 20.31 -49.17 6.48
N ARG B 60 20.17 -49.05 7.80
CA ARG B 60 19.00 -48.39 8.36
C ARG B 60 19.10 -46.87 8.23
N HIS B 61 20.31 -46.33 8.29
CA HIS B 61 20.53 -44.88 8.16
C HIS B 61 20.92 -44.48 6.74
N LEU B 62 20.64 -45.34 5.76
CA LEU B 62 21.00 -45.07 4.37
C LEU B 62 19.78 -44.96 3.47
N GLU B 63 18.61 -44.70 4.04
CA GLU B 63 17.38 -44.56 3.25
C GLU B 63 17.02 -43.08 3.11
N PHE B 64 15.86 -42.82 2.53
CA PHE B 64 15.46 -41.47 2.15
C PHE B 64 15.45 -40.53 3.35
N PHE B 65 16.07 -39.35 3.17
CA PHE B 65 16.09 -38.34 4.23
C PHE B 65 16.30 -36.98 3.56
N ASN B 66 15.23 -36.19 3.44
CA ASN B 66 15.30 -34.87 2.83
C ASN B 66 14.82 -33.82 3.81
N THR B 67 15.69 -32.86 4.12
CA THR B 67 15.33 -31.76 5.00
C THR B 67 16.33 -30.63 4.79
N HIS B 68 16.02 -29.48 5.36
CA HIS B 68 16.94 -28.34 5.29
C HIS B 68 18.24 -28.69 6.00
N PRO B 69 19.39 -28.37 5.42
CA PRO B 69 20.66 -28.78 6.05
C PRO B 69 20.86 -28.21 7.45
N TYR B 70 20.38 -27.00 7.71
CA TYR B 70 20.66 -26.36 8.99
C TYR B 70 19.73 -26.90 10.08
N ILE B 71 18.43 -26.96 9.81
CA ILE B 71 17.50 -27.60 10.76
C ILE B 71 17.45 -29.07 10.37
N ALA B 72 18.49 -29.79 10.75
CA ALA B 72 18.54 -31.24 10.79
C ALA B 72 19.23 -31.74 12.05
N SER B 73 19.92 -30.85 12.77
CA SER B 73 20.48 -31.20 14.06
C SER B 73 19.45 -31.68 15.07
N PRO B 74 18.23 -31.13 15.15
CA PRO B 74 17.24 -31.74 16.07
C PRO B 74 16.98 -33.20 15.77
N ILE B 75 16.78 -33.55 14.50
CA ILE B 75 16.57 -34.96 14.13
C ILE B 75 17.81 -35.77 14.45
N LEU B 76 18.99 -35.18 14.20
CA LEU B 76 20.24 -35.88 14.48
C LEU B 76 20.36 -36.21 15.97
N GLY B 77 20.06 -35.24 16.83
CA GLY B 77 20.14 -35.47 18.26
C GLY B 77 19.10 -36.46 18.76
N VAL B 78 17.89 -36.37 18.23
CA VAL B 78 16.84 -37.32 18.62
C VAL B 78 17.24 -38.74 18.22
N THR B 79 17.78 -38.90 17.01
CA THR B 79 18.24 -40.21 16.57
C THR B 79 19.41 -40.69 17.40
N LEU B 80 20.32 -39.79 17.76
CA LEU B 80 21.44 -40.17 18.63
C LEU B 80 20.94 -40.68 19.97
N ALA B 81 20.00 -39.96 20.58
CA ALA B 81 19.47 -40.39 21.86
C ALA B 81 18.75 -41.74 21.74
N LEU B 82 17.95 -41.91 20.69
CA LEU B 82 17.22 -43.16 20.50
C LEU B 82 18.18 -44.33 20.31
N GLU B 83 19.22 -44.15 19.48
CA GLU B 83 20.17 -45.23 19.24
C GLU B 83 20.98 -45.55 20.49
N GLU B 84 21.41 -44.51 21.22
CA GLU B 84 22.15 -44.74 22.46
C GLU B 84 21.28 -45.49 23.47
N GLU B 85 20.01 -45.13 23.58
CA GLU B 85 19.11 -45.83 24.49
C GLU B 85 18.89 -47.27 24.05
N ARG B 86 18.76 -47.50 22.74
CA ARG B 86 18.58 -48.86 22.25
C ARG B 86 19.80 -49.73 22.48
N ALA B 87 21.00 -49.14 22.41
CA ALA B 87 22.23 -49.92 22.54
C ALA B 87 22.30 -50.60 23.91
N ASN B 88 21.92 -49.90 24.97
CA ASN B 88 21.91 -50.46 26.33
C ASN B 88 20.47 -50.53 26.80
N GLY B 89 19.87 -51.71 26.70
CA GLY B 89 18.50 -51.89 27.14
C GLY B 89 17.68 -52.83 26.27
N ALA B 90 18.24 -53.24 25.13
CA ALA B 90 17.61 -54.18 24.21
C ALA B 90 16.24 -53.66 23.76
N GLU B 91 16.29 -52.54 23.04
CA GLU B 91 15.08 -51.89 22.56
C GLU B 91 15.10 -51.78 21.04
N VAL B 92 15.40 -52.89 20.36
CA VAL B 92 15.42 -52.91 18.91
C VAL B 92 14.06 -52.52 18.37
N ASP B 93 14.01 -51.42 17.63
CA ASP B 93 12.78 -50.96 16.99
C ASP B 93 12.87 -51.00 15.47
N ASP B 94 13.87 -50.30 14.89
CA ASP B 94 14.10 -50.21 13.45
C ASP B 94 12.98 -49.43 12.78
N VAL B 95 11.96 -49.04 13.54
CA VAL B 95 10.88 -48.23 13.02
C VAL B 95 10.62 -46.98 13.86
N ALA B 96 11.00 -46.97 15.14
CA ALA B 96 10.86 -45.75 15.93
C ALA B 96 11.77 -44.64 15.41
N ILE B 97 13.03 -44.99 15.10
CA ILE B 97 13.94 -44.00 14.53
C ILE B 97 13.46 -43.56 13.15
N GLN B 98 12.98 -44.50 12.33
CA GLN B 98 12.40 -44.12 11.04
C GLN B 98 11.13 -43.32 11.24
N GLY B 99 10.33 -43.68 12.25
CA GLY B 99 9.11 -42.93 12.52
C GLY B 99 9.39 -41.48 12.85
N VAL B 100 10.36 -41.24 13.74
CA VAL B 100 10.68 -39.85 14.09
C VAL B 100 11.34 -39.14 12.92
N LYS B 101 12.14 -39.85 12.11
CA LYS B 101 12.73 -39.22 10.94
C LYS B 101 11.67 -38.72 9.97
N VAL B 102 10.69 -39.57 9.64
CA VAL B 102 9.62 -39.13 8.75
C VAL B 102 8.76 -38.06 9.41
N GLY B 103 8.54 -38.16 10.73
CA GLY B 103 7.74 -37.15 11.41
C GLY B 103 8.37 -35.77 11.36
N MET B 104 9.69 -35.70 11.50
CA MET B 104 10.39 -34.42 11.49
C MET B 104 10.93 -34.03 10.12
N MET B 105 10.74 -34.88 9.11
CA MET B 105 11.19 -34.56 7.76
C MET B 105 10.48 -33.33 7.20
N GLY B 106 9.14 -33.34 7.25
CA GLY B 106 8.34 -32.35 6.57
C GLY B 106 8.32 -30.99 7.24
N PRO B 107 7.73 -30.91 8.44
CA PRO B 107 7.56 -29.60 9.09
C PRO B 107 8.87 -28.87 9.33
N LEU B 108 9.94 -29.59 9.68
CA LEU B 108 11.21 -28.91 9.91
C LEU B 108 11.76 -28.31 8.63
N ALA B 109 11.65 -29.02 7.52
CA ALA B 109 12.07 -28.45 6.23
C ALA B 109 11.21 -27.24 5.86
N GLY B 110 9.90 -27.36 6.08
CA GLY B 110 9.01 -26.26 5.74
C GLY B 110 9.21 -25.03 6.60
N VAL B 111 9.72 -25.22 7.82
CA VAL B 111 10.02 -24.08 8.69
C VAL B 111 11.45 -23.57 8.50
N GLY B 112 12.35 -24.39 7.94
CA GLY B 112 13.72 -23.97 7.75
C GLY B 112 13.98 -23.31 6.42
N ASP B 113 13.30 -23.74 5.36
CA ASP B 113 13.54 -23.16 4.04
C ASP B 113 13.24 -21.67 3.99
N PRO B 114 12.08 -21.17 4.40
CA PRO B 114 11.83 -19.72 4.26
C PRO B 114 12.66 -18.88 5.21
N VAL B 115 12.83 -19.34 6.45
CA VAL B 115 13.56 -18.55 7.43
C VAL B 115 15.02 -18.39 7.02
N PHE B 116 15.64 -19.46 6.53
CA PHE B 116 17.07 -19.44 6.22
C PHE B 116 17.32 -18.95 4.79
N TRP B 117 16.76 -19.64 3.80
CA TRP B 117 17.09 -19.32 2.41
C TRP B 117 16.42 -18.04 1.94
N PHE B 118 15.19 -17.79 2.38
CA PHE B 118 14.39 -16.69 1.85
C PHE B 118 14.16 -15.57 2.85
N THR B 119 14.59 -15.70 4.10
CA THR B 119 14.51 -14.58 5.03
C THR B 119 15.88 -14.10 5.50
N ILE B 120 16.69 -14.96 6.13
CA ILE B 120 17.97 -14.51 6.65
C ILE B 120 18.96 -14.24 5.53
N ARG B 121 19.04 -15.15 4.57
CA ARG B 121 20.01 -15.02 3.48
C ARG B 121 19.80 -13.76 2.65
N PRO B 122 18.59 -13.42 2.19
CA PRO B 122 18.46 -12.19 1.39
C PRO B 122 18.80 -10.93 2.16
N MET B 123 18.40 -10.81 3.43
CA MET B 123 18.76 -9.62 4.20
C MET B 123 20.25 -9.54 4.43
N LEU B 124 20.89 -10.65 4.78
CA LEU B 124 22.34 -10.62 4.98
C LEU B 124 23.06 -10.29 3.69
N GLY B 125 22.60 -10.85 2.57
CA GLY B 125 23.21 -10.55 1.29
C GLY B 125 23.05 -9.09 0.89
N ALA B 126 21.87 -8.52 1.11
CA ALA B 126 21.66 -7.11 0.79
C ALA B 126 22.52 -6.21 1.67
N LEU B 127 22.59 -6.52 2.98
CA LEU B 127 23.43 -5.71 3.87
C LEU B 127 24.89 -5.80 3.49
N GLY B 128 25.36 -7.00 3.14
CA GLY B 128 26.74 -7.14 2.70
C GLY B 128 27.01 -6.45 1.37
N ALA B 129 26.05 -6.51 0.44
CA ALA B 129 26.25 -5.92 -0.87
C ALA B 129 26.19 -4.41 -0.83
N SER B 130 25.45 -3.83 0.12
CA SER B 130 25.42 -2.37 0.23
C SER B 130 26.80 -1.82 0.53
N LEU B 131 27.54 -2.45 1.43
CA LEU B 131 28.92 -2.06 1.68
C LEU B 131 29.86 -2.55 0.58
N ALA B 132 29.56 -3.70 -0.02
CA ALA B 132 30.37 -4.20 -1.12
C ALA B 132 30.25 -3.29 -2.34
N LEU B 133 29.04 -2.77 -2.61
CA LEU B 133 28.87 -1.84 -3.70
C LEU B 133 29.58 -0.52 -3.45
N SER B 134 29.94 -0.23 -2.21
CA SER B 134 30.72 0.96 -1.87
C SER B 134 32.21 0.70 -1.84
N GLY B 135 32.66 -0.50 -2.18
CA GLY B 135 34.06 -0.84 -2.14
C GLY B 135 34.58 -1.28 -0.79
N ASN B 136 33.74 -1.30 0.23
CA ASN B 136 34.15 -1.65 1.58
C ASN B 136 34.12 -3.18 1.73
N ILE B 137 35.28 -3.77 2.01
CA ILE B 137 35.37 -5.21 2.23
C ILE B 137 34.64 -5.66 3.48
N LEU B 138 34.21 -4.73 4.33
CA LEU B 138 33.47 -5.08 5.53
C LEU B 138 32.14 -5.75 5.20
N GLY B 139 31.61 -5.54 4.00
CA GLY B 139 30.36 -6.15 3.59
C GLY B 139 30.43 -7.66 3.52
N PRO B 140 31.27 -8.19 2.61
CA PRO B 140 31.44 -9.65 2.55
C PRO B 140 31.94 -10.26 3.85
N ILE B 141 32.83 -9.57 4.57
CA ILE B 141 33.34 -10.11 5.82
C ILE B 141 32.21 -10.24 6.85
N LEU B 142 31.40 -9.19 6.97
CA LEU B 142 30.26 -9.23 7.89
C LEU B 142 29.27 -10.30 7.49
N PHE B 143 28.98 -10.41 6.19
CA PHE B 143 28.06 -11.45 5.72
C PHE B 143 28.56 -12.83 6.10
N PHE B 144 29.83 -13.13 5.78
CA PHE B 144 30.42 -14.43 6.08
C PHE B 144 30.36 -14.72 7.57
N VAL B 145 30.84 -13.77 8.39
CA VAL B 145 30.95 -14.02 9.83
C VAL B 145 29.58 -14.21 10.44
N ALA B 146 28.64 -13.31 10.14
CA ALA B 146 27.31 -13.39 10.73
C ALA B 146 26.61 -14.68 10.31
N TRP B 147 26.65 -15.01 9.01
CA TRP B 147 25.96 -16.20 8.54
C TRP B 147 26.53 -17.46 9.18
N ASN B 148 27.86 -17.57 9.25
CA ASN B 148 28.45 -18.79 9.79
C ASN B 148 28.25 -18.89 11.29
N VAL B 149 28.32 -17.76 12.00
CA VAL B 149 28.06 -17.78 13.44
C VAL B 149 26.63 -18.23 13.70
N ILE B 150 25.66 -17.66 12.97
CA ILE B 150 24.27 -18.02 13.15
C ILE B 150 24.06 -19.50 12.83
N ARG B 151 24.64 -19.97 11.72
CA ARG B 151 24.46 -21.35 11.30
C ARG B 151 25.01 -22.32 12.33
N TRP B 152 26.28 -22.14 12.73
CA TRP B 152 26.89 -23.08 13.66
C TRP B 152 26.20 -23.04 15.03
N GLY B 153 25.86 -21.84 15.51
CA GLY B 153 25.14 -21.75 16.77
C GLY B 153 23.81 -22.47 16.72
N PHE B 154 23.06 -22.27 15.64
CA PHE B 154 21.76 -22.95 15.51
C PHE B 154 21.94 -24.46 15.49
N MET B 155 22.88 -24.95 14.68
CA MET B 155 23.08 -26.40 14.59
C MET B 155 23.47 -26.98 15.95
N TRP B 156 24.45 -26.39 16.63
CA TRP B 156 24.89 -26.96 17.89
C TRP B 156 23.80 -26.90 18.95
N TYR B 157 23.13 -25.74 19.08
CA TYR B 157 22.09 -25.60 20.09
C TYR B 157 20.95 -26.57 19.84
N THR B 158 20.49 -26.67 18.59
CA THR B 158 19.37 -27.55 18.28
C THR B 158 19.75 -29.02 18.45
N GLN B 159 20.97 -29.39 18.08
CA GLN B 159 21.40 -30.77 18.27
C GLN B 159 21.45 -31.13 19.76
N GLU B 160 22.00 -30.24 20.58
CA GLU B 160 22.06 -30.51 22.00
C GLU B 160 20.66 -30.60 22.62
N PHE B 161 19.77 -29.69 22.20
CA PHE B 161 18.40 -29.74 22.71
C PHE B 161 17.70 -31.03 22.30
N GLY B 162 17.86 -31.45 21.04
CA GLY B 162 17.26 -32.69 20.60
C GLY B 162 17.80 -33.92 21.27
N TYR B 163 19.11 -33.94 21.55
CA TYR B 163 19.69 -35.05 22.30
C TYR B 163 19.15 -35.08 23.73
N LYS B 164 19.00 -33.90 24.35
CA LYS B 164 18.47 -33.85 25.70
C LYS B 164 17.04 -34.38 25.76
N ALA B 165 16.19 -33.93 24.84
CA ALA B 165 14.81 -34.42 24.77
C ALA B 165 14.73 -35.62 23.84
N GLY B 166 15.22 -36.77 24.29
CA GLY B 166 15.26 -37.96 23.47
C GLY B 166 13.92 -38.40 22.92
N SER B 167 13.02 -38.83 23.80
CA SER B 167 11.66 -39.21 23.40
C SER B 167 10.63 -38.15 23.74
N LYS B 168 11.04 -37.08 24.41
CA LYS B 168 10.14 -36.00 24.79
C LYS B 168 10.11 -34.86 23.76
N ILE B 169 10.79 -35.05 22.63
CA ILE B 169 10.82 -34.01 21.60
C ILE B 169 9.42 -33.76 21.06
N THR B 170 8.65 -34.82 20.85
CA THR B 170 7.32 -34.71 20.28
C THR B 170 6.30 -34.33 21.34
N ASP B 171 6.76 -34.00 22.56
CA ASP B 171 5.86 -33.59 23.62
C ASP B 171 6.21 -32.20 24.15
N ASP B 172 7.50 -31.93 24.32
CA ASP B 172 7.91 -30.60 24.78
C ASP B 172 7.70 -29.56 23.68
N LEU B 173 7.85 -29.96 22.42
CA LEU B 173 7.54 -29.13 21.26
C LEU B 173 6.56 -29.92 20.39
N SER B 174 5.28 -29.79 20.69
CA SER B 174 4.23 -30.40 19.88
C SER B 174 3.13 -29.42 19.49
N GLY B 175 2.75 -28.53 20.40
CA GLY B 175 1.69 -27.58 20.12
C GLY B 175 1.95 -26.21 20.72
N GLY B 176 3.13 -26.03 21.30
CA GLY B 176 3.47 -24.78 21.95
C GLY B 176 4.24 -23.85 21.04
N LEU B 177 5.52 -23.64 21.33
CA LEU B 177 6.33 -22.77 20.48
C LEU B 177 6.81 -23.48 19.22
N LEU B 178 6.30 -24.66 18.90
CA LEU B 178 6.48 -25.21 17.56
C LEU B 178 5.41 -24.69 16.61
N GLN B 179 4.14 -24.82 17.00
CA GLN B 179 3.06 -24.30 16.18
C GLN B 179 3.14 -22.78 16.04
N ASP B 180 3.62 -22.09 17.07
CA ASP B 180 3.80 -20.65 16.97
C ASP B 180 4.93 -20.30 16.01
N ILE B 181 6.08 -20.97 16.15
CA ILE B 181 7.18 -20.77 15.23
C ILE B 181 6.78 -21.17 13.81
N THR B 182 6.09 -22.29 13.68
CA THR B 182 5.64 -22.74 12.37
C THR B 182 4.71 -21.72 11.72
N LYS B 183 3.76 -21.19 12.49
CA LYS B 183 2.81 -20.23 11.95
C LYS B 183 3.49 -18.92 11.57
N GLY B 184 4.37 -18.41 12.44
CA GLY B 184 5.07 -17.17 12.12
C GLY B 184 5.97 -17.32 10.91
N ALA B 185 6.70 -18.43 10.83
CA ALA B 185 7.55 -18.68 9.68
C ALA B 185 6.73 -18.85 8.42
N SER B 186 5.56 -19.49 8.51
CA SER B 186 4.70 -19.63 7.35
C SER B 186 4.19 -18.27 6.86
N ILE B 187 3.79 -17.40 7.78
CA ILE B 187 3.31 -16.07 7.39
C ILE B 187 4.42 -15.28 6.72
N LEU B 188 5.59 -15.23 7.37
CA LEU B 188 6.71 -14.48 6.82
C LEU B 188 7.15 -15.05 5.47
N GLY B 189 7.21 -16.38 5.37
CA GLY B 189 7.61 -17.00 4.13
C GLY B 189 6.63 -16.76 3.01
N MET B 190 5.33 -16.81 3.30
CA MET B 190 4.34 -16.52 2.27
C MET B 190 4.46 -15.08 1.79
N PHE B 191 4.64 -14.13 2.72
CA PHE B 191 4.81 -12.74 2.32
C PHE B 191 6.04 -12.56 1.42
N VAL B 192 7.20 -13.05 1.88
CA VAL B 192 8.44 -12.84 1.14
C VAL B 192 8.41 -13.62 -0.17
N LEU B 193 7.79 -14.79 -0.19
CA LEU B 193 7.73 -15.59 -1.41
C LEU B 193 6.80 -14.97 -2.44
N ALA B 194 5.70 -14.35 -2.00
CA ALA B 194 4.88 -13.61 -2.95
C ALA B 194 5.65 -12.45 -3.54
N ALA B 195 6.39 -11.72 -2.70
CA ALA B 195 7.22 -10.64 -3.22
C ALA B 195 8.25 -11.14 -4.21
N LEU B 196 8.89 -12.28 -3.90
CA LEU B 196 9.91 -12.84 -4.77
C LEU B 196 9.32 -13.35 -6.08
N VAL B 197 8.11 -13.91 -6.03
CA VAL B 197 7.43 -14.33 -7.26
C VAL B 197 7.12 -13.12 -8.12
N GLN B 198 6.68 -12.02 -7.50
CA GLN B 198 6.38 -10.81 -8.26
C GLN B 198 7.63 -10.23 -8.91
N ARG B 199 8.75 -10.19 -8.18
CA ARG B 199 9.91 -9.43 -8.63
C ARG B 199 10.95 -10.25 -9.38
N TRP B 200 11.14 -11.52 -9.03
CA TRP B 200 12.25 -12.31 -9.53
C TRP B 200 11.90 -13.19 -10.72
N VAL B 201 10.63 -13.25 -11.11
CA VAL B 201 10.19 -14.08 -12.24
C VAL B 201 9.81 -13.13 -13.37
N ASN B 202 10.49 -13.26 -14.51
CA ASN B 202 10.31 -12.37 -15.65
C ASN B 202 9.74 -13.17 -16.81
N ILE B 203 8.46 -12.94 -17.11
CA ILE B 203 7.80 -13.57 -18.24
C ILE B 203 7.24 -12.49 -19.17
N GLN B 204 7.95 -11.37 -19.26
CA GLN B 204 7.50 -10.24 -20.05
C GLN B 204 7.26 -10.64 -21.50
N PHE B 205 6.00 -10.58 -21.93
CA PHE B 205 5.63 -10.90 -23.30
C PHE B 205 6.05 -9.79 -24.24
N ALA B 206 6.04 -10.09 -25.54
CA ALA B 206 6.31 -9.04 -26.51
C ALA B 206 5.53 -9.18 -27.81
N PRO B 207 4.20 -9.31 -27.79
CA PRO B 207 3.41 -9.03 -29.00
C PRO B 207 2.89 -7.59 -28.99
N ILE B 208 2.60 -7.10 -30.18
CA ILE B 208 2.10 -5.74 -30.37
C ILE B 208 0.59 -5.83 -30.57
N ILE B 209 -0.16 -5.28 -29.62
CA ILE B 209 -1.61 -5.34 -29.70
C ILE B 209 -2.13 -4.46 -30.84
N SER B 210 -1.67 -3.21 -30.91
CA SER B 210 -2.17 -2.28 -31.90
C SER B 210 -1.23 -1.09 -31.99
N LYS B 211 -1.32 -0.40 -33.13
CA LYS B 211 -0.57 0.84 -33.39
C LYS B 211 -1.56 1.84 -33.99
N VAL B 212 -2.19 2.64 -33.14
CA VAL B 212 -3.21 3.58 -33.57
C VAL B 212 -2.57 4.94 -33.81
N LYS B 213 -3.24 5.77 -34.61
CA LYS B 213 -2.78 7.12 -34.92
C LYS B 213 -3.61 8.12 -34.12
N LEU B 214 -2.95 9.06 -33.47
CA LEU B 214 -3.61 9.99 -32.58
C LEU B 214 -4.05 11.25 -33.33
N ASP B 215 -5.05 11.92 -32.78
CA ASP B 215 -5.56 13.16 -33.34
C ASP B 215 -4.61 14.32 -33.04
N GLU B 216 -4.85 15.45 -33.71
CA GLU B 216 -3.96 16.61 -33.62
C GLU B 216 -4.22 17.37 -32.31
N GLY B 217 -4.14 16.62 -31.21
CA GLY B 217 -4.15 17.21 -29.89
C GLY B 217 -3.30 16.44 -28.91
N ALA B 218 -2.57 15.44 -29.39
CA ALA B 218 -1.87 14.50 -28.54
C ALA B 218 -0.37 14.49 -28.75
N TYR B 219 0.09 14.37 -29.99
CA TYR B 219 1.53 14.26 -30.23
C TYR B 219 2.20 15.62 -30.21
N ILE B 220 3.52 15.61 -30.03
CA ILE B 220 4.27 16.85 -29.85
C ILE B 220 4.33 17.64 -31.15
N ASP B 221 4.20 16.95 -32.28
CA ASP B 221 4.25 17.59 -33.60
C ASP B 221 5.59 18.30 -33.78
N TRP B 222 6.66 17.52 -33.92
CA TRP B 222 8.02 18.05 -33.96
C TRP B 222 8.35 18.70 -35.30
N SER B 223 7.35 19.04 -36.11
CA SER B 223 7.60 19.76 -37.36
C SER B 223 7.23 21.23 -37.28
N HIS B 224 6.36 21.62 -36.36
CA HIS B 224 5.99 23.03 -36.18
C HIS B 224 6.50 23.56 -34.84
N LEU B 225 7.49 22.88 -34.26
CA LEU B 225 8.10 23.30 -33.01
C LEU B 225 8.95 24.55 -33.25
N PRO B 226 9.10 25.39 -32.23
CA PRO B 226 10.01 26.54 -32.37
C PRO B 226 11.45 26.09 -32.52
N GLN B 227 12.26 26.96 -33.10
CA GLN B 227 13.64 26.64 -33.44
C GLN B 227 14.60 27.17 -32.38
N GLY B 228 15.58 26.35 -32.04
CA GLY B 228 16.60 26.73 -31.09
C GLY B 228 16.35 26.22 -29.69
N ALA B 229 16.83 26.96 -28.68
CA ALA B 229 16.61 26.56 -27.29
C ALA B 229 15.13 26.62 -26.93
N GLN B 230 14.36 27.46 -27.61
CA GLN B 230 12.94 27.56 -27.33
C GLN B 230 12.22 26.26 -27.67
N GLY B 231 12.66 25.58 -28.73
CA GLY B 231 12.06 24.30 -29.09
C GLY B 231 12.24 23.24 -28.02
N ILE B 232 13.43 23.16 -27.42
CA ILE B 232 13.65 22.20 -26.35
C ILE B 232 12.73 22.50 -25.17
N LYS B 233 12.60 23.77 -24.80
CA LYS B 233 11.71 24.14 -23.70
C LYS B 233 10.26 23.77 -24.01
N THR B 234 9.80 24.08 -25.23
CA THR B 234 8.42 23.79 -25.61
C THR B 234 8.16 22.29 -25.58
N ALA B 235 9.08 21.50 -26.14
CA ALA B 235 8.92 20.06 -26.14
C ALA B 235 8.91 19.51 -24.72
N LEU B 236 9.79 20.04 -23.86
CA LEU B 236 9.87 19.53 -22.49
C LEU B 236 8.58 19.80 -21.72
N GLN B 237 8.04 21.02 -21.80
CA GLN B 237 6.80 21.26 -21.08
C GLN B 237 5.61 20.59 -21.73
N GLN B 238 5.62 20.39 -23.06
CA GLN B 238 4.55 19.64 -23.69
C GLN B 238 4.55 18.18 -23.22
N GLN B 239 5.73 17.57 -23.11
CA GLN B 239 5.82 16.23 -22.56
C GLN B 239 5.39 16.19 -21.12
N GLN B 240 5.79 17.20 -20.33
CA GLN B 240 5.39 17.24 -18.93
C GLN B 240 3.89 17.38 -18.77
N ALA B 241 3.24 18.09 -19.69
CA ALA B 241 1.78 18.23 -19.63
C ALA B 241 1.08 16.89 -19.78
N GLY B 242 1.60 16.03 -20.66
CA GLY B 242 1.01 14.72 -20.88
C GLY B 242 0.87 14.38 -22.34
N LEU B 243 1.40 15.24 -23.21
CA LEU B 243 1.30 15.02 -24.64
C LEU B 243 2.11 13.79 -25.04
N ALA B 244 1.57 13.01 -25.97
CA ALA B 244 2.24 11.80 -26.43
C ALA B 244 3.52 12.16 -27.19
N LEU B 245 4.55 11.34 -27.00
CA LEU B 245 5.84 11.61 -27.62
C LEU B 245 5.84 11.30 -29.12
N SER B 246 4.93 10.44 -29.58
CA SER B 246 4.89 10.02 -30.97
C SER B 246 3.47 10.09 -31.50
N GLU B 247 3.36 10.25 -32.83
CA GLU B 247 2.05 10.28 -33.47
C GLU B 247 1.33 8.94 -33.35
N ILE B 248 2.09 7.85 -33.25
CA ILE B 248 1.54 6.50 -33.16
C ILE B 248 1.64 6.04 -31.71
N LYS B 249 0.52 5.55 -31.17
CA LYS B 249 0.45 5.08 -29.79
C LYS B 249 0.48 3.56 -29.81
N VAL B 250 1.67 3.00 -29.69
CA VAL B 250 1.84 1.55 -29.73
C VAL B 250 1.44 0.96 -28.38
N THR B 251 0.57 -0.03 -28.41
CA THR B 251 0.12 -0.75 -27.22
C THR B 251 0.50 -2.22 -27.34
N THR B 252 1.06 -2.77 -26.28
CA THR B 252 1.52 -4.16 -26.27
C THR B 252 0.64 -4.98 -25.34
N LEU B 253 0.81 -6.31 -25.43
CA LEU B 253 0.08 -7.21 -24.55
C LEU B 253 0.55 -7.06 -23.10
N GLN B 254 1.84 -6.78 -22.89
CA GLN B 254 2.34 -6.61 -21.54
C GLN B 254 1.69 -5.43 -20.84
N ASN B 255 1.46 -4.33 -21.58
CA ASN B 255 0.79 -3.17 -20.99
C ASN B 255 -0.63 -3.51 -20.55
N ASN B 256 -1.37 -4.23 -21.40
CA ASN B 256 -2.74 -4.61 -21.04
C ASN B 256 -2.75 -5.58 -19.87
N LEU B 257 -1.77 -6.49 -19.81
CA LEU B 257 -1.70 -7.40 -18.67
C LEU B 257 -1.37 -6.65 -17.38
N ASP B 258 -0.46 -5.67 -17.46
CA ASP B 258 -0.11 -4.89 -16.28
C ASP B 258 -1.26 -3.99 -15.84
N ASN B 259 -2.13 -3.59 -16.78
CA ASN B 259 -3.28 -2.77 -16.42
C ASN B 259 -4.23 -3.51 -15.49
N LEU B 260 -4.21 -4.84 -15.52
CA LEU B 260 -4.99 -5.62 -14.55
C LEU B 260 -4.26 -5.69 -13.22
N ILE B 261 -3.08 -6.30 -13.21
CA ILE B 261 -2.20 -6.32 -12.06
C ILE B 261 -0.81 -6.76 -12.52
N PRO B 262 0.25 -6.05 -12.16
CA PRO B 262 1.59 -6.47 -12.57
C PRO B 262 1.96 -7.83 -12.00
N GLY B 263 2.74 -8.58 -12.76
CA GLY B 263 3.15 -9.91 -12.34
C GLY B 263 2.08 -10.98 -12.47
N LEU B 264 1.08 -10.75 -13.32
CA LEU B 264 0.04 -11.76 -13.51
C LEU B 264 0.60 -13.03 -14.12
N ALA B 265 1.47 -12.91 -15.12
CA ALA B 265 2.07 -14.08 -15.74
C ALA B 265 2.94 -14.84 -14.75
N ALA B 266 3.65 -14.12 -13.88
CA ALA B 266 4.51 -14.78 -12.90
C ALA B 266 3.70 -15.64 -11.95
N VAL B 267 2.62 -15.08 -11.40
CA VAL B 267 1.80 -15.84 -10.45
C VAL B 267 1.08 -16.97 -11.16
N ALA B 268 0.67 -16.76 -12.41
CA ALA B 268 0.03 -17.85 -13.16
C ALA B 268 0.99 -19.01 -13.39
N LEU B 269 2.24 -18.70 -13.77
CA LEU B 269 3.23 -19.75 -13.97
C LEU B 269 3.56 -20.45 -12.66
N THR B 270 3.65 -19.69 -11.57
CA THR B 270 3.92 -20.30 -10.28
C THR B 270 2.80 -21.24 -9.86
N PHE B 271 1.54 -20.85 -10.09
CA PHE B 271 0.42 -21.71 -9.75
C PHE B 271 0.39 -22.95 -10.65
N LEU B 272 0.75 -22.79 -11.92
CA LEU B 272 0.85 -23.95 -12.81
C LEU B 272 1.92 -24.92 -12.32
N CYS B 273 3.06 -24.40 -11.89
CA CYS B 273 4.12 -25.25 -11.35
C CYS B 273 3.65 -25.93 -10.06
N MET B 274 2.91 -25.22 -9.22
CA MET B 274 2.34 -25.83 -8.02
C MET B 274 1.44 -27.00 -8.37
N TRP B 275 0.53 -26.80 -9.33
CA TRP B 275 -0.38 -27.85 -9.72
C TRP B 275 0.37 -29.04 -10.30
N LEU B 276 1.38 -28.78 -11.12
CA LEU B 276 2.18 -29.87 -11.69
C LEU B 276 2.90 -30.65 -10.60
N LEU B 277 3.47 -29.94 -9.61
CA LEU B 277 4.17 -30.62 -8.52
C LEU B 277 3.21 -31.46 -7.68
N LYS B 278 2.00 -30.95 -7.44
CA LYS B 278 1.02 -31.71 -6.66
C LYS B 278 0.60 -32.98 -7.38
N LYS B 279 0.80 -33.07 -8.69
CA LYS B 279 0.52 -34.29 -9.44
C LYS B 279 1.66 -35.29 -9.42
N LYS B 280 2.62 -35.11 -8.51
CA LYS B 280 3.77 -35.99 -8.36
C LYS B 280 4.60 -36.05 -9.64
N ILE B 281 5.00 -34.88 -10.12
CA ILE B 281 5.91 -34.73 -11.24
C ILE B 281 7.21 -34.14 -10.70
N SER B 282 8.32 -34.81 -10.99
CA SER B 282 9.59 -34.37 -10.44
C SER B 282 9.98 -33.01 -10.99
N PRO B 283 10.62 -32.17 -10.17
CA PRO B 283 10.95 -30.80 -10.61
C PRO B 283 11.91 -30.74 -11.80
N ILE B 284 12.66 -31.82 -12.07
CA ILE B 284 13.57 -31.80 -13.21
C ILE B 284 12.80 -31.66 -14.51
N ILE B 285 11.71 -32.41 -14.66
CA ILE B 285 10.88 -32.31 -15.84
C ILE B 285 10.28 -30.92 -15.96
N ILE B 286 9.88 -30.33 -14.83
CA ILE B 286 9.29 -29.00 -14.88
C ILE B 286 10.31 -27.96 -15.31
N ILE B 287 11.54 -28.06 -14.81
CA ILE B 287 12.59 -27.11 -15.21
C ILE B 287 12.92 -27.25 -16.69
N LEU B 288 13.07 -28.50 -17.15
CA LEU B 288 13.35 -28.71 -18.57
C LEU B 288 12.21 -28.20 -19.44
N GLY B 289 10.97 -28.42 -18.99
CA GLY B 289 9.83 -27.88 -19.72
C GLY B 289 9.80 -26.37 -19.72
N LEU B 290 10.22 -25.74 -18.62
CA LEU B 290 10.30 -24.28 -18.60
C LEU B 290 11.30 -23.78 -19.62
N PHE B 291 12.45 -24.43 -19.72
CA PHE B 291 13.42 -24.06 -20.75
C PHE B 291 12.84 -24.27 -22.15
N VAL B 292 12.12 -25.38 -22.35
CA VAL B 292 11.53 -25.68 -23.65
C VAL B 292 10.52 -24.62 -24.05
N VAL B 293 9.63 -24.25 -23.12
CA VAL B 293 8.62 -23.25 -23.44
C VAL B 293 9.25 -21.87 -23.60
N GLY B 294 10.36 -21.59 -22.91
CA GLY B 294 11.06 -20.34 -23.18
C GLY B 294 11.58 -20.29 -24.60
N ILE B 295 12.22 -21.38 -25.05
CA ILE B 295 12.75 -21.44 -26.40
C ILE B 295 11.62 -21.32 -27.42
N VAL B 296 10.53 -22.05 -27.20
CA VAL B 296 9.42 -22.04 -28.15
C VAL B 296 8.74 -20.67 -28.18
N GLY B 297 8.48 -20.08 -27.00
CA GLY B 297 7.85 -18.78 -26.96
C GLY B 297 8.67 -17.70 -27.63
N HIS B 298 10.00 -17.78 -27.52
CA HIS B 298 10.81 -16.87 -28.30
C HIS B 298 10.77 -17.22 -29.79
N LEU B 299 10.58 -18.50 -30.12
CA LEU B 299 10.53 -18.89 -31.52
C LEU B 299 9.26 -18.37 -32.20
N ILE B 300 8.12 -18.44 -31.51
CA ILE B 300 6.86 -18.00 -32.09
C ILE B 300 6.59 -16.53 -31.84
N GLY B 301 7.49 -15.82 -31.18
CA GLY B 301 7.32 -14.41 -30.91
C GLY B 301 6.45 -14.08 -29.72
N LEU B 302 5.93 -15.09 -29.02
CA LEU B 302 5.08 -14.82 -27.86
C LEU B 302 5.88 -14.16 -26.73
N LEU B 303 7.10 -14.62 -26.51
CA LEU B 303 7.93 -14.08 -25.43
C LEU B 303 9.11 -13.29 -25.98
N MET C 1 6.42 50.07 9.02
CA MET C 1 7.38 51.17 8.94
C MET C 1 7.09 52.23 10.00
N SER C 2 5.81 52.45 10.27
CA SER C 2 5.43 53.41 11.29
C SER C 2 5.82 52.90 12.68
N VAL C 3 5.93 53.84 13.62
CA VAL C 3 6.34 53.47 14.98
C VAL C 3 5.28 52.58 15.63
N ILE C 4 4.02 52.75 15.28
CA ILE C 4 2.98 51.86 15.78
C ILE C 4 3.22 50.44 15.28
N SER C 5 3.61 50.30 14.02
CA SER C 5 3.92 49.00 13.47
C SER C 5 5.12 48.36 14.18
N ILE C 6 6.13 49.17 14.50
CA ILE C 6 7.29 48.64 15.22
C ILE C 6 6.89 48.16 16.60
N ILE C 7 6.07 48.94 17.31
CA ILE C 7 5.61 48.52 18.63
C ILE C 7 4.81 47.24 18.52
N LEU C 8 3.93 47.14 17.51
CA LEU C 8 3.11 45.95 17.36
C LEU C 8 3.94 44.71 17.05
N VAL C 9 4.95 44.84 16.17
CA VAL C 9 5.76 43.68 15.83
C VAL C 9 6.62 43.26 17.02
N VAL C 10 7.12 44.23 17.79
CA VAL C 10 7.87 43.88 19.00
C VAL C 10 6.95 43.16 19.99
N LEU C 11 5.71 43.63 20.13
CA LEU C 11 4.77 43.01 21.05
C LEU C 11 4.44 41.57 20.63
N ILE C 12 4.20 41.35 19.34
CA ILE C 12 3.86 40.00 18.91
C ILE C 12 5.08 39.09 18.95
N ALA C 13 6.28 39.63 18.75
CA ALA C 13 7.49 38.84 18.96
C ALA C 13 7.64 38.43 20.41
N PHE C 14 7.33 39.35 21.34
CA PHE C 14 7.35 39.02 22.76
C PHE C 14 6.33 37.94 23.10
N LEU C 15 5.13 38.03 22.52
CA LEU C 15 4.11 37.01 22.73
C LEU C 15 4.56 35.66 22.20
N ALA C 16 5.19 35.65 21.02
CA ALA C 16 5.72 34.41 20.46
C ALA C 16 6.81 33.84 21.35
N GLY C 17 7.66 34.70 21.91
CA GLY C 17 8.69 34.22 22.81
C GLY C 17 8.11 33.61 24.07
N ILE C 18 7.05 34.21 24.61
CA ILE C 18 6.38 33.63 25.78
C ILE C 18 5.79 32.27 25.42
N GLU C 19 5.06 32.20 24.31
CA GLU C 19 4.39 30.96 23.94
C GLU C 19 5.36 29.89 23.44
N GLY C 20 6.61 30.26 23.13
CA GLY C 20 7.58 29.25 22.76
C GLY C 20 7.84 28.25 23.88
N ILE C 21 7.88 28.74 25.12
CA ILE C 21 8.03 27.85 26.27
C ILE C 21 6.71 27.56 26.96
N LEU C 22 5.72 28.45 26.84
CA LEU C 22 4.40 28.13 27.39
C LEU C 22 3.76 26.98 26.63
N ASP C 23 3.83 27.02 25.30
CA ASP C 23 3.36 25.93 24.43
C ASP C 23 1.87 25.66 24.63
N GLU C 24 1.09 26.71 24.88
CA GLU C 24 -0.34 26.58 25.13
C GLU C 24 -1.18 27.21 24.03
N PHE C 25 -0.99 28.49 23.75
CA PHE C 25 -1.77 29.20 22.75
C PHE C 25 -1.20 29.06 21.34
N GLN C 26 0.01 28.51 21.21
CA GLN C 26 0.66 28.31 19.91
C GLN C 26 0.86 29.61 19.16
N PHE C 27 1.06 30.72 19.88
CA PHE C 27 1.42 31.98 19.24
C PHE C 27 2.80 31.91 18.60
N HIS C 28 3.63 30.95 19.02
CA HIS C 28 4.97 30.78 18.46
C HIS C 28 4.97 29.98 17.16
N GLN C 29 3.88 29.29 16.84
CA GLN C 29 3.83 28.54 15.60
C GLN C 29 3.86 29.49 14.41
N PRO C 30 4.55 29.11 13.33
CA PRO C 30 4.62 30.01 12.16
C PRO C 30 3.26 30.37 11.60
N LEU C 31 2.31 29.43 11.62
CA LEU C 31 0.98 29.66 11.08
C LEU C 31 0.26 30.82 11.77
N ILE C 32 0.66 31.17 12.98
CA ILE C 32 0.05 32.28 13.70
C ILE C 32 0.98 33.49 13.75
N ALA C 33 2.27 33.26 14.07
CA ALA C 33 3.21 34.37 14.20
C ALA C 33 3.40 35.09 12.88
N CYS C 34 3.56 34.35 11.78
CA CYS C 34 3.80 35.00 10.50
C CYS C 34 2.61 35.83 10.05
N THR C 35 1.40 35.29 10.19
CA THR C 35 0.21 36.04 9.83
C THR C 35 0.00 37.23 10.74
N LEU C 36 0.28 37.11 12.04
CA LEU C 36 0.16 38.25 12.93
C LEU C 36 1.15 39.35 12.56
N ILE C 37 2.38 38.98 12.19
CA ILE C 37 3.36 39.96 11.77
C ILE C 37 2.89 40.66 10.50
N GLY C 38 2.40 39.88 9.53
CA GLY C 38 1.94 40.46 8.29
C GLY C 38 0.73 41.36 8.44
N LEU C 39 -0.17 41.02 9.37
CA LEU C 39 -1.39 41.79 9.56
C LEU C 39 -1.10 43.21 10.01
N VAL C 40 -0.14 43.39 10.91
CA VAL C 40 0.17 44.70 11.46
C VAL C 40 1.22 45.46 10.66
N THR C 41 1.77 44.86 9.61
CA THR C 41 2.80 45.49 8.79
C THR C 41 2.32 45.79 7.37
N GLY C 42 1.02 45.78 7.14
CA GLY C 42 0.52 45.97 5.80
C GLY C 42 0.27 44.67 5.06
N ASN C 43 1.26 44.23 4.28
CA ASN C 43 1.15 43.01 3.49
C ASN C 43 0.73 41.82 4.34
N LEU C 44 -0.45 41.27 4.08
CA LEU C 44 -1.01 40.17 4.86
C LEU C 44 -1.03 38.87 4.07
N THR C 45 -1.51 38.90 2.83
CA THR C 45 -1.53 37.69 2.01
C THR C 45 -0.14 37.18 1.68
N ALA C 46 0.86 38.07 1.66
CA ALA C 46 2.23 37.66 1.41
C ALA C 46 2.85 36.95 2.61
N CYS C 47 2.31 37.15 3.81
CA CYS C 47 2.81 36.50 5.01
C CYS C 47 2.05 35.25 5.39
N ILE C 48 0.77 35.15 5.00
CA ILE C 48 0.01 33.93 5.29
C ILE C 48 0.60 32.73 4.55
N ILE C 49 1.00 32.93 3.29
CA ILE C 49 1.61 31.85 2.53
C ILE C 49 2.95 31.45 3.13
N LEU C 50 3.75 32.43 3.57
CA LEU C 50 5.02 32.13 4.22
C LEU C 50 4.79 31.34 5.51
N GLY C 51 3.80 31.75 6.30
CA GLY C 51 3.47 30.99 7.49
C GLY C 51 3.03 29.57 7.17
N GLY C 52 2.26 29.40 6.10
CA GLY C 52 1.82 28.08 5.72
C GLY C 52 2.96 27.17 5.33
N THR C 53 3.89 27.67 4.50
CA THR C 53 5.01 26.83 4.08
C THR C 53 5.96 26.55 5.25
N LEU C 54 6.18 27.53 6.12
CA LEU C 54 7.01 27.29 7.29
C LEU C 54 6.37 26.27 8.22
N GLN C 55 5.04 26.34 8.40
CA GLN C 55 4.35 25.36 9.21
C GLN C 55 4.44 23.97 8.59
N MET C 56 4.39 23.89 7.26
CA MET C 56 4.67 22.63 6.58
C MET C 56 6.06 22.13 6.93
N ILE C 57 7.04 23.02 6.95
CA ILE C 57 8.40 22.61 7.32
C ILE C 57 8.48 22.30 8.81
N ALA C 58 7.80 23.09 9.64
CA ALA C 58 7.96 23.01 11.10
C ALA C 58 7.06 21.96 11.75
N LEU C 59 6.48 21.05 10.98
CA LEU C 59 5.75 19.95 11.59
C LEU C 59 6.71 18.98 12.27
N GLY C 60 6.26 18.38 13.36
CA GLY C 60 7.09 17.46 14.10
C GLY C 60 8.30 18.13 14.73
N TRP C 61 8.08 19.28 15.37
CA TRP C 61 9.13 20.07 16.01
C TRP C 61 8.77 20.34 17.46
N ALA C 62 8.38 19.29 18.18
CA ALA C 62 7.93 19.42 19.57
C ALA C 62 9.08 19.28 20.54
N ASN C 63 8.91 19.89 21.71
CA ASN C 63 9.88 19.79 22.80
C ASN C 63 9.47 18.63 23.71
N ILE C 64 10.34 17.63 23.82
CA ILE C 64 10.00 16.38 24.52
C ILE C 64 11.01 16.20 25.66
N GLY C 65 10.63 16.65 26.85
CA GLY C 65 11.37 16.34 28.07
C GLY C 65 12.84 16.66 28.06
N ALA C 66 13.19 17.94 28.05
CA ALA C 66 14.57 18.43 28.04
C ALA C 66 15.30 18.12 26.75
N ALA C 67 14.57 17.72 25.71
CA ALA C 67 15.12 17.55 24.36
C ALA C 67 14.47 18.62 23.51
N VAL C 68 15.07 19.81 23.50
CA VAL C 68 14.46 20.97 22.87
C VAL C 68 14.49 20.81 21.35
N ALA C 69 13.37 21.12 20.71
CA ALA C 69 13.27 21.09 19.26
C ALA C 69 13.85 22.37 18.65
N PRO C 70 14.32 22.31 17.42
CA PRO C 70 14.95 23.50 16.83
C PRO C 70 13.95 24.59 16.48
N ASP C 71 14.41 25.83 16.65
CA ASP C 71 13.78 27.04 16.08
C ASP C 71 12.28 27.09 16.36
N ALA C 72 11.94 27.15 17.64
CA ALA C 72 10.53 27.20 18.02
C ALA C 72 9.85 28.46 17.49
N ALA C 73 10.29 29.63 17.95
CA ALA C 73 9.62 30.87 17.63
C ALA C 73 10.45 31.86 16.84
N LEU C 74 11.79 31.82 16.94
CA LEU C 74 12.60 32.80 16.24
C LEU C 74 12.57 32.59 14.73
N ALA C 75 12.41 31.34 14.28
CA ALA C 75 12.36 31.09 12.85
C ALA C 75 11.21 31.84 12.19
N SER C 76 10.01 31.67 12.72
CA SER C 76 8.82 32.29 12.13
C SER C 76 8.91 33.81 12.18
N VAL C 77 9.22 34.36 13.35
CA VAL C 77 9.25 35.81 13.51
C VAL C 77 10.33 36.42 12.63
N ALA C 78 11.52 35.82 12.64
CA ALA C 78 12.62 36.35 11.85
C ALA C 78 12.33 36.26 10.36
N SER C 79 11.76 35.15 9.90
CA SER C 79 11.43 35.02 8.48
C SER C 79 10.38 36.04 8.07
N ALA C 80 9.35 36.24 8.89
CA ALA C 80 8.32 37.21 8.57
C ALA C 80 8.88 38.63 8.53
N ILE C 81 9.73 38.97 9.51
CA ILE C 81 10.31 40.31 9.55
C ILE C 81 11.22 40.53 8.35
N ILE C 82 12.02 39.53 8.00
CA ILE C 82 12.91 39.65 6.85
C ILE C 82 12.10 39.81 5.57
N LEU C 83 11.02 39.03 5.44
CA LEU C 83 10.20 39.11 4.24
C LEU C 83 9.53 40.47 4.10
N VAL C 84 8.98 41.00 5.20
CA VAL C 84 8.29 42.28 5.12
C VAL C 84 9.28 43.42 4.90
N LEU C 85 10.48 43.30 5.49
CA LEU C 85 11.46 44.38 5.37
C LEU C 85 12.04 44.48 3.97
N GLY C 86 12.33 43.34 3.35
CA GLY C 86 13.05 43.30 2.09
C GLY C 86 12.22 43.38 0.83
N GLY C 87 10.92 43.60 0.93
CA GLY C 87 10.12 43.59 -0.27
C GLY C 87 9.95 42.18 -0.80
N GLN C 88 9.50 42.09 -2.05
CA GLN C 88 9.25 40.81 -2.70
C GLN C 88 8.33 39.94 -1.84
N GLY C 89 7.10 40.42 -1.66
CA GLY C 89 6.23 39.87 -0.64
C GLY C 89 5.99 38.38 -0.77
N VAL C 90 5.74 37.91 -1.99
CA VAL C 90 5.40 36.50 -2.19
C VAL C 90 6.49 35.85 -3.02
N ALA C 91 7.30 36.67 -3.71
CA ALA C 91 8.40 36.15 -4.49
C ALA C 91 9.61 35.80 -3.63
N GLY C 92 9.75 36.44 -2.47
CA GLY C 92 10.88 36.23 -1.58
C GLY C 92 10.66 35.18 -0.51
N ILE C 93 9.61 34.36 -0.63
CA ILE C 93 9.36 33.31 0.36
C ILE C 93 10.49 32.29 0.41
N PRO C 94 11.01 31.77 -0.72
CA PRO C 94 12.16 30.85 -0.61
C PRO C 94 13.36 31.46 0.08
N SER C 95 13.64 32.74 -0.18
CA SER C 95 14.76 33.41 0.51
C SER C 95 14.49 33.52 2.00
N ALA C 96 13.25 33.88 2.37
CA ALA C 96 12.91 33.98 3.79
C ALA C 96 13.06 32.63 4.49
N ILE C 97 12.64 31.56 3.82
CA ILE C 97 12.78 30.23 4.41
C ILE C 97 14.26 29.84 4.53
N ALA C 98 15.05 30.16 3.50
CA ALA C 98 16.47 29.82 3.52
C ALA C 98 17.24 30.63 4.56
N ILE C 99 16.71 31.77 4.97
CA ILE C 99 17.34 32.50 6.08
C ILE C 99 16.79 32.01 7.41
N ALA C 100 15.54 31.55 7.46
CA ALA C 100 14.95 31.12 8.72
C ALA C 100 15.44 29.76 9.19
N ILE C 101 15.64 28.82 8.26
CA ILE C 101 16.03 27.48 8.66
C ILE C 101 17.36 27.45 9.40
N PRO C 102 18.41 28.13 8.95
CA PRO C 102 19.70 28.02 9.66
C PRO C 102 19.77 28.82 10.95
N LEU C 103 18.62 29.30 11.42
CA LEU C 103 18.57 29.98 12.71
C LEU C 103 18.66 29.02 13.88
N ALA C 104 18.82 27.71 13.64
CA ALA C 104 19.01 26.77 14.73
C ALA C 104 20.20 27.15 15.60
N VAL C 105 21.21 27.80 15.01
CA VAL C 105 22.29 28.37 15.80
C VAL C 105 21.75 29.44 16.73
N ALA C 106 20.86 30.30 16.24
CA ALA C 106 20.34 31.41 17.02
C ALA C 106 18.96 31.14 17.59
N GLY C 107 18.40 29.94 17.41
CA GLY C 107 17.07 29.66 17.89
C GLY C 107 17.00 28.56 18.93
N LEU C 108 17.95 27.61 18.85
CA LEU C 108 17.97 26.47 19.75
C LEU C 108 18.90 26.67 20.94
N PHE C 109 20.03 27.35 20.74
CA PHE C 109 21.01 27.48 21.82
C PHE C 109 20.57 28.48 22.88
N LEU C 110 20.02 29.63 22.47
CA LEU C 110 19.68 30.65 23.46
C LEU C 110 18.50 30.23 24.32
N THR C 111 17.61 29.37 23.80
CA THR C 111 16.56 28.86 24.66
C THR C 111 17.12 27.93 25.73
N MET C 112 18.16 27.16 25.41
CA MET C 112 18.83 26.38 26.44
C MET C 112 19.55 27.29 27.43
N ILE C 113 20.10 28.41 26.94
CA ILE C 113 20.72 29.38 27.84
C ILE C 113 19.70 29.92 28.83
N VAL C 114 18.50 30.27 28.34
CA VAL C 114 17.47 30.78 29.22
C VAL C 114 16.99 29.70 30.18
N ARG C 115 16.87 28.46 29.71
CA ARG C 115 16.40 27.38 30.57
C ARG C 115 17.40 27.08 31.67
N THR C 116 18.70 27.18 31.38
CA THR C 116 19.70 26.98 32.43
C THR C 116 19.89 28.22 33.30
N LEU C 117 19.51 29.40 32.81
CA LEU C 117 19.49 30.60 33.65
C LEU C 117 18.25 30.66 34.54
N ALA C 118 17.23 29.87 34.23
CA ALA C 118 16.03 29.82 35.06
C ALA C 118 16.23 29.00 36.32
N VAL C 119 17.35 28.28 36.46
CA VAL C 119 17.59 27.50 37.67
C VAL C 119 17.74 28.38 38.90
N PRO C 120 18.55 29.45 38.89
CA PRO C 120 18.56 30.34 40.07
C PRO C 120 17.22 30.97 40.37
N ILE C 121 16.36 31.17 39.36
CA ILE C 121 15.02 31.68 39.61
C ILE C 121 14.24 30.72 40.49
N VAL C 122 14.31 29.41 40.18
CA VAL C 122 13.63 28.42 41.00
C VAL C 122 14.29 28.30 42.36
N HIS C 123 15.61 28.46 42.43
CA HIS C 123 16.29 28.46 43.73
C HIS C 123 15.78 29.59 44.61
N LEU C 124 15.63 30.79 44.04
CA LEU C 124 15.09 31.91 44.79
C LEU C 124 13.62 31.69 45.13
N MET C 125 12.88 30.99 44.26
CA MET C 125 11.50 30.64 44.57
C MET C 125 11.43 29.75 45.81
N ASP C 126 12.31 28.76 45.89
CA ASP C 126 12.37 27.91 47.08
C ASP C 126 12.79 28.72 48.30
N ARG C 127 13.75 29.64 48.13
CA ARG C 127 14.19 30.47 49.24
C ARG C 127 13.04 31.32 49.78
N ALA C 128 12.24 31.90 48.88
CA ALA C 128 11.09 32.68 49.31
C ALA C 128 10.02 31.80 49.95
N ALA C 129 9.81 30.59 49.40
CA ALA C 129 8.83 29.67 49.96
C ALA C 129 9.23 29.22 51.36
N GLU C 130 10.53 29.26 51.67
CA GLU C 130 10.97 28.96 53.03
C GLU C 130 10.38 29.94 54.02
N LYS C 131 10.33 31.22 53.66
CA LYS C 131 9.76 32.24 54.53
C LYS C 131 8.25 32.35 54.40
N GLY C 132 7.64 31.65 53.45
CA GLY C 132 6.20 31.70 53.28
C GLY C 132 5.69 32.84 52.44
N ASN C 133 6.56 33.60 51.79
CA ASN C 133 6.15 34.72 50.95
C ASN C 133 5.51 34.18 49.68
N ILE C 134 4.18 34.20 49.63
CA ILE C 134 3.46 33.65 48.48
C ILE C 134 3.66 34.53 47.26
N ARG C 135 3.66 35.86 47.45
CA ARG C 135 3.73 36.77 46.31
C ARG C 135 5.07 36.68 45.58
N SER C 136 6.15 36.42 46.31
CA SER C 136 7.46 36.35 45.68
C SER C 136 7.56 35.19 44.69
N VAL C 137 6.90 34.07 45.00
CA VAL C 137 6.95 32.91 44.11
C VAL C 137 6.32 33.24 42.76
N GLU C 138 5.12 33.83 42.79
CA GLU C 138 4.47 34.22 41.54
C GLU C 138 5.22 35.33 40.84
N TRP C 139 5.82 36.26 41.59
CA TRP C 139 6.64 37.29 40.96
C TRP C 139 7.81 36.67 40.20
N LEU C 140 8.47 35.69 40.80
CA LEU C 140 9.60 35.05 40.14
C LEU C 140 9.15 34.24 38.92
N HIS C 141 8.00 33.56 39.03
CA HIS C 141 7.47 32.84 37.88
C HIS C 141 7.17 33.78 36.72
N ILE C 142 6.53 34.91 37.02
CA ILE C 142 6.19 35.87 35.97
C ILE C 142 7.46 36.48 35.37
N SER C 143 8.48 36.73 36.20
CA SER C 143 9.72 37.27 35.66
C SER C 143 10.43 36.26 34.77
N ALA C 144 10.35 34.97 35.12
CA ALA C 144 10.91 33.94 34.23
C ALA C 144 10.19 33.91 32.90
N ILE C 145 8.86 33.99 32.93
CA ILE C 145 8.09 34.04 31.68
C ILE C 145 8.48 35.26 30.86
N CYS C 146 8.62 36.41 31.51
CA CYS C 146 8.99 37.63 30.80
C CYS C 146 10.38 37.53 30.21
N MET C 147 11.32 36.91 30.92
CA MET C 147 12.66 36.73 30.38
C MET C 147 12.64 35.81 29.15
N GLN C 148 11.84 34.75 29.21
CA GLN C 148 11.70 33.88 28.04
C GLN C 148 11.12 34.66 26.86
N GLY C 149 10.15 35.54 27.13
CA GLY C 149 9.59 36.35 26.05
C GLY C 149 10.59 37.32 25.45
N ILE C 150 11.35 38.02 26.30
CA ILE C 150 12.33 38.97 25.77
C ILE C 150 13.47 38.27 25.06
N ARG C 151 13.71 36.99 25.38
CA ARG C 151 14.71 36.21 24.64
C ARG C 151 14.42 36.22 23.14
N ILE C 152 13.14 36.22 22.77
CA ILE C 152 12.77 36.31 21.36
C ILE C 152 12.50 37.75 20.94
N ALA C 153 12.03 38.59 21.85
CA ALA C 153 11.75 39.98 21.51
C ALA C 153 13.01 40.72 21.08
N ILE C 154 14.14 40.45 21.75
CA ILE C 154 15.37 41.22 21.46
C ILE C 154 15.86 41.04 20.03
N PRO C 155 16.03 39.81 19.51
CA PRO C 155 16.49 39.70 18.12
C PRO C 155 15.54 40.32 17.11
N ALA C 156 14.23 40.28 17.36
CA ALA C 156 13.29 40.95 16.46
C ALA C 156 13.53 42.45 16.44
N ALA C 157 13.69 43.07 17.62
CA ALA C 157 13.96 44.49 17.68
C ALA C 157 15.29 44.84 17.04
N ALA C 158 16.28 43.95 17.14
CA ALA C 158 17.53 44.14 16.42
C ALA C 158 17.30 44.11 14.91
N LEU C 159 16.42 43.21 14.45
CA LEU C 159 16.19 43.07 13.01
C LEU C 159 15.42 44.26 12.44
N LEU C 160 14.48 44.82 13.20
CA LEU C 160 13.73 45.98 12.71
C LEU C 160 14.66 47.16 12.42
N PHE C 161 15.48 47.54 13.41
CA PHE C 161 16.49 48.57 13.21
C PHE C 161 17.79 47.88 12.83
N ILE C 162 17.98 47.69 11.53
CA ILE C 162 19.05 46.81 11.07
C ILE C 162 20.40 47.40 11.44
N PRO C 163 21.32 46.62 12.01
CA PRO C 163 22.70 47.07 12.17
C PRO C 163 23.52 46.71 10.95
N ALA C 164 23.44 47.52 9.90
CA ALA C 164 24.00 47.20 8.58
C ALA C 164 25.46 46.78 8.64
N ASP C 165 26.14 47.06 9.77
CA ASP C 165 27.49 46.55 9.96
C ASP C 165 27.50 45.03 10.12
N SER C 166 26.34 44.42 10.31
CA SER C 166 26.22 42.98 10.49
C SER C 166 26.56 42.24 9.20
N VAL C 167 26.68 42.96 8.09
CA VAL C 167 27.17 42.35 6.85
C VAL C 167 28.63 41.92 7.04
N GLN C 168 29.37 42.66 7.87
CA GLN C 168 30.75 42.28 8.17
C GLN C 168 30.81 40.94 8.91
N SER C 169 29.75 40.58 9.63
CA SER C 169 29.70 39.36 10.41
C SER C 169 28.93 38.23 9.75
N PHE C 170 28.11 38.55 8.74
CA PHE C 170 27.32 37.54 8.04
C PHE C 170 28.21 36.48 7.43
N LEU C 171 29.32 36.90 6.81
CA LEU C 171 30.30 35.97 6.25
C LEU C 171 31.57 35.89 7.08
N GLU C 172 31.67 36.66 8.18
CA GLU C 172 32.78 36.48 9.10
C GLU C 172 32.74 35.11 9.75
N ALA C 173 31.55 34.62 10.12
CA ALA C 173 31.42 33.24 10.55
C ALA C 173 32.03 32.32 9.51
N MET C 174 33.06 31.58 9.91
CA MET C 174 33.87 30.76 9.02
C MET C 174 33.00 29.87 8.16
N PRO C 175 33.01 30.06 6.83
CA PRO C 175 32.09 29.33 5.96
C PRO C 175 32.32 27.82 5.98
N ALA C 176 31.38 27.08 5.37
CA ALA C 176 31.44 25.62 5.28
C ALA C 176 31.72 24.96 6.63
N TRP C 177 32.95 25.09 7.13
CA TRP C 177 33.40 24.41 8.34
C TRP C 177 32.53 24.73 9.54
N LEU C 178 31.87 25.89 9.55
CA LEU C 178 30.99 26.22 10.66
C LEU C 178 29.54 26.32 10.21
N THR C 179 29.27 27.15 9.21
CA THR C 179 27.87 27.43 8.84
C THR C 179 27.18 26.20 8.29
N ASP C 180 27.79 25.54 7.29
CA ASP C 180 27.15 24.36 6.71
C ASP C 180 27.21 23.16 7.65
N GLY C 181 28.28 23.07 8.44
CA GLY C 181 28.34 22.01 9.44
C GLY C 181 27.23 22.13 10.46
N MET C 182 26.99 23.35 10.95
CA MET C 182 25.88 23.57 11.88
C MET C 182 24.55 23.35 11.20
N ALA C 183 24.45 23.72 9.91
CA ALA C 183 23.19 23.53 9.18
C ALA C 183 22.84 22.05 9.05
N ILE C 184 23.84 21.22 8.71
CA ILE C 184 23.56 19.78 8.59
C ILE C 184 23.46 19.10 9.94
N GLY C 185 24.04 19.70 11.00
CA GLY C 185 23.80 19.18 12.34
C GLY C 185 22.44 19.54 12.90
N GLY C 186 21.83 20.61 12.41
CA GLY C 186 20.50 21.00 12.86
C GLY C 186 19.37 20.20 12.28
N GLY C 187 19.61 19.43 11.22
CA GLY C 187 18.59 18.59 10.65
C GLY C 187 18.42 17.25 11.31
N MET C 188 19.25 16.94 12.31
CA MET C 188 19.18 15.67 13.01
C MET C 188 18.90 15.83 14.50
N VAL C 189 18.73 17.06 15.00
CA VAL C 189 18.49 17.25 16.43
C VAL C 189 17.08 16.89 16.85
N VAL C 190 16.17 16.65 15.90
CA VAL C 190 14.86 16.13 16.25
C VAL C 190 14.94 14.67 16.65
N ALA C 191 16.04 13.99 16.29
CA ALA C 191 16.19 12.59 16.62
C ALA C 191 16.26 12.36 18.13
N VAL C 192 16.80 13.32 18.88
CA VAL C 192 16.88 13.17 20.33
C VAL C 192 15.49 13.14 20.94
N GLY C 193 14.63 14.09 20.54
CA GLY C 193 13.27 14.09 21.03
C GLY C 193 12.48 12.88 20.58
N TYR C 194 12.65 12.48 19.31
CA TYR C 194 11.98 11.29 18.83
C TYR C 194 12.41 10.05 19.60
N ALA C 195 13.71 9.94 19.88
CA ALA C 195 14.22 8.81 20.66
C ALA C 195 13.67 8.82 22.08
N LEU C 196 13.59 10.00 22.69
CA LEU C 196 13.05 10.07 24.05
C LEU C 196 11.59 9.66 24.09
N VAL C 197 10.78 10.12 23.13
CA VAL C 197 9.37 9.78 23.15
C VAL C 197 9.16 8.32 22.76
N ILE C 198 10.05 7.75 21.93
CA ILE C 198 9.97 6.34 21.61
C ILE C 198 10.37 5.50 22.83
N ASN C 199 11.33 5.97 23.61
CA ASN C 199 11.62 5.33 24.89
C ASN C 199 10.44 5.41 25.83
N MET C 200 9.66 6.50 25.76
CA MET C 200 8.50 6.63 26.63
C MET C 200 7.48 5.52 26.38
N MET C 201 7.22 5.21 25.11
CA MET C 201 6.30 4.12 24.78
C MET C 201 7.07 3.09 23.97
N ALA C 202 7.28 1.92 24.56
CA ALA C 202 7.91 0.83 23.84
C ALA C 202 7.55 -0.47 24.55
N THR C 203 6.88 -1.36 23.84
CA THR C 203 6.51 -2.66 24.36
C THR C 203 6.74 -3.70 23.27
N LYS C 204 6.65 -4.97 23.66
CA LYS C 204 6.82 -6.05 22.70
C LYS C 204 5.70 -6.07 21.67
N GLU C 205 4.61 -5.36 21.92
CA GLU C 205 3.43 -5.42 21.07
C GLU C 205 3.31 -4.25 20.10
N VAL C 206 4.07 -3.18 20.29
CA VAL C 206 3.95 -1.99 19.45
C VAL C 206 5.14 -1.75 18.56
N TRP C 207 6.25 -2.47 18.75
CA TRP C 207 7.38 -2.35 17.83
C TRP C 207 7.04 -2.72 16.39
N PRO C 208 6.27 -3.78 16.12
CA PRO C 208 5.90 -4.05 14.71
C PRO C 208 5.18 -2.89 14.05
N PHE C 209 4.38 -2.13 14.80
CA PHE C 209 3.75 -0.95 14.21
C PHE C 209 4.78 0.12 13.89
N PHE C 210 5.83 0.24 14.70
CA PHE C 210 6.95 1.11 14.34
C PHE C 210 7.60 0.65 13.04
N VAL C 211 7.82 -0.65 12.89
CA VAL C 211 8.41 -1.16 11.65
C VAL C 211 7.52 -0.85 10.45
N ILE C 212 6.21 -1.07 10.61
CA ILE C 212 5.28 -0.81 9.51
C ILE C 212 5.29 0.67 9.13
N GLY C 213 5.25 1.55 10.14
CA GLY C 213 5.26 2.97 9.85
C GLY C 213 6.56 3.42 9.19
N PHE C 214 7.68 2.84 9.61
CA PHE C 214 8.96 3.18 8.97
C PHE C 214 8.98 2.71 7.52
N VAL C 215 8.43 1.52 7.24
CA VAL C 215 8.50 0.98 5.89
C VAL C 215 7.60 1.76 4.93
N VAL C 216 6.38 2.08 5.36
CA VAL C 216 5.38 2.67 4.47
C VAL C 216 5.61 4.17 4.33
N ALA C 217 6.74 4.66 4.82
CA ALA C 217 7.11 6.06 4.70
C ALA C 217 8.01 6.31 3.51
N ALA C 218 7.81 5.57 2.42
CA ALA C 218 8.66 5.64 1.25
C ALA C 218 8.51 6.99 0.55
N ILE C 219 9.23 7.14 -0.56
CA ILE C 219 9.51 8.44 -1.17
C ILE C 219 8.24 8.98 -1.83
N SER C 220 7.53 9.86 -1.12
CA SER C 220 6.63 10.84 -1.71
C SER C 220 5.50 10.21 -2.53
N GLN C 221 4.66 9.44 -1.86
CA GLN C 221 3.34 9.13 -2.42
C GLN C 221 2.25 9.31 -1.38
N LEU C 222 2.60 9.16 -0.11
CA LEU C 222 1.66 9.31 0.99
C LEU C 222 2.02 10.54 1.81
N THR C 223 1.06 11.43 2.00
CA THR C 223 1.28 12.61 2.80
C THR C 223 1.29 12.23 4.29
N LEU C 224 1.73 13.18 5.12
CA LEU C 224 1.81 12.92 6.55
C LEU C 224 0.42 12.69 7.14
N ILE C 225 -0.59 13.40 6.62
CA ILE C 225 -1.96 13.19 7.07
C ILE C 225 -2.43 11.79 6.72
N ALA C 226 -2.06 11.30 5.53
CA ALA C 226 -2.42 9.93 5.16
C ALA C 226 -1.79 8.92 6.10
N ILE C 227 -0.53 9.12 6.47
CA ILE C 227 0.13 8.20 7.39
C ILE C 227 -0.52 8.26 8.77
N GLY C 228 -0.89 9.45 9.23
CA GLY C 228 -1.57 9.56 10.50
C GLY C 228 -2.91 8.86 10.51
N ALA C 229 -3.69 9.04 9.43
CA ALA C 229 -4.98 8.36 9.32
C ALA C 229 -4.80 6.84 9.28
N LEU C 230 -3.76 6.38 8.56
CA LEU C 230 -3.47 4.95 8.53
C LEU C 230 -3.13 4.42 9.92
N GLY C 231 -2.34 5.18 10.68
CA GLY C 231 -2.03 4.76 12.04
C GLY C 231 -3.25 4.72 12.94
N VAL C 232 -4.13 5.72 12.82
CA VAL C 232 -5.36 5.72 13.61
C VAL C 232 -6.24 4.52 13.28
N ALA C 233 -6.40 4.24 11.98
CA ALA C 233 -7.21 3.11 11.57
C ALA C 233 -6.62 1.79 12.05
N LEU C 234 -5.29 1.64 11.94
CA LEU C 234 -4.65 0.42 12.42
C LEU C 234 -4.82 0.25 13.91
N ALA C 235 -4.68 1.34 14.67
CA ALA C 235 -4.87 1.26 16.12
C ALA C 235 -6.30 0.86 16.46
N LEU C 236 -7.29 1.43 15.76
CA LEU C 236 -8.68 1.08 16.03
C LEU C 236 -8.93 -0.39 15.71
N ILE C 237 -8.41 -0.88 14.58
CA ILE C 237 -8.60 -2.28 14.20
C ILE C 237 -7.95 -3.20 15.23
N TYR C 238 -6.74 -2.85 15.67
CA TYR C 238 -6.06 -3.67 16.67
C TYR C 238 -6.83 -3.71 17.98
N LEU C 239 -7.34 -2.57 18.43
CA LEU C 239 -8.10 -2.54 19.67
C LEU C 239 -9.38 -3.35 19.55
N ASN C 240 -10.08 -3.24 18.41
CA ASN C 240 -11.30 -4.03 18.22
C ASN C 240 -10.99 -5.52 18.25
N LEU C 241 -9.94 -5.94 17.54
CA LEU C 241 -9.61 -7.37 17.49
C LEU C 241 -9.14 -7.87 18.85
N SER C 242 -8.45 -7.02 19.62
CA SER C 242 -8.08 -7.40 20.98
C SER C 242 -9.31 -7.58 21.86
N LYS C 243 -10.30 -6.70 21.71
CA LYS C 243 -11.54 -6.87 22.45
C LYS C 243 -12.29 -8.13 22.02
N MET C 244 -12.20 -8.52 20.75
CA MET C 244 -12.87 -9.75 20.31
C MET C 244 -12.36 -10.97 21.07
N GLY C 245 -11.04 -11.05 21.26
CA GLY C 245 -10.46 -12.15 22.00
C GLY C 245 -10.79 -12.11 23.48
N LYS D 4 -14.11 21.82 56.70
CA LYS D 4 -15.08 22.84 56.38
C LYS D 4 -14.68 23.61 55.12
N ILE D 5 -13.56 23.23 54.53
CA ILE D 5 -13.09 23.86 53.30
C ILE D 5 -13.96 23.39 52.15
N GLU D 6 -14.45 24.34 51.35
CA GLU D 6 -15.39 24.03 50.29
C GLU D 6 -14.71 23.82 48.93
N LEU D 7 -13.75 24.68 48.57
CA LEU D 7 -13.12 24.65 47.26
C LEU D 7 -14.17 24.76 46.15
N SER D 8 -14.86 25.90 46.12
CA SER D 8 -15.93 26.13 45.17
C SER D 8 -15.41 26.04 43.74
N LYS D 9 -16.35 26.01 42.79
CA LYS D 9 -16.00 25.88 41.39
C LYS D 9 -15.17 27.06 40.90
N ARG D 10 -15.33 28.23 41.54
CA ARG D 10 -14.51 29.38 41.16
C ARG D 10 -13.04 29.15 41.47
N ASP D 11 -12.74 28.55 42.62
CA ASP D 11 -11.35 28.27 42.97
C ASP D 11 -10.74 27.26 42.01
N ARG D 12 -11.48 26.22 41.65
CA ARG D 12 -10.98 25.24 40.68
C ARG D 12 -10.80 25.87 39.31
N LEU D 13 -11.69 26.78 38.92
CA LEU D 13 -11.51 27.50 37.67
C LEU D 13 -10.25 28.36 37.69
N ARG D 14 -9.99 29.03 38.83
CA ARG D 14 -8.78 29.82 38.94
C ARG D 14 -7.54 28.95 38.86
N VAL D 15 -7.56 27.78 39.51
CA VAL D 15 -6.43 26.85 39.44
C VAL D 15 -6.23 26.37 38.01
N ALA D 16 -7.32 26.04 37.31
CA ALA D 16 -7.21 25.59 35.93
C ALA D 16 -6.65 26.68 35.03
N TRP D 17 -7.06 27.93 35.25
CA TRP D 17 -6.52 29.04 34.46
C TRP D 17 -5.03 29.22 34.73
N ARG D 18 -4.62 29.17 35.99
CA ARG D 18 -3.21 29.29 36.32
C ARG D 18 -2.39 28.12 35.82
N SER D 19 -3.01 26.96 35.63
CA SER D 19 -2.30 25.79 35.11
C SER D 19 -1.87 25.98 33.66
N THR D 20 -2.39 26.99 32.97
CA THR D 20 -1.90 27.30 31.63
C THR D 20 -0.43 27.69 31.67
N PHE D 21 0.01 28.30 32.76
CA PHE D 21 1.41 28.73 32.94
C PHE D 21 2.21 27.68 33.70
N ILE D 22 1.89 26.40 33.50
CA ILE D 22 2.62 25.32 34.14
C ILE D 22 4.09 25.34 33.71
N GLN D 23 4.36 25.86 32.53
CA GLN D 23 5.72 26.04 32.06
C GLN D 23 6.12 27.51 32.22
N GLY D 24 7.30 27.85 31.72
CA GLY D 24 7.80 29.21 31.83
C GLY D 24 8.89 29.33 32.87
N SER D 25 8.71 28.68 34.01
CA SER D 25 9.80 28.47 34.96
C SER D 25 10.45 27.12 34.74
N TRP D 26 10.78 26.84 33.49
CA TRP D 26 11.30 25.54 33.09
C TRP D 26 12.81 25.54 33.27
N ASN D 27 13.30 24.70 34.17
CA ASN D 27 14.72 24.61 34.48
C ASN D 27 15.17 23.17 34.32
N TYR D 28 16.48 23.00 34.11
CA TYR D 28 17.01 21.67 33.88
C TYR D 28 17.08 20.84 35.16
N GLU D 29 17.29 21.50 36.31
CA GLU D 29 17.41 20.75 37.56
C GLU D 29 16.07 20.16 37.98
N ARG D 30 15.01 20.96 37.96
CA ARG D 30 13.66 20.51 38.33
C ARG D 30 12.69 21.13 37.33
N MET D 31 12.42 20.42 36.25
CA MET D 31 11.58 20.93 35.19
C MET D 31 10.13 21.05 35.67
N GLN D 32 9.46 22.11 35.23
CA GLN D 32 8.04 22.35 35.50
C GLN D 32 7.69 22.33 36.98
N ASN D 33 8.68 22.43 37.87
CA ASN D 33 8.39 22.41 39.29
C ASN D 33 7.84 23.75 39.78
N GLY D 34 8.26 24.86 39.17
CA GLY D 34 7.72 26.14 39.55
C GLY D 34 6.31 26.38 39.06
N GLY D 35 5.98 25.90 37.86
CA GLY D 35 4.63 26.08 37.36
C GLY D 35 3.59 25.33 38.17
N TRP D 36 3.95 24.17 38.70
CA TRP D 36 3.03 23.41 39.54
C TRP D 36 2.68 24.19 40.80
N ALA D 37 3.69 24.74 41.47
CA ALA D 37 3.44 25.55 42.65
C ALA D 37 2.66 26.81 42.29
N PHE D 38 2.97 27.41 41.14
CA PHE D 38 2.25 28.60 40.71
C PHE D 38 0.77 28.31 40.50
N SER D 39 0.46 27.15 39.90
CA SER D 39 -0.94 26.78 39.69
C SER D 39 -1.63 26.43 41.00
N MET D 40 -0.90 25.86 41.95
CA MET D 40 -1.50 25.51 43.24
C MET D 40 -1.50 26.66 44.24
N ILE D 41 -0.95 27.82 43.87
CA ILE D 41 -0.95 28.97 44.78
C ILE D 41 -2.34 29.32 45.32
N PRO D 42 -3.38 29.48 44.48
CA PRO D 42 -4.70 29.84 45.05
C PRO D 42 -5.28 28.79 45.97
N ALA D 43 -5.11 27.51 45.65
CA ALA D 43 -5.62 26.45 46.52
C ALA D 43 -4.87 26.44 47.85
N ILE D 44 -3.56 26.64 47.82
CA ILE D 44 -2.79 26.75 49.05
C ILE D 44 -3.25 27.94 49.87
N LYS D 45 -3.52 29.06 49.20
CA LYS D 45 -3.99 30.26 49.90
C LYS D 45 -5.32 30.00 50.60
N LYS D 46 -6.26 29.35 49.90
CA LYS D 46 -7.59 29.15 50.46
C LYS D 46 -7.59 28.09 51.55
N LEU D 47 -6.88 26.99 51.34
CA LEU D 47 -6.94 25.87 52.28
C LEU D 47 -6.17 26.18 53.56
N TYR D 48 -5.02 26.84 53.45
CA TYR D 48 -4.12 27.02 54.58
C TYR D 48 -4.14 28.46 55.05
N LYS D 49 -3.72 28.67 56.30
CA LYS D 49 -3.76 29.98 56.93
C LYS D 49 -2.54 30.17 57.82
N THR D 50 -2.45 31.38 58.38
CA THR D 50 -1.49 31.79 59.43
C THR D 50 -0.03 31.44 59.10
N LYS D 51 0.26 31.14 57.84
CA LYS D 51 1.62 31.04 57.33
C LYS D 51 2.44 29.92 57.98
N GLU D 52 1.83 29.16 58.90
CA GLU D 52 2.56 28.08 59.55
C GLU D 52 2.80 26.92 58.59
N ASP D 53 1.77 26.51 57.86
CA ASP D 53 1.87 25.40 56.92
C ASP D 53 1.94 25.84 55.47
N ARG D 54 1.86 27.14 55.21
CA ARG D 54 2.01 27.63 53.83
C ARG D 54 3.41 27.34 53.30
N SER D 55 4.43 27.54 54.14
CA SER D 55 5.80 27.24 53.74
C SER D 55 5.97 25.76 53.45
N SER D 56 5.41 24.90 54.31
CA SER D 56 5.48 23.47 54.07
C SER D 56 4.73 23.08 52.80
N ALA D 57 3.57 23.71 52.57
CA ALA D 57 2.79 23.41 51.37
C ALA D 57 3.56 23.79 50.10
N LEU D 58 4.23 24.95 50.12
CA LEU D 58 5.03 25.34 48.98
C LEU D 58 6.26 24.44 48.83
N LYS D 59 6.81 23.97 49.95
CA LYS D 59 7.94 23.04 49.89
C LYS D 59 7.53 21.73 49.22
N ARG D 60 6.36 21.21 49.56
CA ARG D 60 5.94 19.92 49.02
C ARG D 60 5.60 20.01 47.54
N HIS D 61 5.27 21.20 47.04
CA HIS D 61 4.87 21.38 45.65
C HIS D 61 5.97 22.01 44.80
N LEU D 62 7.17 22.20 45.35
CA LEU D 62 8.28 22.75 44.60
C LEU D 62 9.31 21.68 44.22
N GLU D 63 8.97 20.40 44.39
CA GLU D 63 9.85 19.32 44.03
C GLU D 63 9.68 18.95 42.55
N PHE D 64 10.45 17.97 42.10
CA PHE D 64 10.47 17.60 40.69
C PHE D 64 9.10 17.15 40.22
N PHE D 65 8.66 17.69 39.07
CA PHE D 65 7.40 17.30 38.46
C PHE D 65 7.47 17.68 36.98
N ASN D 66 7.56 16.69 36.11
CA ASN D 66 7.63 16.92 34.67
C ASN D 66 6.68 15.97 33.96
N THR D 67 5.75 16.54 33.19
CA THR D 67 4.83 15.77 32.37
C THR D 67 4.33 16.69 31.27
N HIS D 68 3.48 16.16 30.40
CA HIS D 68 2.90 16.96 29.33
C HIS D 68 2.08 18.09 29.94
N PRO D 69 2.23 19.32 29.45
CA PRO D 69 1.50 20.45 30.05
C PRO D 69 -0.01 20.30 30.00
N TYR D 70 -0.54 19.68 28.95
CA TYR D 70 -1.99 19.60 28.79
C TYR D 70 -2.58 18.48 29.62
N ILE D 71 -2.01 17.29 29.55
CA ILE D 71 -2.44 16.19 30.45
C ILE D 71 -1.58 16.30 31.70
N ALA D 72 -1.93 17.28 32.52
CA ALA D 72 -1.50 17.41 33.90
C ALA D 72 -2.64 17.86 34.78
N SER D 73 -3.74 18.31 34.19
CA SER D 73 -4.95 18.62 34.95
C SER D 73 -5.47 17.46 35.79
N PRO D 74 -5.46 16.19 35.33
CA PRO D 74 -5.87 15.11 36.24
C PRO D 74 -5.02 15.04 37.49
N ILE D 75 -3.71 15.25 37.36
CA ILE D 75 -2.83 15.23 38.52
C ILE D 75 -3.16 16.38 39.45
N LEU D 76 -3.39 17.58 38.89
CA LEU D 76 -3.78 18.73 39.71
C LEU D 76 -5.09 18.48 40.43
N GLY D 77 -6.08 17.90 39.74
CA GLY D 77 -7.36 17.64 40.36
C GLY D 77 -7.27 16.62 41.49
N VAL D 78 -6.53 15.53 41.27
CA VAL D 78 -6.37 14.54 42.33
C VAL D 78 -5.61 15.14 43.51
N THR D 79 -4.59 15.96 43.24
CA THR D 79 -3.85 16.62 44.31
C THR D 79 -4.75 17.57 45.09
N LEU D 80 -5.61 18.32 44.39
CA LEU D 80 -6.54 19.20 45.08
C LEU D 80 -7.52 18.42 45.93
N ALA D 81 -8.01 17.29 45.42
CA ALA D 81 -8.91 16.45 46.20
C ALA D 81 -8.22 15.92 47.45
N LEU D 82 -6.98 15.47 47.32
CA LEU D 82 -6.23 15.00 48.47
C LEU D 82 -6.01 16.10 49.49
N GLU D 83 -5.66 17.30 49.02
CA GLU D 83 -5.43 18.42 49.93
C GLU D 83 -6.71 18.82 50.65
N GLU D 84 -7.83 18.86 49.94
CA GLU D 84 -9.10 19.18 50.57
C GLU D 84 -9.49 18.10 51.58
N GLU D 85 -9.18 16.83 51.28
CA GLU D 85 -9.48 15.75 52.20
C GLU D 85 -8.65 15.85 53.46
N ARG D 86 -7.36 16.13 53.34
CA ARG D 86 -6.49 16.17 54.52
C ARG D 86 -6.58 17.48 55.28
N ALA D 87 -7.06 18.55 54.66
CA ALA D 87 -7.24 19.81 55.39
C ALA D 87 -8.30 19.66 56.47
N ASN D 88 -9.38 18.95 56.17
CA ASN D 88 -10.44 18.70 57.14
C ASN D 88 -10.29 17.29 57.68
N GLY D 89 -10.05 17.18 58.98
CA GLY D 89 -9.90 15.89 59.63
C GLY D 89 -8.47 15.52 59.97
N ALA D 90 -7.48 16.30 59.54
CA ALA D 90 -6.08 16.12 59.91
C ALA D 90 -5.59 14.72 59.52
N GLU D 91 -5.58 14.49 58.21
CA GLU D 91 -5.08 13.22 57.67
C GLU D 91 -3.80 13.53 56.92
N VAL D 92 -2.89 14.24 57.59
CA VAL D 92 -1.60 14.58 57.00
C VAL D 92 -0.90 13.31 56.54
N ASP D 93 -0.46 13.30 55.29
CA ASP D 93 0.25 12.17 54.71
C ASP D 93 1.69 12.50 54.36
N ASP D 94 1.91 13.51 53.51
CA ASP D 94 3.19 13.95 52.98
C ASP D 94 3.84 12.90 52.08
N VAL D 95 3.21 11.73 51.90
CA VAL D 95 3.71 10.73 50.97
C VAL D 95 2.64 10.25 49.99
N ALA D 96 1.35 10.38 50.31
CA ALA D 96 0.31 10.06 49.34
C ALA D 96 0.33 11.03 48.17
N ILE D 97 0.54 12.32 48.46
CA ILE D 97 0.59 13.33 47.40
C ILE D 97 1.76 13.06 46.47
N GLN D 98 2.94 12.78 47.03
CA GLN D 98 4.09 12.42 46.20
C GLN D 98 3.82 11.13 45.43
N GLY D 99 3.16 10.17 46.07
CA GLY D 99 2.87 8.92 45.39
C GLY D 99 1.99 9.09 44.18
N VAL D 100 0.92 9.89 44.31
CA VAL D 100 0.06 10.12 43.15
C VAL D 100 0.75 11.00 42.12
N LYS D 101 1.58 11.96 42.54
CA LYS D 101 2.25 12.81 41.58
C LYS D 101 3.23 12.02 40.73
N VAL D 102 3.93 11.06 41.32
CA VAL D 102 4.88 10.28 40.53
C VAL D 102 4.22 9.09 39.84
N GLY D 103 3.09 8.60 40.34
CA GLY D 103 2.45 7.45 39.72
C GLY D 103 1.91 7.74 38.33
N MET D 104 1.25 8.89 38.17
CA MET D 104 0.64 9.27 36.90
C MET D 104 1.41 10.41 36.23
N MET D 105 2.72 10.40 36.38
CA MET D 105 3.60 11.38 35.75
C MET D 105 4.29 10.83 34.50
N GLY D 106 4.64 9.55 34.50
CA GLY D 106 5.27 8.92 33.37
C GLY D 106 4.29 8.40 32.33
N PRO D 107 3.37 7.52 32.75
CA PRO D 107 2.37 7.01 31.80
C PRO D 107 1.53 8.11 31.16
N LEU D 108 1.14 9.14 31.92
CA LEU D 108 0.35 10.21 31.34
C LEU D 108 1.17 11.06 30.38
N ALA D 109 2.45 11.28 30.69
CA ALA D 109 3.31 11.97 29.73
C ALA D 109 3.46 11.16 28.45
N GLY D 110 3.62 9.84 28.56
CA GLY D 110 3.76 9.00 27.40
C GLY D 110 2.48 8.82 26.61
N VAL D 111 1.32 9.06 27.23
CA VAL D 111 0.06 9.03 26.49
C VAL D 111 -0.32 10.42 25.96
N GLY D 112 0.26 11.49 26.49
CA GLY D 112 -0.05 12.83 26.02
C GLY D 112 0.89 13.36 24.96
N ASP D 113 2.17 12.97 25.01
CA ASP D 113 3.12 13.41 24.00
C ASP D 113 2.72 13.00 22.59
N PRO D 114 2.31 11.75 22.32
CA PRO D 114 1.94 11.41 20.94
C PRO D 114 0.64 12.05 20.49
N VAL D 115 -0.37 12.07 21.35
CA VAL D 115 -1.69 12.55 20.96
C VAL D 115 -1.63 14.03 20.62
N PHE D 116 -0.97 14.81 21.47
CA PHE D 116 -1.02 16.27 21.32
C PHE D 116 0.09 16.79 20.42
N TRP D 117 1.34 16.44 20.73
CA TRP D 117 2.47 17.01 19.99
C TRP D 117 2.63 16.39 18.62
N PHE D 118 2.32 15.10 18.48
CA PHE D 118 2.66 14.36 17.26
C PHE D 118 1.47 13.82 16.49
N THR D 119 0.24 13.94 17.00
CA THR D 119 -0.93 13.54 16.24
C THR D 119 -1.89 14.70 15.99
N ILE D 120 -2.35 15.38 17.05
CA ILE D 120 -3.31 16.47 16.86
C ILE D 120 -2.63 17.68 16.25
N ARG D 121 -1.46 18.07 16.77
CA ARG D 121 -0.80 19.28 16.29
C ARG D 121 -0.37 19.18 14.84
N PRO D 122 0.32 18.13 14.37
CA PRO D 122 0.66 18.08 12.94
C PRO D 122 -0.56 18.02 12.04
N MET D 123 -1.62 17.33 12.46
CA MET D 123 -2.83 17.26 11.64
C MET D 123 -3.47 18.64 11.50
N LEU D 124 -3.65 19.35 12.63
CA LEU D 124 -4.22 20.67 12.57
C LEU D 124 -3.32 21.64 11.82
N GLY D 125 -2.00 21.51 11.98
CA GLY D 125 -1.09 22.39 11.27
C GLY D 125 -1.11 22.17 9.78
N ALA D 126 -1.19 20.91 9.35
CA ALA D 126 -1.30 20.63 7.91
C ALA D 126 -2.63 21.13 7.36
N LEU D 127 -3.72 20.93 8.11
CA LEU D 127 -5.01 21.43 7.67
C LEU D 127 -5.00 22.95 7.52
N GLY D 128 -4.41 23.65 8.49
CA GLY D 128 -4.33 25.10 8.40
C GLY D 128 -3.40 25.56 7.29
N ALA D 129 -2.27 24.88 7.11
CA ALA D 129 -1.30 25.28 6.10
C ALA D 129 -1.82 25.04 4.69
N SER D 130 -2.69 24.04 4.50
CA SER D 130 -3.28 23.82 3.19
C SER D 130 -4.06 25.05 2.73
N LEU D 131 -4.83 25.66 3.63
CA LEU D 131 -5.55 26.88 3.31
C LEU D 131 -4.63 28.10 3.31
N ALA D 132 -3.62 28.12 4.18
CA ALA D 132 -2.74 29.28 4.26
C ALA D 132 -1.88 29.43 3.02
N LEU D 133 -1.46 28.32 2.42
CA LEU D 133 -0.67 28.39 1.19
C LEU D 133 -1.48 28.98 0.05
N SER D 134 -2.81 29.02 0.17
CA SER D 134 -3.68 29.68 -0.79
C SER D 134 -4.01 31.11 -0.39
N GLY D 135 -3.39 31.64 0.66
CA GLY D 135 -3.66 32.99 1.10
C GLY D 135 -4.98 33.19 1.80
N ASN D 136 -5.54 32.14 2.39
CA ASN D 136 -6.83 32.22 3.08
C ASN D 136 -6.60 32.37 4.57
N ILE D 137 -7.20 33.42 5.15
CA ILE D 137 -7.03 33.69 6.57
C ILE D 137 -7.70 32.61 7.42
N LEU D 138 -8.62 31.84 6.86
CA LEU D 138 -9.32 30.81 7.62
C LEU D 138 -8.40 29.68 8.07
N GLY D 139 -7.24 29.51 7.45
CA GLY D 139 -6.30 28.49 7.84
C GLY D 139 -5.77 28.70 9.25
N PRO D 140 -5.02 29.78 9.46
CA PRO D 140 -4.53 30.08 10.82
C PRO D 140 -5.65 30.27 11.83
N ILE D 141 -6.76 30.88 11.41
CA ILE D 141 -7.87 31.10 12.34
C ILE D 141 -8.43 29.77 12.81
N LEU D 142 -8.68 28.85 11.87
CA LEU D 142 -9.17 27.53 12.23
C LEU D 142 -8.18 26.78 13.10
N PHE D 143 -6.89 26.84 12.75
CA PHE D 143 -5.88 26.16 13.54
C PHE D 143 -5.89 26.65 14.99
N PHE D 144 -5.81 27.98 15.17
CA PHE D 144 -5.77 28.54 16.52
C PHE D 144 -7.04 28.22 17.29
N VAL D 145 -8.20 28.40 16.65
CA VAL D 145 -9.47 28.21 17.35
C VAL D 145 -9.63 26.76 17.77
N ALA D 146 -9.42 25.83 16.83
CA ALA D 146 -9.59 24.41 17.15
C ALA D 146 -8.61 23.96 18.21
N TRP D 147 -7.33 24.36 18.09
CA TRP D 147 -6.34 23.94 19.07
C TRP D 147 -6.68 24.47 20.46
N ASN D 148 -7.05 25.76 20.55
CA ASN D 148 -7.33 26.34 21.85
C ASN D 148 -8.58 25.72 22.47
N VAL D 149 -9.62 25.49 21.67
CA VAL D 149 -10.84 24.88 22.18
C VAL D 149 -10.55 23.47 22.70
N ILE D 150 -9.83 22.68 21.91
CA ILE D 150 -9.51 21.31 22.32
C ILE D 150 -8.68 21.33 23.61
N ARG D 151 -7.66 22.18 23.66
CA ARG D 151 -6.77 22.21 24.81
C ARG D 151 -7.52 22.64 26.08
N TRP D 152 -8.28 23.72 26.00
CA TRP D 152 -8.99 24.20 27.19
C TRP D 152 -10.07 23.22 27.62
N GLY D 153 -10.81 22.65 26.68
CA GLY D 153 -11.82 21.67 27.04
C GLY D 153 -11.23 20.44 27.70
N PHE D 154 -10.13 19.91 27.14
CA PHE D 154 -9.46 18.78 27.77
C PHE D 154 -8.97 19.12 29.15
N MET D 155 -8.35 20.30 29.31
CA MET D 155 -7.81 20.68 30.61
C MET D 155 -8.91 20.78 31.65
N TRP D 156 -10.00 21.47 31.32
CA TRP D 156 -11.08 21.63 32.29
C TRP D 156 -11.76 20.31 32.60
N TYR D 157 -12.05 19.50 31.57
CA TYR D 157 -12.72 18.22 31.80
C TYR D 157 -11.87 17.30 32.66
N THR D 158 -10.56 17.23 32.37
CA THR D 158 -9.70 16.36 33.15
C THR D 158 -9.48 16.89 34.56
N GLN D 159 -9.45 18.20 34.74
CA GLN D 159 -9.36 18.77 36.08
C GLN D 159 -10.60 18.42 36.89
N GLU D 160 -11.79 18.49 36.28
CA GLU D 160 -13.00 18.09 36.97
C GLU D 160 -13.02 16.60 37.27
N PHE D 161 -12.50 15.79 36.33
CA PHE D 161 -12.43 14.34 36.55
C PHE D 161 -11.53 14.04 37.76
N GLY D 162 -10.32 14.59 37.75
CA GLY D 162 -9.37 14.29 38.82
C GLY D 162 -9.81 14.75 40.20
N TYR D 163 -10.64 15.77 40.28
CA TYR D 163 -11.15 16.24 41.57
C TYR D 163 -12.39 15.49 42.02
N LYS D 164 -13.25 15.07 41.09
CA LYS D 164 -14.43 14.29 41.46
C LYS D 164 -14.04 12.92 41.98
N ALA D 165 -13.13 12.25 41.29
CA ALA D 165 -12.67 10.92 41.69
C ALA D 165 -11.86 11.00 42.98
N GLY D 166 -10.77 11.76 42.95
CA GLY D 166 -9.91 11.90 44.12
C GLY D 166 -8.89 10.80 44.25
N SER D 167 -8.72 10.27 45.46
CA SER D 167 -7.78 9.17 45.68
C SER D 167 -8.30 7.89 45.04
N LYS D 168 -9.58 7.90 44.64
CA LYS D 168 -10.18 6.77 43.94
C LYS D 168 -9.58 6.54 42.55
N ILE D 169 -8.86 7.53 42.01
CA ILE D 169 -8.31 7.42 40.67
C ILE D 169 -7.30 6.29 40.57
N THR D 170 -6.74 5.84 41.72
CA THR D 170 -5.82 4.72 41.69
C THR D 170 -6.48 3.46 41.15
N ASP D 171 -7.79 3.33 41.38
CA ASP D 171 -8.57 2.28 40.75
C ASP D 171 -8.69 2.55 39.26
N ASP D 172 -8.97 3.81 38.90
CA ASP D 172 -9.05 4.18 37.50
C ASP D 172 -7.67 4.14 36.84
N LEU D 173 -6.61 4.28 37.63
CA LEU D 173 -5.26 4.12 37.10
C LEU D 173 -5.04 2.72 36.57
N SER D 174 -5.63 1.72 37.24
CA SER D 174 -5.54 0.33 36.79
C SER D 174 -6.74 -0.03 35.92
N GLY D 175 -6.81 0.63 34.76
CA GLY D 175 -7.88 0.41 33.81
C GLY D 175 -7.66 -0.85 33.00
N GLY D 176 -8.63 -1.12 32.13
CA GLY D 176 -9.81 -0.30 31.95
C GLY D 176 -9.69 0.63 30.75
N LEU D 177 -10.32 1.80 30.85
CA LEU D 177 -10.23 2.80 29.80
C LEU D 177 -8.79 3.30 29.66
N LEU D 178 -8.11 3.50 30.79
CA LEU D 178 -6.73 4.00 30.75
C LEU D 178 -5.76 3.01 30.14
N GLN D 179 -6.13 1.73 30.00
CA GLN D 179 -5.27 0.76 29.34
C GLN D 179 -5.52 0.68 27.83
N ASP D 180 -6.77 0.79 27.38
CA ASP D 180 -7.04 0.87 25.94
C ASP D 180 -6.52 2.18 25.36
N ILE D 181 -6.64 3.28 26.10
CA ILE D 181 -6.11 4.55 25.63
C ILE D 181 -4.60 4.48 25.52
N THR D 182 -3.94 3.97 26.56
CA THR D 182 -2.48 3.88 26.55
C THR D 182 -1.96 2.93 25.49
N LYS D 183 -2.78 2.00 25.00
CA LYS D 183 -2.38 1.09 23.94
C LYS D 183 -2.65 1.62 22.55
N GLY D 184 -3.83 2.19 22.32
CA GLY D 184 -4.10 2.82 21.04
C GLY D 184 -3.18 4.01 20.79
N ALA D 185 -2.96 4.83 21.82
CA ALA D 185 -2.02 5.93 21.69
C ALA D 185 -0.62 5.43 21.42
N SER D 186 -0.22 4.33 22.08
CA SER D 186 1.10 3.77 21.81
C SER D 186 1.23 3.31 20.37
N ILE D 187 0.22 2.64 19.84
CA ILE D 187 0.27 2.16 18.46
C ILE D 187 0.36 3.34 17.49
N LEU D 188 -0.54 4.31 17.65
CA LEU D 188 -0.57 5.46 16.76
C LEU D 188 0.72 6.27 16.86
N GLY D 189 1.22 6.46 18.08
CA GLY D 189 2.44 7.21 18.27
C GLY D 189 3.65 6.52 17.68
N MET D 190 3.74 5.19 17.82
CA MET D 190 4.83 4.47 17.19
C MET D 190 4.78 4.60 15.68
N PHE D 191 3.58 4.47 15.09
CA PHE D 191 3.43 4.66 13.66
C PHE D 191 3.91 6.04 13.21
N VAL D 192 3.39 7.08 13.87
CA VAL D 192 3.70 8.45 13.44
C VAL D 192 5.16 8.79 13.71
N LEU D 193 5.71 8.32 14.83
CA LEU D 193 7.12 8.59 15.14
C LEU D 193 8.05 7.89 14.16
N ALA D 194 7.72 6.66 13.75
CA ALA D 194 8.51 6.01 12.73
C ALA D 194 8.45 6.78 11.41
N ALA D 195 7.26 7.26 11.05
CA ALA D 195 7.15 8.06 9.82
C ALA D 195 7.98 9.34 9.92
N LEU D 196 7.94 10.00 11.07
CA LEU D 196 8.71 11.23 11.26
C LEU D 196 10.21 10.96 11.22
N VAL D 197 10.65 9.87 11.85
CA VAL D 197 12.06 9.50 11.80
C VAL D 197 12.50 9.25 10.37
N GLN D 198 11.65 8.58 9.58
CA GLN D 198 11.97 8.36 8.17
C GLN D 198 12.06 9.68 7.42
N ARG D 199 11.13 10.60 7.68
CA ARG D 199 10.98 11.78 6.83
C ARG D 199 11.64 13.04 7.37
N TRP D 200 11.72 13.22 8.69
CA TRP D 200 12.14 14.49 9.27
C TRP D 200 13.59 14.51 9.73
N VAL D 201 14.35 13.44 9.48
CA VAL D 201 15.76 13.38 9.87
C VAL D 201 16.58 13.29 8.60
N ASN D 202 17.47 14.26 8.39
CA ASN D 202 18.28 14.37 7.19
C ASN D 202 19.73 14.04 7.54
N ILE D 203 20.21 12.87 7.12
CA ILE D 203 21.59 12.46 7.32
C ILE D 203 22.20 12.15 5.95
N GLN D 204 21.78 12.89 4.93
CA GLN D 204 22.27 12.67 3.58
C GLN D 204 23.79 12.80 3.52
N PHE D 205 24.45 11.75 3.02
CA PHE D 205 25.89 11.74 2.82
C PHE D 205 26.22 12.26 1.43
N ALA D 206 27.48 12.62 1.21
CA ALA D 206 27.96 13.01 -0.11
C ALA D 206 29.43 12.65 -0.32
N PRO D 207 29.80 11.36 -0.14
CA PRO D 207 31.03 10.88 -0.79
C PRO D 207 30.71 10.19 -2.11
N ILE D 208 31.65 10.18 -3.05
CA ILE D 208 31.44 9.58 -4.37
C ILE D 208 32.23 8.28 -4.42
N ILE D 209 31.53 7.18 -4.70
CA ILE D 209 32.17 5.87 -4.69
C ILE D 209 33.04 5.68 -5.93
N SER D 210 32.46 5.94 -7.11
CA SER D 210 33.19 5.70 -8.35
C SER D 210 32.57 6.51 -9.48
N LYS D 211 33.38 6.75 -10.50
CA LYS D 211 32.96 7.44 -11.72
C LYS D 211 33.28 6.51 -12.89
N VAL D 212 32.24 5.91 -13.47
CA VAL D 212 32.40 4.80 -14.41
C VAL D 212 32.04 5.28 -15.80
N LYS D 213 32.89 4.95 -16.77
CA LYS D 213 32.61 5.22 -18.18
C LYS D 213 31.75 4.07 -18.71
N LEU D 214 30.50 4.37 -19.06
CA LEU D 214 29.56 3.35 -19.48
C LEU D 214 29.92 2.80 -20.85
N ASP D 215 29.40 1.61 -21.14
CA ASP D 215 29.61 0.98 -22.44
C ASP D 215 28.85 1.73 -23.52
N GLU D 216 29.27 1.52 -24.76
CA GLU D 216 28.70 2.28 -25.87
C GLU D 216 27.36 1.69 -26.31
N GLY D 217 26.47 1.51 -25.35
CA GLY D 217 25.10 1.13 -25.63
C GLY D 217 24.15 1.72 -24.61
N ALA D 218 24.69 2.57 -23.73
CA ALA D 218 23.95 3.09 -22.59
C ALA D 218 23.71 4.59 -22.63
N TYR D 219 24.64 5.38 -23.17
CA TYR D 219 24.43 6.81 -23.23
C TYR D 219 23.78 7.21 -24.54
N ILE D 220 23.23 8.42 -24.56
CA ILE D 220 22.49 8.91 -25.72
C ILE D 220 23.42 9.25 -26.88
N ASP D 221 24.72 9.46 -26.60
CA ASP D 221 25.72 9.73 -27.63
C ASP D 221 25.32 10.99 -28.41
N TRP D 222 25.48 12.12 -27.72
CA TRP D 222 25.10 13.41 -28.29
C TRP D 222 26.12 13.87 -29.32
N SER D 223 26.46 12.99 -30.26
CA SER D 223 27.27 13.32 -31.43
C SER D 223 26.73 12.76 -32.73
N HIS D 224 25.93 11.70 -32.70
CA HIS D 224 25.32 11.11 -33.88
C HIS D 224 23.80 11.34 -33.91
N LEU D 225 23.31 12.22 -33.03
CA LEU D 225 21.91 12.58 -32.88
C LEU D 225 21.46 13.43 -34.07
N PRO D 226 20.19 13.31 -34.46
CA PRO D 226 19.67 14.19 -35.53
C PRO D 226 19.54 15.63 -35.07
N GLN D 227 19.04 16.50 -35.95
CA GLN D 227 18.96 17.92 -35.66
C GLN D 227 17.56 18.42 -35.97
N GLY D 228 17.26 19.61 -35.47
CA GLY D 228 16.02 20.29 -35.78
C GLY D 228 14.77 19.58 -35.33
N ALA D 229 14.59 19.44 -34.02
CA ALA D 229 13.40 18.87 -33.39
C ALA D 229 13.27 17.38 -33.69
N GLN D 230 14.18 16.83 -34.49
CA GLN D 230 14.29 15.38 -34.63
C GLN D 230 15.25 14.83 -33.60
N GLY D 231 16.33 15.57 -33.32
CA GLY D 231 17.23 15.24 -32.25
C GLY D 231 16.56 15.28 -30.90
N ILE D 232 15.69 16.28 -30.71
CA ILE D 232 14.93 16.38 -29.46
C ILE D 232 14.09 15.12 -29.26
N LYS D 233 13.37 14.72 -30.31
CA LYS D 233 12.52 13.54 -30.21
C LYS D 233 13.36 12.29 -29.97
N THR D 234 14.47 12.15 -30.69
CA THR D 234 15.32 10.96 -30.53
C THR D 234 15.85 10.88 -29.11
N ALA D 235 16.34 12.00 -28.57
CA ALA D 235 16.86 12.02 -27.23
C ALA D 235 15.78 11.70 -26.21
N LEU D 236 14.57 12.25 -26.40
CA LEU D 236 13.50 11.99 -25.44
C LEU D 236 13.07 10.53 -25.46
N GLN D 237 12.94 9.94 -26.65
CA GLN D 237 12.60 8.52 -26.71
C GLN D 237 13.70 7.65 -26.13
N GLN D 238 14.97 8.00 -26.38
CA GLN D 238 16.06 7.23 -25.81
C GLN D 238 16.07 7.31 -24.29
N GLN D 239 15.82 8.51 -23.75
CA GLN D 239 15.73 8.65 -22.29
C GLN D 239 14.57 7.86 -21.71
N GLN D 240 13.41 7.91 -22.38
CA GLN D 240 12.26 7.14 -21.92
C GLN D 240 12.53 5.64 -21.99
N ALA D 241 13.31 5.19 -22.97
CA ALA D 241 13.62 3.77 -23.08
C ALA D 241 14.44 3.29 -21.89
N GLY D 242 15.38 4.10 -21.43
CA GLY D 242 16.19 3.75 -20.28
C GLY D 242 17.66 4.06 -20.45
N LEU D 243 18.02 4.68 -21.57
CA LEU D 243 19.42 5.01 -21.82
C LEU D 243 19.89 6.12 -20.89
N ALA D 244 21.16 6.05 -20.49
CA ALA D 244 21.72 7.03 -19.57
C ALA D 244 21.86 8.39 -20.23
N LEU D 245 21.65 9.44 -19.43
CA LEU D 245 21.80 10.80 -19.95
C LEU D 245 23.26 11.11 -20.28
N SER D 246 24.19 10.69 -19.43
CA SER D 246 25.60 10.99 -19.60
C SER D 246 26.40 9.69 -19.69
N GLU D 247 27.54 9.78 -20.39
CA GLU D 247 28.39 8.61 -20.57
C GLU D 247 29.09 8.18 -19.29
N ILE D 248 29.27 9.08 -18.34
CA ILE D 248 29.92 8.78 -17.07
C ILE D 248 28.84 8.53 -16.04
N LYS D 249 28.88 7.38 -15.38
CA LYS D 249 27.92 7.01 -14.36
C LYS D 249 28.53 7.26 -12.99
N VAL D 250 27.84 8.06 -12.18
CA VAL D 250 28.33 8.47 -10.87
C VAL D 250 27.55 7.72 -9.80
N THR D 251 28.25 7.02 -8.92
CA THR D 251 27.64 6.24 -7.85
C THR D 251 27.97 6.84 -6.51
N THR D 252 26.95 7.13 -5.72
CA THR D 252 27.09 7.78 -4.42
C THR D 252 26.86 6.78 -3.30
N LEU D 253 27.47 7.05 -2.14
CA LEU D 253 27.23 6.22 -0.97
C LEU D 253 25.77 6.29 -0.52
N GLN D 254 25.15 7.47 -0.66
CA GLN D 254 23.73 7.60 -0.30
C GLN D 254 22.86 6.71 -1.18
N ASN D 255 23.17 6.63 -2.48
CA ASN D 255 22.41 5.77 -3.37
C ASN D 255 22.56 4.31 -2.98
N ASN D 256 23.77 3.89 -2.61
CA ASN D 256 23.98 2.50 -2.19
C ASN D 256 23.25 2.21 -0.88
N LEU D 257 23.22 3.19 0.03
CA LEU D 257 22.51 2.99 1.28
C LEU D 257 21.00 2.93 1.09
N ASP D 258 20.46 3.70 0.14
CA ASP D 258 19.04 3.65 -0.14
C ASP D 258 18.63 2.36 -0.84
N ASN D 259 19.58 1.56 -1.31
CA ASN D 259 19.22 0.29 -1.94
C ASN D 259 18.76 -0.73 -0.92
N LEU D 260 19.19 -0.61 0.33
CA LEU D 260 18.64 -1.44 1.40
C LEU D 260 17.26 -0.96 1.79
N ILE D 261 17.18 0.26 2.30
CA ILE D 261 15.92 0.89 2.73
C ILE D 261 16.21 2.37 2.95
N PRO D 262 15.38 3.27 2.44
CA PRO D 262 15.61 4.69 2.69
C PRO D 262 15.51 5.02 4.17
N GLY D 263 16.30 6.00 4.61
CA GLY D 263 16.30 6.41 6.00
C GLY D 263 16.97 5.45 6.95
N LEU D 264 17.91 4.64 6.45
CA LEU D 264 18.63 3.72 7.33
C LEU D 264 19.50 4.48 8.32
N ALA D 265 20.18 5.54 7.88
CA ALA D 265 20.99 6.34 8.78
C ALA D 265 20.14 6.98 9.86
N ALA D 266 18.95 7.45 9.49
CA ALA D 266 18.07 8.11 10.46
C ALA D 266 17.64 7.14 11.57
N VAL D 267 17.22 5.93 11.20
CA VAL D 267 16.78 4.98 12.21
C VAL D 267 17.96 4.49 13.04
N ALA D 268 19.13 4.31 12.42
CA ALA D 268 20.31 3.93 13.19
C ALA D 268 20.66 5.01 14.21
N LEU D 269 20.64 6.27 13.80
CA LEU D 269 20.94 7.37 14.72
C LEU D 269 19.90 7.46 15.83
N THR D 270 18.62 7.27 15.51
CA THR D 270 17.61 7.35 16.54
C THR D 270 17.73 6.20 17.54
N PHE D 271 18.12 5.00 17.07
CA PHE D 271 18.33 3.89 18.01
C PHE D 271 19.56 4.14 18.87
N LEU D 272 20.61 4.73 18.30
CA LEU D 272 21.76 5.12 19.10
C LEU D 272 21.36 6.13 20.17
N CYS D 273 20.49 7.08 19.81
CA CYS D 273 20.02 8.07 20.76
C CYS D 273 19.19 7.43 21.87
N MET D 274 18.33 6.47 21.52
CA MET D 274 17.59 5.74 22.56
C MET D 274 18.52 5.01 23.50
N TRP D 275 19.54 4.34 22.95
CA TRP D 275 20.47 3.62 23.81
C TRP D 275 21.21 4.57 24.75
N LEU D 276 21.67 5.72 24.22
CA LEU D 276 22.35 6.70 25.06
C LEU D 276 21.42 7.26 26.13
N LEU D 277 20.16 7.54 25.77
CA LEU D 277 19.23 8.09 26.74
C LEU D 277 18.92 7.09 27.85
N LYS D 278 18.82 5.80 27.51
CA LYS D 278 18.63 4.79 28.54
C LYS D 278 19.82 4.68 29.48
N LYS D 279 20.99 5.14 29.06
CA LYS D 279 22.18 5.15 29.91
C LYS D 279 22.21 6.33 30.87
N LYS D 280 21.08 7.04 31.01
CA LYS D 280 20.98 8.22 31.88
C LYS D 280 22.00 9.29 31.47
N ILE D 281 21.87 9.75 30.23
CA ILE D 281 22.69 10.81 29.67
C ILE D 281 21.76 11.96 29.30
N SER D 282 22.12 13.17 29.73
CA SER D 282 21.25 14.31 29.52
C SER D 282 21.10 14.61 28.02
N PRO D 283 19.89 14.93 27.57
CA PRO D 283 19.70 15.23 26.14
C PRO D 283 20.46 16.45 25.66
N ILE D 284 20.86 17.35 26.55
CA ILE D 284 21.66 18.51 26.15
C ILE D 284 23.00 18.05 25.61
N ILE D 285 23.63 17.10 26.30
CA ILE D 285 24.92 16.56 25.84
C ILE D 285 24.75 15.88 24.50
N ILE D 286 23.64 15.15 24.32
CA ILE D 286 23.41 14.45 23.06
C ILE D 286 23.20 15.43 21.92
N ILE D 287 22.47 16.52 22.15
CA ILE D 287 22.24 17.51 21.11
C ILE D 287 23.54 18.20 20.74
N LEU D 288 24.33 18.60 21.73
CA LEU D 288 25.62 19.23 21.44
C LEU D 288 26.54 18.27 20.69
N GLY D 289 26.55 17.00 21.10
CA GLY D 289 27.33 16.02 20.38
C GLY D 289 26.85 15.82 18.96
N LEU D 290 25.54 15.90 18.74
CA LEU D 290 25.01 15.79 17.38
C LEU D 290 25.50 16.93 16.51
N PHE D 291 25.48 18.15 17.04
CA PHE D 291 26.03 19.27 16.28
C PHE D 291 27.52 19.06 16.00
N VAL D 292 28.26 18.57 16.99
CA VAL D 292 29.69 18.33 16.83
C VAL D 292 29.95 17.29 15.74
N VAL D 293 29.22 16.17 15.77
CA VAL D 293 29.48 15.12 14.79
C VAL D 293 29.06 15.58 13.40
N GLY D 294 28.00 16.38 13.30
CA GLY D 294 27.67 16.98 12.01
C GLY D 294 28.80 17.83 11.47
N ILE D 295 29.37 18.67 12.33
CA ILE D 295 30.47 19.54 11.88
C ILE D 295 31.67 18.69 11.43
N VAL D 296 32.06 17.71 12.26
CA VAL D 296 33.25 16.94 11.92
C VAL D 296 33.01 16.06 10.70
N GLY D 297 31.78 15.56 10.52
CA GLY D 297 31.48 14.80 9.32
C GLY D 297 31.52 15.66 8.08
N HIS D 298 31.10 16.93 8.18
CA HIS D 298 31.29 17.84 7.07
C HIS D 298 32.76 18.07 6.79
N LEU D 299 33.58 18.18 7.84
CA LEU D 299 35.01 18.41 7.66
C LEU D 299 35.68 17.25 6.92
N ILE D 300 35.37 16.02 7.32
CA ILE D 300 36.03 14.85 6.74
C ILE D 300 35.39 14.40 5.45
N GLY D 301 34.38 15.12 4.95
CA GLY D 301 33.73 14.77 3.70
C GLY D 301 32.65 13.72 3.82
N LEU D 302 32.42 13.17 5.01
CA LEU D 302 31.38 12.15 5.17
C LEU D 302 29.99 12.74 4.94
N LEU D 303 29.74 13.94 5.47
CA LEU D 303 28.43 14.57 5.34
C LEU D 303 28.53 15.86 4.53
N GLU E 1 -10.29 20.94 -24.29
CA GLU E 1 -10.37 21.53 -22.95
C GLU E 1 -10.92 20.54 -21.94
N TYR E 2 -12.14 20.06 -22.18
CA TYR E 2 -12.79 19.11 -21.30
C TYR E 2 -13.30 17.92 -22.11
N HIS E 3 -13.24 16.73 -21.51
CA HIS E 3 -13.82 15.53 -22.09
C HIS E 3 -15.24 15.40 -21.56
N LEU E 4 -16.23 15.68 -22.41
CA LEU E 4 -17.62 15.64 -21.98
C LEU E 4 -18.06 14.25 -21.53
N MET E 5 -17.46 13.19 -22.07
CA MET E 5 -17.83 11.83 -21.74
C MET E 5 -16.81 10.87 -22.33
N ASN E 6 -16.60 9.72 -21.68
CA ASN E 6 -15.68 8.70 -22.18
C ASN E 6 -16.38 7.35 -22.17
N GLY E 7 -16.36 6.68 -23.32
CA GLY E 7 -16.91 5.34 -23.44
C GLY E 7 -15.85 4.29 -23.18
N ALA E 8 -16.13 3.08 -23.65
CA ALA E 8 -15.16 2.00 -23.55
C ALA E 8 -13.89 2.33 -24.32
N ASN E 9 -14.04 2.90 -25.51
CA ASN E 9 -12.92 3.37 -26.32
C ASN E 9 -13.08 4.85 -26.59
N GLY E 10 -12.07 5.62 -26.26
CA GLY E 10 -12.07 7.03 -26.59
C GLY E 10 -12.97 7.87 -25.71
N TYR E 11 -13.35 9.04 -26.26
CA TYR E 11 -14.03 10.07 -25.51
C TYR E 11 -14.65 11.08 -26.47
N LEU E 12 -15.52 11.92 -25.93
CA LEU E 12 -16.30 12.88 -26.71
C LEU E 12 -16.04 14.29 -26.23
N THR E 13 -15.77 15.21 -27.17
CA THR E 13 -15.62 16.63 -26.88
C THR E 13 -16.34 17.44 -27.96
N ARG E 14 -16.13 18.75 -27.93
CA ARG E 14 -16.70 19.69 -28.89
C ARG E 14 -15.56 20.49 -29.51
N VAL E 15 -15.46 20.48 -30.83
CA VAL E 15 -14.45 21.24 -31.56
C VAL E 15 -15.16 22.30 -32.38
N ASN E 16 -14.89 23.57 -32.08
CA ASN E 16 -15.54 24.71 -32.74
C ASN E 16 -17.07 24.57 -32.63
N GLY E 17 -17.54 24.10 -31.48
CA GLY E 17 -18.94 23.83 -31.27
C GLY E 17 -19.40 22.47 -31.76
N LYS E 18 -18.84 21.99 -32.86
CA LYS E 18 -19.24 20.70 -33.41
C LYS E 18 -18.82 19.56 -32.50
N TYR E 19 -19.70 18.58 -32.32
CA TYR E 19 -19.39 17.42 -31.50
C TYR E 19 -18.57 16.41 -32.30
N VAL E 20 -17.47 15.96 -31.72
CA VAL E 20 -16.62 14.94 -32.32
C VAL E 20 -16.37 13.84 -31.31
N TYR E 21 -16.29 12.60 -31.79
CA TYR E 21 -15.93 11.46 -30.97
C TYR E 21 -14.59 10.92 -31.47
N ARG E 22 -13.60 10.88 -30.58
CA ARG E 22 -12.27 10.38 -30.91
C ARG E 22 -12.07 9.05 -30.21
N VAL E 23 -11.73 8.02 -30.98
CA VAL E 23 -11.43 6.70 -30.43
C VAL E 23 -9.93 6.61 -30.23
N THR E 24 -9.51 6.30 -29.01
CA THR E 24 -8.10 6.22 -28.66
C THR E 24 -7.71 4.86 -28.09
N LYS E 25 -8.53 3.83 -28.31
CA LYS E 25 -8.25 2.51 -27.76
C LYS E 25 -8.64 1.44 -28.77
N ASP E 26 -7.79 0.41 -28.87
CA ASP E 26 -8.09 -0.75 -29.68
C ASP E 26 -9.23 -1.54 -29.04
N PRO E 27 -10.03 -2.25 -29.85
CA PRO E 27 -11.13 -3.03 -29.26
C PRO E 27 -10.71 -3.99 -28.16
N VAL E 28 -9.58 -4.69 -28.33
CA VAL E 28 -9.12 -5.57 -27.26
C VAL E 28 -8.65 -4.76 -26.07
N SER E 29 -8.04 -3.60 -26.30
CA SER E 29 -7.67 -2.72 -25.20
C SER E 29 -8.90 -2.17 -24.50
N ALA E 30 -9.95 -1.85 -25.26
CA ALA E 30 -11.20 -1.40 -24.66
C ALA E 30 -11.81 -2.49 -23.80
N VAL E 31 -11.78 -3.75 -24.28
CA VAL E 31 -12.32 -4.86 -23.49
C VAL E 31 -11.50 -5.05 -22.22
N PHE E 32 -10.18 -4.94 -22.34
CA PHE E 32 -9.32 -5.06 -21.16
C PHE E 32 -9.64 -3.98 -20.14
N GLY E 33 -9.84 -2.74 -20.61
CA GLY E 33 -10.20 -1.67 -19.69
C GLY E 33 -11.55 -1.88 -19.04
N VAL E 34 -12.53 -2.36 -19.82
CA VAL E 34 -13.85 -2.62 -19.25
C VAL E 34 -13.76 -3.70 -18.18
N ILE E 35 -13.02 -4.78 -18.46
CA ILE E 35 -12.88 -5.86 -17.50
C ILE E 35 -12.16 -5.38 -16.25
N SER E 36 -11.10 -4.57 -16.43
CA SER E 36 -10.34 -4.06 -15.29
C SER E 36 -11.22 -3.19 -14.40
N ASN E 37 -12.00 -2.29 -15.01
CA ASN E 37 -12.88 -1.43 -14.22
C ASN E 37 -13.99 -2.25 -13.55
N GLY E 38 -14.52 -3.25 -14.25
CA GLY E 38 -15.60 -4.04 -13.67
C GLY E 38 -15.16 -4.88 -12.49
N TRP E 39 -14.01 -5.54 -12.62
CA TRP E 39 -13.51 -6.38 -11.54
C TRP E 39 -12.75 -5.61 -10.47
N GLY E 40 -12.37 -4.37 -10.75
CA GLY E 40 -11.80 -3.51 -9.74
C GLY E 40 -12.82 -2.81 -8.86
N SER E 41 -14.09 -2.85 -9.26
CA SER E 41 -15.18 -2.32 -8.46
C SER E 41 -16.11 -3.42 -7.95
N ALA E 42 -15.75 -4.69 -8.16
CA ALA E 42 -16.61 -5.78 -7.73
C ALA E 42 -16.66 -5.88 -6.21
N GLY E 43 -15.57 -5.50 -5.55
CA GLY E 43 -15.54 -5.56 -4.10
C GLY E 43 -16.56 -4.65 -3.44
N ALA E 44 -16.92 -3.54 -4.11
CA ALA E 44 -17.93 -2.64 -3.59
C ALA E 44 -19.31 -3.28 -3.54
N GLY E 45 -19.51 -4.40 -4.21
CA GLY E 45 -20.74 -5.17 -4.13
C GLY E 45 -20.79 -6.00 -2.87
N PHE E 46 -21.56 -7.09 -2.94
CA PHE E 46 -21.76 -8.05 -1.86
C PHE E 46 -22.45 -7.43 -0.65
N GLY E 47 -22.88 -6.18 -0.72
CA GLY E 47 -23.45 -5.50 0.43
C GLY E 47 -24.87 -5.92 0.71
N PRO E 48 -25.43 -5.39 1.80
CA PRO E 48 -26.79 -5.77 2.21
C PRO E 48 -27.88 -5.44 1.20
N GLN E 49 -27.65 -4.46 0.32
CA GLN E 49 -28.68 -3.97 -0.60
C GLN E 49 -29.93 -3.58 0.18
N HIS E 50 -29.81 -2.55 1.01
CA HIS E 50 -30.89 -2.11 1.90
C HIS E 50 -31.26 -3.23 2.87
N MET F 1 -39.61 5.98 -44.49
CA MET F 1 -40.36 6.69 -45.54
C MET F 1 -41.77 6.13 -45.66
N SER F 2 -41.87 4.86 -46.06
CA SER F 2 -43.16 4.22 -46.19
C SER F 2 -43.82 4.04 -44.82
N VAL F 3 -45.15 3.95 -44.83
CA VAL F 3 -45.90 3.88 -43.58
C VAL F 3 -45.56 2.60 -42.82
N ILE F 4 -45.57 1.46 -43.51
CA ILE F 4 -45.31 0.18 -42.87
C ILE F 4 -43.96 0.19 -42.18
N SER F 5 -42.96 0.81 -42.82
CA SER F 5 -41.68 1.01 -42.17
C SER F 5 -41.81 1.85 -40.91
N ILE F 6 -42.76 2.78 -40.89
CA ILE F 6 -42.95 3.62 -39.71
C ILE F 6 -43.50 2.79 -38.54
N ILE F 7 -44.51 1.96 -38.79
CA ILE F 7 -44.99 1.11 -37.70
C ILE F 7 -43.90 0.12 -37.28
N LEU F 8 -43.11 -0.39 -38.22
CA LEU F 8 -42.06 -1.32 -37.85
C LEU F 8 -41.01 -0.65 -36.98
N VAL F 9 -40.63 0.58 -37.31
CA VAL F 9 -39.64 1.31 -36.52
C VAL F 9 -40.20 1.61 -35.13
N VAL F 10 -41.48 1.99 -35.06
CA VAL F 10 -42.09 2.27 -33.76
C VAL F 10 -42.12 1.01 -32.91
N LEU F 11 -42.46 -0.13 -33.50
CA LEU F 11 -42.49 -1.39 -32.76
C LEU F 11 -41.10 -1.78 -32.29
N ILE F 12 -40.09 -1.60 -33.13
CA ILE F 12 -38.71 -1.89 -32.72
C ILE F 12 -38.31 -1.00 -31.55
N ALA F 13 -38.68 0.29 -31.62
CA ALA F 13 -38.38 1.20 -30.53
C ALA F 13 -39.08 0.77 -29.25
N PHE F 14 -40.33 0.31 -29.35
CA PHE F 14 -41.06 -0.18 -28.18
C PHE F 14 -40.37 -1.39 -27.56
N LEU F 15 -39.93 -2.32 -28.41
CA LEU F 15 -39.20 -3.49 -27.90
C LEU F 15 -37.90 -3.07 -27.22
N ALA F 16 -37.18 -2.12 -27.82
CA ALA F 16 -35.95 -1.63 -27.20
C ALA F 16 -36.24 -0.94 -25.88
N GLY F 17 -37.35 -0.22 -25.79
CA GLY F 17 -37.70 0.44 -24.55
C GLY F 17 -38.01 -0.54 -23.44
N ILE F 18 -38.77 -1.60 -23.75
CA ILE F 18 -39.06 -2.58 -22.71
C ILE F 18 -37.80 -3.34 -22.32
N GLU F 19 -36.91 -3.62 -23.27
CA GLU F 19 -35.72 -4.38 -22.94
C GLU F 19 -34.59 -3.52 -22.37
N GLY F 20 -34.71 -2.20 -22.42
CA GLY F 20 -33.77 -1.36 -21.71
C GLY F 20 -33.88 -1.47 -20.21
N ILE F 21 -35.03 -1.90 -19.71
CA ILE F 21 -35.23 -2.13 -18.28
C ILE F 21 -35.23 -3.63 -18.02
N LEU F 22 -35.70 -4.42 -18.99
CA LEU F 22 -35.72 -5.87 -18.81
C LEU F 22 -34.31 -6.43 -18.76
N ASP F 23 -33.46 -6.05 -19.72
CA ASP F 23 -32.04 -6.43 -19.73
C ASP F 23 -31.85 -7.94 -19.84
N GLU F 24 -32.68 -8.60 -20.64
CA GLU F 24 -32.59 -10.05 -20.82
C GLU F 24 -32.22 -10.44 -22.25
N PHE F 25 -33.01 -10.04 -23.23
CA PHE F 25 -32.74 -10.39 -24.63
C PHE F 25 -31.79 -9.41 -25.30
N GLN F 26 -31.41 -8.33 -24.62
CA GLN F 26 -30.50 -7.31 -25.16
C GLN F 26 -31.05 -6.71 -26.45
N PHE F 27 -32.37 -6.54 -26.51
CA PHE F 27 -32.97 -5.84 -27.64
C PHE F 27 -32.66 -4.35 -27.61
N HIS F 28 -32.24 -3.82 -26.46
CA HIS F 28 -31.85 -2.43 -26.33
C HIS F 28 -30.40 -2.18 -26.71
N GLN F 29 -29.60 -3.23 -26.85
CA GLN F 29 -28.20 -3.04 -27.19
C GLN F 29 -28.07 -2.47 -28.60
N PRO F 30 -27.09 -1.59 -28.85
CA PRO F 30 -26.96 -1.02 -30.20
C PRO F 30 -26.75 -2.06 -31.28
N LEU F 31 -26.01 -3.13 -30.98
CA LEU F 31 -25.72 -4.14 -31.98
C LEU F 31 -26.99 -4.76 -32.55
N ILE F 32 -28.04 -4.84 -31.75
CA ILE F 32 -29.31 -5.42 -32.19
C ILE F 32 -30.30 -4.35 -32.64
N ALA F 33 -30.42 -3.27 -31.86
CA ALA F 33 -31.39 -2.23 -32.19
C ALA F 33 -31.06 -1.56 -33.52
N CYS F 34 -29.79 -1.18 -33.72
CA CYS F 34 -29.40 -0.53 -34.96
C CYS F 34 -29.59 -1.46 -36.15
N THR F 35 -29.23 -2.74 -35.98
CA THR F 35 -29.41 -3.72 -37.05
C THR F 35 -30.88 -3.87 -37.41
N LEU F 36 -31.75 -3.97 -36.41
CA LEU F 36 -33.18 -4.13 -36.68
C LEU F 36 -33.75 -2.92 -37.38
N ILE F 37 -33.38 -1.72 -36.93
CA ILE F 37 -33.88 -0.50 -37.57
C ILE F 37 -33.40 -0.41 -39.01
N GLY F 38 -32.13 -0.71 -39.25
CA GLY F 38 -31.62 -0.71 -40.61
C GLY F 38 -32.30 -1.73 -41.49
N LEU F 39 -32.66 -2.89 -40.91
CA LEU F 39 -33.31 -3.93 -41.69
C LEU F 39 -34.73 -3.54 -42.06
N VAL F 40 -35.49 -2.98 -41.12
CA VAL F 40 -36.89 -2.67 -41.38
C VAL F 40 -37.11 -1.40 -42.19
N THR F 41 -36.10 -0.54 -42.28
CA THR F 41 -36.25 0.75 -42.96
C THR F 41 -35.66 0.77 -44.36
N GLY F 42 -35.22 -0.38 -44.86
CA GLY F 42 -34.53 -0.39 -46.14
C GLY F 42 -33.05 -0.68 -46.01
N ASN F 43 -32.22 0.36 -46.12
CA ASN F 43 -30.77 0.18 -46.05
C ASN F 43 -30.35 -0.49 -44.75
N LEU F 44 -29.87 -1.74 -44.86
CA LEU F 44 -29.48 -2.54 -43.71
C LEU F 44 -27.98 -2.58 -43.49
N THR F 45 -27.20 -2.78 -44.57
CA THR F 45 -25.75 -2.89 -44.42
C THR F 45 -25.13 -1.64 -43.83
N ALA F 46 -25.61 -0.45 -44.22
CA ALA F 46 -25.04 0.80 -43.71
C ALA F 46 -25.29 1.01 -42.23
N CYS F 47 -26.25 0.30 -41.65
CA CYS F 47 -26.56 0.44 -40.23
C CYS F 47 -25.82 -0.57 -39.36
N ILE F 48 -25.21 -1.59 -39.95
CA ILE F 48 -24.46 -2.57 -39.15
C ILE F 48 -23.19 -1.94 -38.58
N ILE F 49 -22.50 -1.12 -39.38
CA ILE F 49 -21.30 -0.45 -38.90
C ILE F 49 -21.66 0.54 -37.79
N LEU F 50 -22.82 1.20 -37.91
CA LEU F 50 -23.26 2.09 -36.86
C LEU F 50 -23.47 1.33 -35.56
N GLY F 51 -24.13 0.18 -35.63
CA GLY F 51 -24.31 -0.65 -34.45
C GLY F 51 -22.99 -1.14 -33.88
N GLY F 52 -22.05 -1.50 -34.76
CA GLY F 52 -20.75 -1.94 -34.28
C GLY F 52 -19.99 -0.85 -33.54
N THR F 53 -19.97 0.35 -34.11
CA THR F 53 -19.28 1.47 -33.45
C THR F 53 -19.95 1.84 -32.14
N LEU F 54 -21.29 1.88 -32.12
CA LEU F 54 -22.00 2.21 -30.90
C LEU F 54 -21.82 1.14 -29.83
N GLN F 55 -21.73 -0.13 -30.22
CA GLN F 55 -21.47 -1.19 -29.25
C GLN F 55 -20.04 -1.14 -28.75
N MET F 56 -19.09 -0.76 -29.62
CA MET F 56 -17.72 -0.56 -29.18
C MET F 56 -17.64 0.54 -28.13
N ILE F 57 -18.40 1.61 -28.33
CA ILE F 57 -18.42 2.69 -27.34
C ILE F 57 -19.15 2.25 -26.07
N ALA F 58 -20.23 1.50 -26.22
CA ALA F 58 -21.19 1.28 -25.13
C ALA F 58 -20.87 0.05 -24.29
N LEU F 59 -19.68 -0.52 -24.42
CA LEU F 59 -19.27 -1.57 -23.49
C LEU F 59 -19.12 -1.00 -22.09
N GLY F 60 -19.44 -1.81 -21.10
CA GLY F 60 -19.41 -1.34 -19.73
C GLY F 60 -20.39 -0.23 -19.44
N TRP F 61 -21.64 -0.40 -19.87
CA TRP F 61 -22.71 0.58 -19.68
C TRP F 61 -23.90 -0.08 -19.00
N ALA F 62 -23.63 -0.79 -17.91
CA ALA F 62 -24.64 -1.57 -17.21
C ALA F 62 -25.05 -0.90 -15.90
N ASN F 63 -26.33 -1.05 -15.56
CA ASN F 63 -26.84 -0.53 -14.30
C ASN F 63 -26.40 -1.41 -13.15
N ILE F 64 -25.89 -0.79 -12.09
CA ILE F 64 -25.34 -1.51 -10.93
C ILE F 64 -26.02 -0.95 -9.68
N GLY F 65 -27.09 -1.60 -9.25
CA GLY F 65 -27.69 -1.30 -7.96
C GLY F 65 -28.17 0.13 -7.78
N ALA F 66 -29.21 0.51 -8.51
CA ALA F 66 -29.78 1.86 -8.47
C ALA F 66 -28.80 2.92 -8.96
N ALA F 67 -27.80 2.52 -9.73
CA ALA F 67 -26.88 3.43 -10.40
C ALA F 67 -27.10 3.23 -11.90
N VAL F 68 -28.08 3.96 -12.45
CA VAL F 68 -28.46 3.77 -13.84
C VAL F 68 -27.32 4.18 -14.77
N ALA F 69 -27.20 3.46 -15.88
CA ALA F 69 -26.17 3.69 -16.88
C ALA F 69 -26.74 4.45 -18.08
N PRO F 70 -25.93 5.31 -18.70
CA PRO F 70 -26.47 6.20 -19.73
C PRO F 70 -26.84 5.48 -21.02
N ASP F 71 -27.88 6.00 -21.67
CA ASP F 71 -28.14 5.77 -23.10
C ASP F 71 -28.13 4.29 -23.47
N ALA F 72 -28.85 3.49 -22.68
CA ALA F 72 -28.94 2.06 -22.98
C ALA F 72 -29.64 1.82 -24.31
N ALA F 73 -30.83 2.39 -24.49
CA ALA F 73 -31.67 2.11 -25.64
C ALA F 73 -31.92 3.31 -26.53
N LEU F 74 -32.12 4.50 -25.95
CA LEU F 74 -32.50 5.65 -26.76
C LEU F 74 -31.41 6.07 -27.71
N ALA F 75 -30.13 5.91 -27.32
CA ALA F 75 -29.04 6.32 -28.19
C ALA F 75 -29.05 5.54 -29.50
N SER F 76 -29.19 4.21 -29.42
CA SER F 76 -29.14 3.39 -30.63
C SER F 76 -30.30 3.70 -31.57
N VAL F 77 -31.52 3.78 -31.03
CA VAL F 77 -32.69 4.04 -31.85
C VAL F 77 -32.60 5.42 -32.48
N ALA F 78 -32.23 6.43 -31.69
CA ALA F 78 -32.14 7.79 -32.22
C ALA F 78 -31.06 7.88 -33.29
N SER F 79 -29.92 7.24 -33.06
CA SER F 79 -28.84 7.28 -34.05
C SER F 79 -29.24 6.60 -35.34
N ALA F 80 -29.90 5.44 -35.25
CA ALA F 80 -30.33 4.76 -36.46
C ALA F 80 -31.36 5.60 -37.23
N ILE F 81 -32.31 6.20 -36.51
CA ILE F 81 -33.31 7.03 -37.17
C ILE F 81 -32.66 8.23 -37.84
N ILE F 82 -31.71 8.87 -37.16
CA ILE F 82 -31.01 10.02 -37.72
C ILE F 82 -30.23 9.60 -38.97
N LEU F 83 -29.54 8.47 -38.89
CA LEU F 83 -28.73 8.00 -40.01
C LEU F 83 -29.60 7.70 -41.23
N VAL F 84 -30.74 7.04 -41.02
CA VAL F 84 -31.58 6.68 -42.15
C VAL F 84 -32.39 7.86 -42.67
N LEU F 85 -32.64 8.88 -41.85
CA LEU F 85 -33.42 10.03 -42.31
C LEU F 85 -32.58 10.97 -43.18
N GLY F 86 -31.31 11.13 -42.84
CA GLY F 86 -30.46 12.08 -43.52
C GLY F 86 -29.64 11.56 -44.67
N GLY F 87 -29.96 10.37 -45.19
CA GLY F 87 -29.15 9.81 -46.26
C GLY F 87 -27.75 9.47 -45.76
N GLN F 88 -26.79 9.52 -46.68
CA GLN F 88 -25.36 9.28 -46.41
C GLN F 88 -25.17 8.10 -45.46
N GLY F 89 -25.61 6.93 -45.91
CA GLY F 89 -25.67 5.77 -45.05
C GLY F 89 -24.33 5.41 -44.42
N VAL F 90 -23.26 5.43 -45.21
CA VAL F 90 -21.94 5.06 -44.70
C VAL F 90 -21.10 6.28 -44.32
N ALA F 91 -21.48 7.49 -44.75
CA ALA F 91 -20.71 8.68 -44.43
C ALA F 91 -21.23 9.41 -43.21
N GLY F 92 -22.50 9.26 -42.87
CA GLY F 92 -23.09 9.92 -41.72
C GLY F 92 -22.93 9.19 -40.40
N ILE F 93 -22.20 8.08 -40.38
CA ILE F 93 -22.01 7.34 -39.14
C ILE F 93 -21.29 8.18 -38.07
N PRO F 94 -20.19 8.89 -38.37
CA PRO F 94 -19.57 9.70 -37.31
C PRO F 94 -20.49 10.76 -36.72
N SER F 95 -21.32 11.39 -37.54
CA SER F 95 -22.29 12.36 -37.02
C SER F 95 -23.32 11.67 -36.12
N ALA F 96 -23.78 10.50 -36.52
CA ALA F 96 -24.73 9.75 -35.70
C ALA F 96 -24.11 9.40 -34.36
N ILE F 97 -22.84 9.00 -34.35
CA ILE F 97 -22.15 8.67 -33.10
C ILE F 97 -21.99 9.92 -32.23
N ALA F 98 -21.58 11.04 -32.84
CA ALA F 98 -21.39 12.27 -32.10
C ALA F 98 -22.70 12.86 -31.59
N ILE F 99 -23.82 12.41 -32.14
CA ILE F 99 -25.12 12.76 -31.55
C ILE F 99 -25.56 11.73 -30.51
N ALA F 100 -25.17 10.46 -30.69
CA ALA F 100 -25.55 9.41 -29.74
C ALA F 100 -24.91 9.64 -28.38
N ILE F 101 -23.62 9.95 -28.36
CA ILE F 101 -22.91 10.05 -27.08
C ILE F 101 -23.51 11.12 -26.17
N PRO F 102 -23.83 12.34 -26.64
CA PRO F 102 -24.41 13.34 -25.73
C PRO F 102 -25.91 13.18 -25.54
N LEU F 103 -26.46 12.05 -25.95
CA LEU F 103 -27.88 11.82 -25.71
C LEU F 103 -28.16 11.36 -24.29
N ALA F 104 -27.15 11.37 -23.42
CA ALA F 104 -27.38 11.04 -22.02
C ALA F 104 -28.35 12.03 -21.37
N VAL F 105 -28.18 13.33 -21.68
CA VAL F 105 -29.04 14.37 -21.14
C VAL F 105 -30.50 14.17 -21.52
N ALA F 106 -30.78 13.30 -22.50
CA ALA F 106 -32.15 13.00 -22.89
C ALA F 106 -32.57 11.57 -22.56
N GLY F 107 -31.62 10.68 -22.28
CA GLY F 107 -31.97 9.31 -21.97
C GLY F 107 -31.90 8.93 -20.51
N LEU F 108 -30.83 9.34 -19.82
CA LEU F 108 -30.63 8.93 -18.43
C LEU F 108 -31.70 9.54 -17.52
N PHE F 109 -31.89 10.86 -17.61
CA PHE F 109 -32.94 11.48 -16.83
C PHE F 109 -34.32 11.00 -17.28
N LEU F 110 -34.49 10.72 -18.58
CA LEU F 110 -35.78 10.26 -19.07
C LEU F 110 -36.16 8.93 -18.45
N THR F 111 -35.21 7.99 -18.37
CA THR F 111 -35.52 6.72 -17.72
C THR F 111 -35.60 6.88 -16.21
N MET F 112 -34.87 7.84 -15.64
CA MET F 112 -34.93 8.07 -14.21
C MET F 112 -36.30 8.55 -13.78
N ILE F 113 -36.95 9.38 -14.61
CA ILE F 113 -38.29 9.87 -14.26
C ILE F 113 -39.29 8.71 -14.16
N VAL F 114 -39.34 7.86 -15.19
CA VAL F 114 -40.27 6.74 -15.17
C VAL F 114 -39.90 5.76 -14.06
N ARG F 115 -38.60 5.57 -13.84
CA ARG F 115 -38.14 4.69 -12.78
C ARG F 115 -38.62 5.18 -11.41
N THR F 116 -38.55 6.49 -11.18
CA THR F 116 -39.03 7.06 -9.92
C THR F 116 -40.56 6.95 -9.82
N LEU F 117 -41.27 7.25 -10.89
CA LEU F 117 -42.72 7.33 -10.83
C LEU F 117 -43.41 5.98 -10.94
N ALA F 118 -42.65 4.89 -11.00
CA ALA F 118 -43.22 3.55 -10.92
C ALA F 118 -43.55 3.13 -9.50
N VAL F 119 -43.18 3.93 -8.50
CA VAL F 119 -43.50 3.59 -7.11
C VAL F 119 -45.00 3.54 -6.85
N PRO F 120 -45.80 4.51 -7.27
CA PRO F 120 -47.26 4.38 -7.07
C PRO F 120 -47.86 3.17 -7.75
N ILE F 121 -47.24 2.67 -8.82
CA ILE F 121 -47.72 1.44 -9.45
C ILE F 121 -47.63 0.28 -8.47
N VAL F 122 -46.49 0.16 -7.77
CA VAL F 122 -46.32 -0.90 -6.80
C VAL F 122 -47.19 -0.64 -5.55
N HIS F 123 -47.42 0.62 -5.21
CA HIS F 123 -48.35 0.91 -4.12
C HIS F 123 -49.75 0.41 -4.45
N LEU F 124 -50.21 0.68 -5.67
CA LEU F 124 -51.50 0.16 -6.12
C LEU F 124 -51.48 -1.36 -6.18
N MET F 125 -50.34 -1.94 -6.55
CA MET F 125 -50.21 -3.40 -6.54
C MET F 125 -50.40 -3.97 -5.14
N ASP F 126 -49.78 -3.35 -4.15
CA ASP F 126 -49.93 -3.80 -2.77
C ASP F 126 -51.38 -3.63 -2.31
N ARG F 127 -52.00 -2.49 -2.65
CA ARG F 127 -53.39 -2.27 -2.25
C ARG F 127 -54.32 -3.29 -2.88
N ALA F 128 -54.10 -3.64 -4.15
CA ALA F 128 -54.94 -4.62 -4.82
C ALA F 128 -54.67 -6.04 -4.33
N ALA F 129 -53.43 -6.34 -3.96
CA ALA F 129 -53.09 -7.64 -3.40
C ALA F 129 -53.56 -7.81 -1.96
N GLU F 130 -53.89 -6.70 -1.28
CA GLU F 130 -54.44 -6.81 0.07
C GLU F 130 -55.71 -7.66 0.09
N LYS F 131 -56.49 -7.64 -0.99
CA LYS F 131 -57.65 -8.52 -1.10
C LYS F 131 -57.30 -9.89 -1.66
N GLY F 132 -56.32 -9.97 -2.55
CA GLY F 132 -55.87 -11.22 -3.11
C GLY F 132 -56.15 -11.44 -4.58
N ASN F 133 -56.29 -10.36 -5.37
CA ASN F 133 -56.60 -10.50 -6.78
C ASN F 133 -55.29 -10.66 -7.56
N ILE F 134 -55.09 -11.84 -8.15
CA ILE F 134 -53.89 -12.11 -8.92
C ILE F 134 -53.90 -11.30 -10.22
N ARG F 135 -55.07 -11.16 -10.83
CA ARG F 135 -55.18 -10.46 -12.11
C ARG F 135 -54.70 -9.02 -11.99
N SER F 136 -54.93 -8.37 -10.85
CA SER F 136 -54.49 -6.99 -10.69
C SER F 136 -52.96 -6.89 -10.74
N VAL F 137 -52.26 -7.81 -10.09
CA VAL F 137 -50.80 -7.79 -10.12
C VAL F 137 -50.29 -8.13 -11.52
N GLU F 138 -50.87 -9.17 -12.13
CA GLU F 138 -50.45 -9.55 -13.48
C GLU F 138 -50.75 -8.47 -14.50
N TRP F 139 -51.72 -7.61 -14.24
CA TRP F 139 -52.02 -6.46 -15.08
C TRP F 139 -51.07 -5.29 -14.83
N LEU F 140 -50.79 -5.02 -13.55
CA LEU F 140 -49.98 -3.87 -13.19
C LEU F 140 -48.53 -4.04 -13.62
N HIS F 141 -47.98 -5.25 -13.50
CA HIS F 141 -46.60 -5.47 -13.93
C HIS F 141 -46.45 -5.23 -15.43
N ILE F 142 -47.38 -5.78 -16.22
CA ILE F 142 -47.32 -5.61 -17.67
C ILE F 142 -47.55 -4.15 -18.05
N SER F 143 -48.44 -3.45 -17.32
CA SER F 143 -48.66 -2.05 -17.62
C SER F 143 -47.40 -1.23 -17.34
N ALA F 144 -46.69 -1.57 -16.26
CA ALA F 144 -45.42 -0.88 -15.98
C ALA F 144 -44.40 -1.14 -17.08
N ILE F 145 -44.32 -2.39 -17.55
CA ILE F 145 -43.38 -2.73 -18.63
C ILE F 145 -43.71 -1.93 -19.88
N CYS F 146 -44.99 -1.90 -20.25
CA CYS F 146 -45.39 -1.15 -21.44
C CYS F 146 -45.16 0.35 -21.26
N MET F 147 -45.40 0.86 -20.05
CA MET F 147 -45.18 2.27 -19.78
C MET F 147 -43.72 2.63 -19.92
N GLN F 148 -42.81 1.75 -19.49
CA GLN F 148 -41.39 2.02 -19.69
C GLN F 148 -41.00 1.89 -21.15
N GLY F 149 -41.65 0.98 -21.90
CA GLY F 149 -41.39 0.89 -23.32
C GLY F 149 -41.81 2.13 -24.09
N ILE F 150 -42.92 2.75 -23.67
CA ILE F 150 -43.37 4.00 -24.27
C ILE F 150 -42.31 5.09 -24.14
N ARG F 151 -41.49 5.04 -23.08
CA ARG F 151 -40.48 6.07 -22.87
C ARG F 151 -39.53 6.18 -24.06
N ILE F 152 -39.24 5.06 -24.73
CA ILE F 152 -38.45 5.08 -25.96
C ILE F 152 -39.32 5.05 -27.20
N ALA F 153 -40.55 4.52 -27.12
CA ALA F 153 -41.42 4.50 -28.28
C ALA F 153 -41.78 5.92 -28.74
N ILE F 154 -41.99 6.83 -27.79
CA ILE F 154 -42.46 8.17 -28.13
C ILE F 154 -41.39 8.99 -28.86
N PRO F 155 -40.19 9.19 -28.30
CA PRO F 155 -39.21 10.04 -29.00
C PRO F 155 -38.79 9.49 -30.36
N ALA F 156 -38.72 8.16 -30.48
CA ALA F 156 -38.39 7.57 -31.77
C ALA F 156 -39.46 7.86 -32.81
N ALA F 157 -40.74 7.78 -32.41
CA ALA F 157 -41.82 8.15 -33.31
C ALA F 157 -41.77 9.63 -33.65
N ALA F 158 -41.45 10.48 -32.68
CA ALA F 158 -41.39 11.91 -32.91
C ALA F 158 -40.25 12.29 -33.86
N LEU F 159 -39.14 11.57 -33.81
CA LEU F 159 -38.01 11.90 -34.70
C LEU F 159 -38.39 11.68 -36.16
N LEU F 160 -39.29 10.74 -36.43
CA LEU F 160 -39.72 10.48 -37.81
C LEU F 160 -40.66 11.56 -38.35
N PHE F 161 -41.21 12.41 -37.49
CA PHE F 161 -42.12 13.46 -37.93
C PHE F 161 -41.53 14.82 -37.57
N ILE F 162 -40.23 14.98 -37.84
CA ILE F 162 -39.49 16.19 -37.48
C ILE F 162 -38.33 16.32 -38.47
N PRO F 163 -37.83 17.53 -38.73
CA PRO F 163 -36.69 17.67 -39.64
C PRO F 163 -35.49 16.87 -39.18
N ALA F 164 -34.75 16.32 -40.13
CA ALA F 164 -33.68 15.37 -39.87
C ALA F 164 -32.42 16.00 -39.29
N ASP F 165 -32.49 17.26 -38.86
CA ASP F 165 -31.33 17.95 -38.32
C ASP F 165 -31.58 18.56 -36.94
N SER F 166 -32.84 18.70 -36.53
CA SER F 166 -33.23 19.46 -35.35
C SER F 166 -32.46 19.09 -34.09
N VAL F 167 -32.32 17.80 -33.80
CA VAL F 167 -31.62 17.37 -32.58
C VAL F 167 -30.16 17.78 -32.65
N GLN F 168 -29.52 17.57 -33.79
CA GLN F 168 -28.12 17.94 -34.01
C GLN F 168 -27.91 19.43 -33.83
N SER F 169 -28.78 20.23 -34.48
CA SER F 169 -28.70 21.68 -34.41
C SER F 169 -28.90 22.18 -32.99
N PHE F 170 -29.85 21.57 -32.27
CA PHE F 170 -30.11 21.89 -30.88
C PHE F 170 -28.88 21.60 -30.04
N LEU F 171 -28.28 20.43 -30.24
CA LEU F 171 -27.12 20.02 -29.45
C LEU F 171 -25.93 20.95 -29.68
N GLU F 172 -25.75 21.42 -30.91
CA GLU F 172 -24.69 22.38 -31.19
C GLU F 172 -25.10 23.83 -30.95
N ALA F 173 -26.30 24.06 -30.43
CA ALA F 173 -26.75 25.41 -30.09
C ALA F 173 -26.53 25.76 -28.62
N MET F 174 -25.97 24.84 -27.82
CA MET F 174 -25.77 25.08 -26.40
C MET F 174 -24.75 26.17 -26.15
N PRO F 175 -24.89 26.93 -25.06
CA PRO F 175 -24.00 28.08 -24.81
C PRO F 175 -22.50 27.78 -24.79
N ALA F 176 -22.13 26.49 -24.83
CA ALA F 176 -20.75 26.03 -24.86
C ALA F 176 -20.06 26.20 -23.52
N TRP F 177 -20.72 26.84 -22.57
CA TRP F 177 -20.36 26.72 -21.16
C TRP F 177 -21.29 25.79 -20.41
N LEU F 178 -22.46 25.49 -20.98
CA LEU F 178 -23.33 24.47 -20.41
C LEU F 178 -22.73 23.08 -20.56
N THR F 179 -22.01 22.83 -21.66
CA THR F 179 -21.42 21.51 -21.87
C THR F 179 -20.30 21.24 -20.86
N ASP F 180 -19.45 22.23 -20.60
CA ASP F 180 -18.39 22.04 -19.61
C ASP F 180 -18.97 21.83 -18.22
N GLY F 181 -20.01 22.60 -17.87
CA GLY F 181 -20.65 22.41 -16.58
C GLY F 181 -21.30 21.03 -16.46
N MET F 182 -21.96 20.58 -17.52
CA MET F 182 -22.54 19.24 -17.51
C MET F 182 -21.45 18.18 -17.38
N ALA F 183 -20.32 18.36 -18.06
CA ALA F 183 -19.23 17.40 -17.99
C ALA F 183 -18.65 17.32 -16.59
N ILE F 184 -18.46 18.47 -15.94
CA ILE F 184 -17.87 18.44 -14.60
C ILE F 184 -18.91 18.11 -13.52
N GLY F 185 -20.20 18.19 -13.84
CA GLY F 185 -21.21 17.71 -12.92
C GLY F 185 -21.46 16.22 -13.04
N GLY F 186 -21.24 15.66 -14.23
CA GLY F 186 -21.39 14.24 -14.44
C GLY F 186 -20.27 13.39 -13.90
N GLY F 187 -19.15 14.02 -13.53
CA GLY F 187 -18.06 13.33 -12.87
C GLY F 187 -18.23 13.15 -11.38
N MET F 188 -19.36 13.57 -10.84
CA MET F 188 -19.62 13.47 -9.41
C MET F 188 -20.88 12.69 -9.06
N VAL F 189 -21.62 12.18 -10.05
CA VAL F 189 -22.81 11.39 -9.74
C VAL F 189 -22.40 10.06 -9.09
N VAL F 190 -21.20 9.57 -9.39
CA VAL F 190 -20.70 8.38 -8.71
C VAL F 190 -20.60 8.63 -7.22
N ALA F 191 -20.45 9.89 -6.80
CA ALA F 191 -20.38 10.19 -5.37
C ALA F 191 -21.67 9.79 -4.67
N VAL F 192 -22.83 10.20 -5.20
CA VAL F 192 -24.09 9.79 -4.59
C VAL F 192 -24.34 8.29 -4.80
N GLY F 193 -23.90 7.76 -5.95
CA GLY F 193 -24.02 6.32 -6.16
C GLY F 193 -23.34 5.51 -5.08
N TYR F 194 -22.11 5.91 -4.70
CA TYR F 194 -21.40 5.25 -3.62
C TYR F 194 -21.95 5.63 -2.25
N ALA F 195 -22.48 6.84 -2.11
CA ALA F 195 -23.04 7.27 -0.83
C ALA F 195 -24.22 6.40 -0.43
N LEU F 196 -25.05 6.03 -1.41
CA LEU F 196 -26.18 5.13 -1.11
C LEU F 196 -25.71 3.83 -0.48
N VAL F 197 -24.74 3.16 -1.11
CA VAL F 197 -24.29 1.87 -0.60
C VAL F 197 -23.49 2.03 0.69
N ILE F 198 -22.76 3.13 0.84
CA ILE F 198 -22.05 3.38 2.10
C ILE F 198 -23.04 3.53 3.24
N ASN F 199 -24.12 4.29 3.03
CA ASN F 199 -25.19 4.36 4.02
C ASN F 199 -25.83 3.00 4.23
N MET F 200 -25.88 2.17 3.19
CA MET F 200 -26.48 0.84 3.31
C MET F 200 -25.72 -0.02 4.31
N MET F 201 -24.38 0.03 4.28
CA MET F 201 -23.58 -0.73 5.23
C MET F 201 -22.43 0.15 5.72
N ALA F 202 -22.43 0.43 7.02
CA ALA F 202 -21.40 1.22 7.67
C ALA F 202 -21.54 1.03 9.16
N THR F 203 -20.49 0.56 9.82
CA THR F 203 -20.51 0.29 11.25
C THR F 203 -19.23 0.81 11.86
N LYS F 204 -19.21 0.83 13.20
CA LYS F 204 -18.06 1.38 13.92
C LYS F 204 -16.79 0.59 13.65
N GLU F 205 -16.90 -0.70 13.33
CA GLU F 205 -15.74 -1.55 13.15
C GLU F 205 -15.31 -1.71 11.70
N VAL F 206 -15.98 -1.05 10.75
CA VAL F 206 -15.58 -1.11 9.35
C VAL F 206 -15.14 0.23 8.80
N TRP F 207 -15.39 1.33 9.51
CA TRP F 207 -14.84 2.62 9.09
C TRP F 207 -13.32 2.65 9.02
N PRO F 208 -12.56 2.03 9.95
CA PRO F 208 -11.10 1.98 9.75
C PRO F 208 -10.67 1.34 8.45
N PHE F 209 -11.41 0.34 7.96
CA PHE F 209 -11.10 -0.22 6.65
C PHE F 209 -11.38 0.78 5.54
N PHE F 210 -12.42 1.62 5.70
CA PHE F 210 -12.63 2.71 4.77
C PHE F 210 -11.45 3.66 4.77
N VAL F 211 -10.93 4.00 5.95
CA VAL F 211 -9.77 4.90 6.02
C VAL F 211 -8.57 4.28 5.34
N ILE F 212 -8.31 3.00 5.61
CA ILE F 212 -7.15 2.32 5.01
C ILE F 212 -7.28 2.27 3.49
N GLY F 213 -8.48 1.94 2.99
CA GLY F 213 -8.67 1.88 1.55
C GLY F 213 -8.54 3.24 0.89
N PHE F 214 -8.99 4.30 1.58
CA PHE F 214 -8.84 5.65 1.05
C PHE F 214 -7.38 6.06 1.00
N VAL F 215 -6.59 5.68 2.01
CA VAL F 215 -5.20 6.09 2.06
C VAL F 215 -4.37 5.38 0.99
N VAL F 216 -4.60 4.08 0.80
CA VAL F 216 -3.77 3.30 -0.12
C VAL F 216 -4.13 3.51 -1.58
N ALA F 217 -5.01 4.46 -1.88
CA ALA F 217 -5.38 4.79 -3.25
C ALA F 217 -4.48 5.87 -3.85
N ALA F 218 -3.24 5.96 -3.39
CA ALA F 218 -2.28 6.96 -3.85
C ALA F 218 -2.08 6.91 -5.37
N ILE F 219 -1.41 7.93 -5.91
CA ILE F 219 -1.46 8.24 -7.34
C ILE F 219 -0.66 7.18 -8.10
N SER F 220 -1.39 6.27 -8.77
CA SER F 220 -0.87 5.52 -9.92
C SER F 220 0.28 4.59 -9.57
N GLN F 221 0.07 3.74 -8.58
CA GLN F 221 0.98 2.60 -8.44
C GLN F 221 0.25 1.28 -8.30
N LEU F 222 -0.90 1.26 -7.61
CA LEU F 222 -1.67 0.05 -7.40
C LEU F 222 -2.93 0.11 -8.26
N THR F 223 -3.17 -0.96 -9.02
CA THR F 223 -4.37 -1.04 -9.83
C THR F 223 -5.58 -1.33 -8.93
N LEU F 224 -6.77 -1.21 -9.52
CA LEU F 224 -8.00 -1.46 -8.76
C LEU F 224 -8.15 -2.94 -8.43
N ILE F 225 -7.69 -3.83 -9.32
CA ILE F 225 -7.71 -5.26 -9.02
C ILE F 225 -6.83 -5.56 -7.80
N ALA F 226 -5.66 -4.92 -7.74
CA ALA F 226 -4.77 -5.12 -6.60
C ALA F 226 -5.41 -4.62 -5.31
N ILE F 227 -6.11 -3.48 -5.37
CA ILE F 227 -6.79 -2.95 -4.19
C ILE F 227 -7.90 -3.89 -3.75
N GLY F 228 -8.65 -4.44 -4.71
CA GLY F 228 -9.68 -5.41 -4.35
C GLY F 228 -9.11 -6.66 -3.71
N ALA F 229 -8.00 -7.17 -4.25
CA ALA F 229 -7.35 -8.33 -3.66
C ALA F 229 -6.85 -8.03 -2.26
N LEU F 230 -6.29 -6.84 -2.06
CA LEU F 230 -5.85 -6.43 -0.73
C LEU F 230 -7.03 -6.38 0.24
N GLY F 231 -8.16 -5.85 -0.20
CA GLY F 231 -9.34 -5.81 0.65
C GLY F 231 -9.84 -7.20 1.01
N VAL F 232 -9.84 -8.11 0.02
CA VAL F 232 -10.27 -9.48 0.29
C VAL F 232 -9.34 -10.14 1.31
N ALA F 233 -8.03 -9.96 1.14
CA ALA F 233 -7.07 -10.55 2.07
C ALA F 233 -7.24 -9.99 3.48
N LEU F 234 -7.44 -8.67 3.59
CA LEU F 234 -7.64 -8.06 4.90
C LEU F 234 -8.93 -8.56 5.55
N ALA F 235 -9.98 -8.72 4.76
CA ALA F 235 -11.23 -9.25 5.30
C ALA F 235 -11.04 -10.68 5.80
N LEU F 236 -10.32 -11.51 5.04
CA LEU F 236 -10.09 -12.88 5.46
C LEU F 236 -9.27 -12.94 6.74
N ILE F 237 -8.22 -12.10 6.85
CA ILE F 237 -7.41 -12.07 8.06
C ILE F 237 -8.24 -11.62 9.25
N TYR F 238 -9.07 -10.58 9.06
CA TYR F 238 -9.92 -10.10 10.15
C TYR F 238 -10.90 -11.17 10.59
N LEU F 239 -11.51 -11.88 9.66
CA LEU F 239 -12.46 -12.94 10.02
C LEU F 239 -11.75 -14.07 10.77
N ASN F 240 -10.57 -14.47 10.30
CA ASN F 240 -9.83 -15.52 10.98
C ASN F 240 -9.48 -15.12 12.40
N LEU F 241 -9.00 -13.88 12.59
CA LEU F 241 -8.63 -13.42 13.92
C LEU F 241 -9.84 -13.30 14.82
N SER F 242 -10.96 -12.82 14.28
CA SER F 242 -12.19 -12.73 15.09
C SER F 242 -12.66 -14.11 15.53
N LYS F 243 -12.63 -15.09 14.63
CA LYS F 243 -13.04 -16.44 15.01
C LYS F 243 -12.09 -17.04 16.03
N MET F 244 -10.79 -16.85 15.85
CA MET F 244 -9.83 -17.43 16.79
C MET F 244 -9.96 -16.79 18.17
N GLY F 245 -10.15 -15.47 18.22
CA GLY F 245 -10.32 -14.82 19.51
C GLY F 245 -11.59 -15.22 20.22
N GLY F 246 -12.66 -15.42 19.46
CA GLY F 246 -13.94 -15.81 20.03
C GLY F 246 -14.02 -17.29 20.37
N ALA G 2 -51.05 -37.48 -2.27
CA ALA G 2 -51.81 -36.78 -3.30
C ALA G 2 -52.19 -35.38 -2.85
N GLU G 3 -52.10 -35.15 -1.53
CA GLU G 3 -52.43 -33.86 -0.94
C GLU G 3 -51.19 -33.00 -0.70
N LYS G 4 -50.04 -33.41 -1.21
CA LYS G 4 -48.79 -32.67 -1.00
C LYS G 4 -48.55 -31.60 -2.04
N ILE G 5 -49.49 -31.40 -2.98
CA ILE G 5 -49.46 -30.39 -4.05
C ILE G 5 -48.03 -30.15 -4.56
N GLU G 6 -47.43 -31.19 -5.12
CA GLU G 6 -46.08 -31.07 -5.67
C GLU G 6 -46.08 -30.13 -6.88
N LEU G 7 -44.94 -29.50 -7.10
CA LEU G 7 -44.75 -28.59 -8.24
C LEU G 7 -44.18 -29.39 -9.41
N SER G 8 -44.96 -29.48 -10.49
CA SER G 8 -44.55 -30.23 -11.66
C SER G 8 -43.50 -29.45 -12.45
N LYS G 9 -42.97 -30.08 -13.49
CA LYS G 9 -42.00 -29.41 -14.36
C LYS G 9 -42.62 -28.22 -15.08
N ARG G 10 -43.91 -28.30 -15.41
CA ARG G 10 -44.57 -27.19 -16.09
C ARG G 10 -44.60 -25.94 -15.22
N ASP G 11 -44.89 -26.11 -13.93
CA ASP G 11 -44.95 -24.95 -13.03
C ASP G 11 -43.59 -24.31 -12.86
N ARG G 12 -42.54 -25.11 -12.66
CA ARG G 12 -41.20 -24.54 -12.56
C ARG G 12 -40.79 -23.88 -13.87
N LEU G 13 -41.19 -24.47 -15.00
CA LEU G 13 -40.85 -23.89 -16.29
C LEU G 13 -41.51 -22.53 -16.49
N ARG G 14 -42.79 -22.39 -16.10
CA ARG G 14 -43.42 -21.09 -16.25
C ARG G 14 -42.90 -20.09 -15.24
N VAL G 15 -42.47 -20.55 -14.06
CA VAL G 15 -41.79 -19.66 -13.13
C VAL G 15 -40.50 -19.12 -13.75
N ALA G 16 -39.72 -20.01 -14.37
CA ALA G 16 -38.50 -19.58 -15.04
C ALA G 16 -38.80 -18.64 -16.20
N TRP G 17 -39.87 -18.91 -16.95
CA TRP G 17 -40.25 -18.03 -18.05
C TRP G 17 -40.62 -16.64 -17.55
N ARG G 18 -41.41 -16.57 -16.47
CA ARG G 18 -41.76 -15.28 -15.90
C ARG G 18 -40.59 -14.62 -15.21
N SER G 19 -39.51 -15.37 -14.95
CA SER G 19 -38.29 -14.78 -14.41
C SER G 19 -37.68 -13.75 -15.36
N THR G 20 -37.97 -13.85 -16.66
CA THR G 20 -37.41 -12.90 -17.62
C THR G 20 -37.86 -11.48 -17.30
N PHE G 21 -39.03 -11.33 -16.71
CA PHE G 21 -39.61 -10.03 -16.38
C PHE G 21 -39.40 -9.67 -14.91
N ILE G 22 -38.26 -10.06 -14.34
CA ILE G 22 -37.99 -9.75 -12.94
C ILE G 22 -37.86 -8.23 -12.75
N GLN G 23 -37.45 -7.52 -13.80
CA GLN G 23 -37.48 -6.07 -13.80
C GLN G 23 -38.69 -5.60 -14.62
N GLY G 24 -38.79 -4.30 -14.84
CA GLY G 24 -39.92 -3.75 -15.56
C GLY G 24 -40.82 -2.91 -14.68
N SER G 25 -41.01 -3.33 -13.44
CA SER G 25 -41.67 -2.52 -12.41
C SER G 25 -40.63 -2.01 -11.43
N TRP G 26 -39.47 -1.64 -11.96
CA TRP G 26 -38.33 -1.23 -11.15
C TRP G 26 -38.65 0.06 -10.40
N ASN G 27 -38.51 0.04 -9.08
CA ASN G 27 -38.78 1.20 -8.25
C ASN G 27 -37.52 1.60 -7.50
N TYR G 28 -37.60 2.74 -6.82
CA TYR G 28 -36.56 3.20 -5.92
C TYR G 28 -36.85 2.87 -4.46
N GLU G 29 -38.12 2.97 -4.05
CA GLU G 29 -38.46 2.71 -2.65
C GLU G 29 -38.21 1.24 -2.29
N ARG G 30 -38.69 0.32 -3.13
CA ARG G 30 -38.48 -1.12 -2.93
C ARG G 30 -38.28 -1.72 -4.32
N MET G 31 -37.03 -1.77 -4.75
CA MET G 31 -36.68 -2.15 -6.10
C MET G 31 -36.94 -3.63 -6.35
N GLN G 32 -37.46 -3.93 -7.55
CA GLN G 32 -37.58 -5.31 -8.05
C GLN G 32 -38.54 -6.16 -7.20
N ASN G 33 -39.72 -5.61 -6.91
CA ASN G 33 -40.77 -6.40 -6.26
C ASN G 33 -41.77 -6.97 -7.26
N GLY G 34 -42.16 -6.18 -8.26
CA GLY G 34 -43.12 -6.68 -9.24
C GLY G 34 -42.61 -7.89 -9.99
N GLY G 35 -41.30 -7.96 -10.22
CA GLY G 35 -40.73 -9.14 -10.84
C GLY G 35 -40.83 -10.38 -9.96
N TRP G 36 -40.56 -10.22 -8.66
CA TRP G 36 -40.66 -11.36 -7.75
C TRP G 36 -42.10 -11.87 -7.67
N ALA G 37 -43.05 -10.96 -7.52
CA ALA G 37 -44.46 -11.37 -7.49
C ALA G 37 -44.88 -11.98 -8.82
N PHE G 38 -44.41 -11.41 -9.93
CA PHE G 38 -44.75 -11.94 -11.25
C PHE G 38 -44.22 -13.35 -11.43
N SER G 39 -43.00 -13.61 -10.92
CA SER G 39 -42.45 -14.96 -10.99
C SER G 39 -43.17 -15.92 -10.05
N MET G 40 -43.62 -15.43 -8.89
CA MET G 40 -44.27 -16.28 -7.91
C MET G 40 -45.74 -16.53 -8.18
N ILE G 41 -46.37 -15.76 -9.08
CA ILE G 41 -47.80 -15.92 -9.33
C ILE G 41 -48.19 -17.36 -9.65
N PRO G 42 -47.54 -18.06 -10.59
CA PRO G 42 -47.96 -19.45 -10.84
C PRO G 42 -47.80 -20.36 -9.63
N ALA G 43 -46.76 -20.15 -8.82
CA ALA G 43 -46.55 -20.99 -7.65
C ALA G 43 -47.67 -20.82 -6.64
N ILE G 44 -48.06 -19.57 -6.35
CA ILE G 44 -49.16 -19.33 -5.43
C ILE G 44 -50.48 -19.82 -6.04
N LYS G 45 -50.64 -19.67 -7.35
CA LYS G 45 -51.84 -20.17 -8.01
C LYS G 45 -51.98 -21.67 -7.86
N LYS G 46 -50.88 -22.40 -7.99
CA LYS G 46 -50.93 -23.86 -7.94
C LYS G 46 -51.03 -24.37 -6.50
N LEU G 47 -50.15 -23.93 -5.62
CA LEU G 47 -50.05 -24.51 -4.29
C LEU G 47 -50.88 -23.78 -3.25
N TYR G 48 -51.55 -22.69 -3.61
CA TYR G 48 -52.55 -22.05 -2.76
C TYR G 48 -53.86 -21.96 -3.54
N LYS G 49 -54.97 -22.20 -2.84
CA LYS G 49 -56.29 -22.15 -3.45
C LYS G 49 -57.27 -21.53 -2.47
N THR G 50 -58.50 -21.31 -2.95
CA THR G 50 -59.65 -20.77 -2.22
C THR G 50 -59.47 -19.30 -1.82
N LYS G 51 -58.33 -18.69 -2.13
CA LYS G 51 -58.14 -17.23 -2.03
C LYS G 51 -58.30 -16.70 -0.61
N GLU G 52 -58.24 -17.55 0.41
CA GLU G 52 -58.43 -17.05 1.77
C GLU G 52 -57.19 -16.32 2.27
N ASP G 53 -56.00 -16.77 1.86
CA ASP G 53 -54.76 -16.17 2.35
C ASP G 53 -53.77 -15.83 1.23
N ARG G 54 -54.24 -15.76 -0.02
CA ARG G 54 -53.34 -15.35 -1.11
C ARG G 54 -52.80 -13.95 -0.88
N SER G 55 -53.55 -13.10 -0.16
CA SER G 55 -53.05 -11.79 0.20
C SER G 55 -51.81 -11.90 1.09
N SER G 56 -51.82 -12.81 2.05
CA SER G 56 -50.67 -12.98 2.93
C SER G 56 -49.45 -13.43 2.16
N ALA G 57 -49.63 -14.41 1.26
CA ALA G 57 -48.50 -14.88 0.46
C ALA G 57 -47.97 -13.79 -0.46
N LEU G 58 -48.87 -13.03 -1.09
CA LEU G 58 -48.45 -11.96 -1.96
C LEU G 58 -47.68 -10.89 -1.19
N LYS G 59 -48.17 -10.49 -0.01
CA LYS G 59 -47.46 -9.52 0.79
C LYS G 59 -46.11 -10.06 1.24
N ARG G 60 -46.05 -11.34 1.57
CA ARG G 60 -44.76 -11.98 1.87
C ARG G 60 -43.81 -11.88 0.69
N HIS G 61 -44.32 -12.00 -0.53
CA HIS G 61 -43.50 -11.98 -1.73
C HIS G 61 -43.57 -10.63 -2.45
N LEU G 62 -43.87 -9.55 -1.71
CA LEU G 62 -43.92 -8.21 -2.29
C LEU G 62 -43.04 -7.24 -1.53
N GLU G 63 -42.10 -7.73 -0.73
CA GLU G 63 -41.21 -6.87 0.04
C GLU G 63 -39.99 -6.51 -0.79
N PHE G 64 -39.01 -5.86 -0.17
CA PHE G 64 -37.78 -5.47 -0.86
C PHE G 64 -37.04 -6.71 -1.35
N PHE G 65 -36.55 -6.64 -2.58
CA PHE G 65 -35.73 -7.71 -3.14
C PHE G 65 -34.92 -7.15 -4.30
N ASN G 66 -33.59 -7.07 -4.13
CA ASN G 66 -32.70 -6.62 -5.18
C ASN G 66 -31.59 -7.63 -5.38
N THR G 67 -31.29 -7.94 -6.64
CA THR G 67 -30.15 -8.78 -7.00
C THR G 67 -29.94 -8.65 -8.50
N HIS G 68 -28.90 -9.31 -9.00
CA HIS G 68 -28.68 -9.36 -10.43
C HIS G 68 -29.83 -10.10 -11.11
N PRO G 69 -30.33 -9.59 -12.24
CA PRO G 69 -31.50 -10.22 -12.87
C PRO G 69 -31.28 -11.67 -13.25
N TYR G 70 -30.07 -12.03 -13.72
CA TYR G 70 -29.84 -13.38 -14.19
C TYR G 70 -29.63 -14.35 -13.03
N ILE G 71 -28.74 -14.03 -12.10
CA ILE G 71 -28.52 -14.90 -10.93
C ILE G 71 -29.53 -14.46 -9.88
N ALA G 72 -30.76 -14.91 -10.07
CA ALA G 72 -31.81 -14.88 -9.07
C ALA G 72 -32.62 -16.18 -9.10
N SER G 73 -32.41 -17.02 -10.10
CA SER G 73 -33.06 -18.33 -10.14
C SER G 73 -32.73 -19.21 -8.94
N PRO G 74 -31.50 -19.27 -8.42
CA PRO G 74 -31.29 -20.09 -7.21
C PRO G 74 -32.18 -19.68 -6.05
N ILE G 75 -32.36 -18.37 -5.86
CA ILE G 75 -33.25 -17.88 -4.81
C ILE G 75 -34.68 -18.33 -5.08
N LEU G 76 -35.10 -18.27 -6.35
CA LEU G 76 -36.44 -18.71 -6.70
C LEU G 76 -36.63 -20.21 -6.45
N GLY G 77 -35.64 -21.02 -6.80
CA GLY G 77 -35.75 -22.45 -6.55
C GLY G 77 -35.82 -22.76 -5.07
N VAL G 78 -34.98 -22.12 -4.28
CA VAL G 78 -35.01 -22.31 -2.83
C VAL G 78 -36.37 -21.88 -2.28
N THR G 79 -36.89 -20.75 -2.77
CA THR G 79 -38.15 -20.23 -2.25
C THR G 79 -39.32 -21.14 -2.66
N LEU G 80 -39.30 -21.66 -3.88
CA LEU G 80 -40.32 -22.64 -4.29
C LEU G 80 -40.27 -23.88 -3.41
N ALA G 81 -39.08 -24.41 -3.16
CA ALA G 81 -38.97 -25.59 -2.32
C ALA G 81 -39.49 -25.31 -0.91
N LEU G 82 -39.10 -24.16 -0.33
CA LEU G 82 -39.54 -23.83 1.01
C LEU G 82 -41.04 -23.58 1.08
N GLU G 83 -41.62 -22.98 0.04
CA GLU G 83 -43.06 -22.74 0.02
C GLU G 83 -43.84 -24.04 -0.12
N GLU G 84 -43.38 -24.94 -1.00
CA GLU G 84 -44.07 -26.21 -1.15
C GLU G 84 -43.92 -27.08 0.10
N GLU G 85 -42.80 -26.95 0.82
CA GLU G 85 -42.64 -27.65 2.08
C GLU G 85 -43.46 -27.01 3.19
N ARG G 86 -43.69 -25.69 3.10
CA ARG G 86 -44.50 -24.97 4.07
C ARG G 86 -45.99 -25.17 3.85
N ALA G 87 -46.38 -25.71 2.68
CA ALA G 87 -47.80 -25.99 2.44
C ALA G 87 -48.31 -27.08 3.39
N ASN G 88 -47.46 -28.04 3.72
CA ASN G 88 -47.81 -29.12 4.63
C ASN G 88 -47.10 -29.03 5.97
N GLY G 89 -45.78 -28.94 5.96
CA GLY G 89 -45.00 -28.85 7.19
C GLY G 89 -44.75 -27.43 7.63
N ALA G 90 -45.22 -27.08 8.82
CA ALA G 90 -45.07 -25.72 9.34
C ALA G 90 -43.62 -25.52 9.79
N GLU G 91 -42.80 -25.00 8.88
CA GLU G 91 -41.39 -24.71 9.16
C GLU G 91 -41.05 -23.24 9.04
N VAL G 92 -41.54 -22.56 8.00
CA VAL G 92 -41.23 -21.16 7.75
C VAL G 92 -42.43 -20.35 8.24
N ASP G 93 -42.25 -19.68 9.37
CA ASP G 93 -43.28 -18.80 9.92
C ASP G 93 -43.05 -17.35 9.48
N ASP G 94 -42.93 -17.14 8.17
CA ASP G 94 -42.67 -15.84 7.57
C ASP G 94 -41.38 -15.21 8.09
N VAL G 95 -40.46 -16.03 8.60
CA VAL G 95 -39.19 -15.52 9.12
C VAL G 95 -37.98 -16.24 8.54
N ALA G 96 -38.13 -17.45 7.98
CA ALA G 96 -36.99 -18.14 7.39
C ALA G 96 -36.79 -17.76 5.93
N ILE G 97 -37.89 -17.62 5.18
CA ILE G 97 -37.77 -17.30 3.76
C ILE G 97 -37.26 -15.88 3.57
N GLN G 98 -37.71 -14.94 4.42
CA GLN G 98 -37.17 -13.59 4.36
C GLN G 98 -35.69 -13.58 4.72
N GLY G 99 -35.32 -14.35 5.73
CA GLY G 99 -33.92 -14.42 6.12
C GLY G 99 -33.03 -14.95 5.01
N VAL G 100 -33.45 -16.04 4.37
CA VAL G 100 -32.63 -16.61 3.30
C VAL G 100 -32.60 -15.68 2.09
N LYS G 101 -33.73 -15.03 1.78
CA LYS G 101 -33.74 -14.08 0.67
C LYS G 101 -32.76 -12.95 0.91
N VAL G 102 -32.83 -12.30 2.07
CA VAL G 102 -31.93 -11.19 2.35
C VAL G 102 -30.49 -11.67 2.46
N GLY G 103 -30.28 -12.92 2.88
CA GLY G 103 -28.93 -13.45 2.93
C GLY G 103 -28.31 -13.59 1.56
N MET G 104 -29.07 -14.11 0.59
CA MET G 104 -28.52 -14.32 -0.75
C MET G 104 -28.67 -13.15 -1.70
N MET G 105 -29.41 -12.10 -1.33
CA MET G 105 -29.52 -10.94 -2.22
C MET G 105 -28.17 -10.29 -2.47
N GLY G 106 -27.39 -10.08 -1.42
CA GLY G 106 -26.15 -9.33 -1.51
C GLY G 106 -25.05 -10.04 -2.28
N PRO G 107 -24.53 -11.13 -1.70
CA PRO G 107 -23.40 -11.82 -2.35
C PRO G 107 -23.69 -12.31 -3.76
N LEU G 108 -24.91 -12.79 -4.03
CA LEU G 108 -25.22 -13.27 -5.37
C LEU G 108 -25.19 -12.12 -6.38
N ALA G 109 -25.74 -10.97 -6.02
CA ALA G 109 -25.63 -9.80 -6.90
C ALA G 109 -24.18 -9.39 -7.07
N GLY G 110 -23.40 -9.43 -5.98
CA GLY G 110 -22.00 -9.05 -6.05
C GLY G 110 -21.18 -9.95 -6.97
N VAL G 111 -21.51 -11.24 -7.00
CA VAL G 111 -20.77 -12.13 -7.90
C VAL G 111 -21.33 -12.06 -9.32
N GLY G 112 -22.62 -11.78 -9.49
CA GLY G 112 -23.20 -11.74 -10.81
C GLY G 112 -22.94 -10.47 -11.58
N ASP G 113 -22.72 -9.35 -10.90
CA ASP G 113 -22.49 -8.08 -11.60
C ASP G 113 -21.23 -8.10 -12.47
N PRO G 114 -20.05 -8.50 -11.97
CA PRO G 114 -18.88 -8.50 -12.86
C PRO G 114 -18.81 -9.68 -13.80
N VAL G 115 -19.46 -10.80 -13.48
CA VAL G 115 -19.41 -11.97 -14.34
C VAL G 115 -20.22 -11.72 -15.62
N PHE G 116 -21.42 -11.16 -15.48
CA PHE G 116 -22.31 -11.00 -16.61
C PHE G 116 -22.17 -9.63 -17.27
N TRP G 117 -22.26 -8.56 -16.49
CA TRP G 117 -22.21 -7.22 -17.07
C TRP G 117 -20.81 -6.82 -17.50
N PHE G 118 -19.77 -7.26 -16.78
CA PHE G 118 -18.43 -6.77 -16.99
C PHE G 118 -17.45 -7.79 -17.54
N THR G 119 -17.85 -9.07 -17.64
CA THR G 119 -16.99 -10.07 -18.26
C THR G 119 -17.61 -10.65 -19.53
N ILE G 120 -18.79 -11.25 -19.45
CA ILE G 120 -19.37 -11.90 -20.61
C ILE G 120 -19.85 -10.85 -21.63
N ARG G 121 -20.54 -9.81 -21.14
CA ARG G 121 -21.12 -8.83 -22.05
C ARG G 121 -20.08 -8.07 -22.86
N PRO G 122 -19.00 -7.53 -22.28
CA PRO G 122 -18.01 -6.84 -23.13
C PRO G 122 -17.35 -7.75 -24.15
N MET G 123 -17.00 -8.98 -23.78
CA MET G 123 -16.39 -9.89 -24.75
C MET G 123 -17.35 -10.22 -25.88
N LEU G 124 -18.61 -10.52 -25.56
CA LEU G 124 -19.57 -10.82 -26.61
C LEU G 124 -19.83 -9.61 -27.48
N GLY G 125 -19.90 -8.42 -26.89
CA GLY G 125 -20.09 -7.21 -27.67
C GLY G 125 -18.93 -6.94 -28.61
N ALA G 126 -17.70 -7.14 -28.14
CA ALA G 126 -16.54 -6.95 -28.99
C ALA G 126 -16.51 -7.98 -30.11
N LEU G 127 -16.83 -9.23 -29.80
CA LEU G 127 -16.85 -10.26 -30.83
C LEU G 127 -17.89 -9.95 -31.90
N GLY G 128 -19.08 -9.48 -31.48
CA GLY G 128 -20.08 -9.09 -32.46
C GLY G 128 -19.68 -7.86 -33.25
N ALA G 129 -19.09 -6.87 -32.59
CA ALA G 129 -18.74 -5.62 -33.27
C ALA G 129 -17.58 -5.80 -34.23
N SER G 130 -16.71 -6.78 -33.99
CA SER G 130 -15.63 -7.05 -34.93
C SER G 130 -16.19 -7.45 -36.29
N LEU G 131 -17.24 -8.28 -36.30
CA LEU G 131 -17.90 -8.63 -37.54
C LEU G 131 -18.82 -7.51 -38.04
N ALA G 132 -19.45 -6.77 -37.12
CA ALA G 132 -20.39 -5.73 -37.52
C ALA G 132 -19.68 -4.55 -38.20
N LEU G 133 -18.42 -4.30 -37.82
CA LEU G 133 -17.67 -3.21 -38.45
C LEU G 133 -17.41 -3.48 -39.93
N SER G 134 -17.50 -4.73 -40.36
CA SER G 134 -17.33 -5.08 -41.76
C SER G 134 -18.67 -5.25 -42.49
N GLY G 135 -19.78 -4.89 -41.87
CA GLY G 135 -21.07 -5.03 -42.50
C GLY G 135 -21.61 -6.44 -42.53
N ASN G 136 -21.29 -7.25 -41.52
CA ASN G 136 -21.73 -8.64 -41.45
C ASN G 136 -22.82 -8.77 -40.38
N ILE G 137 -24.00 -9.25 -40.81
CA ILE G 137 -25.08 -9.51 -39.87
C ILE G 137 -24.77 -10.68 -38.95
N LEU G 138 -23.76 -11.50 -39.33
CA LEU G 138 -23.36 -12.62 -38.50
C LEU G 138 -22.95 -12.17 -37.11
N GLY G 139 -22.32 -11.00 -37.00
CA GLY G 139 -21.92 -10.47 -35.72
C GLY G 139 -23.07 -10.29 -34.75
N PRO G 140 -24.03 -9.42 -35.09
CA PRO G 140 -25.20 -9.26 -34.22
C PRO G 140 -25.98 -10.55 -34.02
N ILE G 141 -26.11 -11.38 -35.05
CA ILE G 141 -26.86 -12.63 -34.90
C ILE G 141 -26.19 -13.53 -33.87
N LEU G 142 -24.88 -13.69 -33.98
CA LEU G 142 -24.13 -14.51 -33.04
C LEU G 142 -24.19 -13.94 -31.64
N PHE G 143 -24.06 -12.62 -31.50
CA PHE G 143 -24.16 -12.00 -30.19
C PHE G 143 -25.49 -12.30 -29.53
N PHE G 144 -26.59 -12.08 -30.27
CA PHE G 144 -27.92 -12.32 -29.73
C PHE G 144 -28.09 -13.79 -29.34
N VAL G 145 -27.74 -14.71 -30.24
CA VAL G 145 -27.99 -16.12 -29.99
C VAL G 145 -27.16 -16.62 -28.82
N ALA G 146 -25.87 -16.27 -28.79
CA ALA G 146 -25.00 -16.73 -27.71
C ALA G 146 -25.44 -16.17 -26.37
N TRP G 147 -25.76 -14.87 -26.32
CA TRP G 147 -26.19 -14.28 -25.06
C TRP G 147 -27.47 -14.93 -24.57
N ASN G 148 -28.44 -15.12 -25.46
CA ASN G 148 -29.70 -15.75 -25.05
C ASN G 148 -29.48 -17.17 -24.55
N VAL G 149 -28.65 -17.95 -25.25
CA VAL G 149 -28.41 -19.32 -24.85
C VAL G 149 -27.75 -19.35 -23.47
N ILE G 150 -26.71 -18.54 -23.28
CA ILE G 150 -26.01 -18.55 -21.99
C ILE G 150 -26.95 -18.15 -20.86
N ARG G 151 -27.71 -17.06 -21.07
CA ARG G 151 -28.58 -16.56 -20.01
C ARG G 151 -29.67 -17.55 -19.66
N TRP G 152 -30.37 -18.08 -20.67
CA TRP G 152 -31.46 -19.00 -20.38
C TRP G 152 -30.95 -20.30 -19.77
N GLY G 153 -29.84 -20.84 -20.29
CA GLY G 153 -29.28 -22.03 -19.70
C GLY G 153 -28.86 -21.84 -18.25
N PHE G 154 -28.22 -20.69 -17.95
CA PHE G 154 -27.83 -20.40 -16.59
C PHE G 154 -29.06 -20.32 -15.68
N MET G 155 -30.10 -19.61 -16.12
CA MET G 155 -31.29 -19.46 -15.29
C MET G 155 -31.93 -20.80 -15.01
N TRP G 156 -32.14 -21.62 -16.05
CA TRP G 156 -32.79 -22.91 -15.84
C TRP G 156 -31.95 -23.84 -14.98
N TYR G 157 -30.64 -23.90 -15.25
CA TYR G 157 -29.75 -24.75 -14.46
C TYR G 157 -29.79 -24.36 -12.98
N THR G 158 -29.66 -23.06 -12.70
CA THR G 158 -29.61 -22.61 -11.31
C THR G 158 -30.96 -22.79 -10.62
N GLN G 159 -32.06 -22.53 -11.33
CA GLN G 159 -33.37 -22.75 -10.74
C GLN G 159 -33.59 -24.22 -10.39
N GLU G 160 -33.24 -25.12 -11.31
CA GLU G 160 -33.39 -26.55 -11.04
C GLU G 160 -32.49 -26.99 -9.89
N PHE G 161 -31.26 -26.48 -9.84
CA PHE G 161 -30.36 -26.81 -8.74
C PHE G 161 -30.91 -26.32 -7.41
N GLY G 162 -31.48 -25.11 -7.38
CA GLY G 162 -32.07 -24.60 -6.16
C GLY G 162 -33.33 -25.32 -5.73
N TYR G 163 -34.07 -25.91 -6.67
CA TYR G 163 -35.23 -26.70 -6.29
C TYR G 163 -34.82 -27.96 -5.54
N LYS G 164 -33.87 -28.72 -6.10
CA LYS G 164 -33.42 -29.95 -5.45
C LYS G 164 -32.69 -29.66 -4.14
N ALA G 165 -31.83 -28.66 -4.14
CA ALA G 165 -31.06 -28.30 -2.96
C ALA G 165 -31.85 -27.44 -1.98
N GLY G 166 -33.12 -27.17 -2.27
CA GLY G 166 -33.94 -26.43 -1.33
C GLY G 166 -34.12 -27.18 -0.03
N SER G 167 -34.20 -26.42 1.07
CA SER G 167 -34.30 -26.94 2.43
C SER G 167 -33.03 -27.66 2.85
N LYS G 168 -32.03 -27.67 1.97
CA LYS G 168 -30.68 -28.12 2.32
C LYS G 168 -29.74 -26.92 2.37
N ILE G 169 -29.87 -26.04 1.38
CA ILE G 169 -29.07 -24.82 1.28
C ILE G 169 -29.37 -23.94 2.49
N THR G 170 -30.63 -23.93 2.92
CA THR G 170 -31.03 -23.06 4.03
C THR G 170 -30.25 -23.36 5.30
N ASP G 171 -30.08 -24.64 5.63
CA ASP G 171 -29.29 -24.99 6.80
C ASP G 171 -27.81 -25.08 6.46
N ASP G 172 -27.31 -24.09 5.72
CA ASP G 172 -25.88 -23.88 5.55
C ASP G 172 -25.58 -22.41 5.81
N LEU G 173 -26.58 -21.57 5.56
CA LEU G 173 -26.54 -20.16 5.96
C LEU G 173 -27.12 -19.94 7.35
N SER G 174 -27.88 -20.89 7.88
CA SER G 174 -28.39 -20.80 9.24
C SER G 174 -27.30 -20.95 10.28
N GLY G 175 -26.10 -21.41 9.89
CA GLY G 175 -24.97 -21.50 10.77
C GLY G 175 -24.12 -20.24 10.73
N GLY G 176 -22.84 -20.42 11.03
CA GLY G 176 -21.91 -19.31 11.09
C GLY G 176 -21.41 -18.85 9.73
N LEU G 177 -22.11 -19.24 8.66
CA LEU G 177 -21.73 -18.85 7.31
C LEU G 177 -22.44 -17.59 6.85
N LEU G 178 -23.45 -17.11 7.58
CA LEU G 178 -24.15 -15.90 7.19
C LEU G 178 -23.51 -14.66 7.82
N GLN G 179 -23.26 -14.69 9.13
CA GLN G 179 -22.60 -13.55 9.78
C GLN G 179 -21.19 -13.34 9.23
N ASP G 180 -20.47 -14.44 9.01
CA ASP G 180 -19.12 -14.34 8.44
C ASP G 180 -19.15 -13.70 7.06
N ILE G 181 -20.06 -14.16 6.20
CA ILE G 181 -20.15 -13.62 4.84
C ILE G 181 -20.54 -12.15 4.90
N THR G 182 -21.51 -11.79 5.75
CA THR G 182 -21.94 -10.40 5.84
C THR G 182 -20.80 -9.50 6.32
N LYS G 183 -20.07 -9.94 7.35
CA LYS G 183 -18.99 -9.12 7.89
C LYS G 183 -17.86 -8.95 6.88
N GLY G 184 -17.46 -10.05 6.24
CA GLY G 184 -16.41 -9.95 5.22
C GLY G 184 -16.83 -9.09 4.04
N ALA G 185 -18.10 -9.22 3.63
CA ALA G 185 -18.61 -8.40 2.54
C ALA G 185 -18.59 -6.93 2.91
N SER G 186 -19.01 -6.60 4.14
CA SER G 186 -18.98 -5.20 4.57
C SER G 186 -17.55 -4.66 4.60
N ILE G 187 -16.61 -5.44 5.11
CA ILE G 187 -15.22 -5.00 5.20
C ILE G 187 -14.66 -4.74 3.80
N LEU G 188 -14.82 -5.72 2.91
CA LEU G 188 -14.31 -5.58 1.55
C LEU G 188 -15.00 -4.44 0.82
N GLY G 189 -16.32 -4.29 1.03
CA GLY G 189 -17.04 -3.22 0.36
C GLY G 189 -16.59 -1.85 0.80
N MET G 190 -16.37 -1.66 2.10
CA MET G 190 -15.85 -0.37 2.56
C MET G 190 -14.46 -0.12 2.01
N PHE G 191 -13.59 -1.13 2.04
CA PHE G 191 -12.23 -0.97 1.55
C PHE G 191 -12.21 -0.58 0.08
N VAL G 192 -13.08 -1.19 -0.74
CA VAL G 192 -13.07 -0.90 -2.17
C VAL G 192 -13.83 0.38 -2.48
N LEU G 193 -14.89 0.69 -1.74
CA LEU G 193 -15.62 1.93 -1.95
C LEU G 193 -14.78 3.14 -1.63
N ALA G 194 -13.89 3.04 -0.63
CA ALA G 194 -12.99 4.15 -0.36
C ALA G 194 -12.09 4.44 -1.55
N ALA G 195 -11.53 3.38 -2.16
CA ALA G 195 -10.68 3.55 -3.33
C ALA G 195 -11.48 4.10 -4.51
N LEU G 196 -12.71 3.62 -4.69
CA LEU G 196 -13.55 4.13 -5.78
C LEU G 196 -13.86 5.60 -5.59
N VAL G 197 -14.16 6.00 -4.35
CA VAL G 197 -14.43 7.42 -4.08
C VAL G 197 -13.19 8.25 -4.34
N GLN G 198 -12.02 7.76 -3.92
CA GLN G 198 -10.78 8.51 -4.14
C GLN G 198 -10.47 8.66 -5.63
N ARG G 199 -10.67 7.60 -6.41
CA ARG G 199 -10.17 7.58 -7.78
C ARG G 199 -11.18 8.05 -8.81
N TRP G 200 -12.41 7.53 -8.76
CA TRP G 200 -13.38 7.73 -9.83
C TRP G 200 -14.24 8.98 -9.65
N VAL G 201 -14.13 9.68 -8.53
CA VAL G 201 -14.86 10.93 -8.33
C VAL G 201 -13.90 12.07 -8.69
N ASN G 202 -14.22 12.79 -9.76
CA ASN G 202 -13.32 13.78 -10.35
C ASN G 202 -13.77 15.18 -9.95
N ILE G 203 -13.01 15.80 -9.06
CA ILE G 203 -13.23 17.19 -8.66
C ILE G 203 -11.89 17.90 -8.80
N GLN G 204 -11.76 18.72 -9.86
CA GLN G 204 -10.54 19.46 -10.14
C GLN G 204 -10.81 20.95 -9.98
N PHE G 205 -9.99 21.61 -9.17
CA PHE G 205 -10.19 23.02 -8.86
C PHE G 205 -9.34 23.89 -9.78
N ALA G 206 -9.97 24.90 -10.35
CA ALA G 206 -9.36 25.83 -11.31
C ALA G 206 -8.50 26.93 -10.70
N PRO G 207 -8.90 27.59 -9.61
CA PRO G 207 -8.25 28.86 -9.24
C PRO G 207 -6.76 28.72 -9.03
N ILE G 208 -6.03 29.76 -9.46
CA ILE G 208 -4.58 29.81 -9.36
C ILE G 208 -4.23 30.86 -8.31
N ILE G 209 -3.37 30.50 -7.37
CA ILE G 209 -3.09 31.35 -6.21
C ILE G 209 -1.94 32.31 -6.50
N SER G 210 -0.80 31.79 -6.94
CA SER G 210 0.39 32.60 -7.12
C SER G 210 1.02 32.32 -8.48
N LYS G 211 1.59 33.37 -9.07
CA LYS G 211 2.34 33.31 -10.31
C LYS G 211 3.71 33.94 -10.12
N VAL G 212 4.38 33.54 -9.04
CA VAL G 212 5.63 34.19 -8.64
C VAL G 212 6.72 33.94 -9.66
N LYS G 213 7.73 34.81 -9.65
CA LYS G 213 8.92 34.64 -10.47
C LYS G 213 9.99 33.95 -9.64
N LEU G 214 10.45 32.79 -10.12
CA LEU G 214 11.40 31.99 -9.36
C LEU G 214 12.74 32.70 -9.26
N ASP G 215 13.45 32.42 -8.17
CA ASP G 215 14.76 33.04 -7.94
C ASP G 215 15.79 32.48 -8.92
N GLU G 216 16.87 33.22 -9.08
CA GLU G 216 17.92 32.82 -10.00
C GLU G 216 18.58 31.53 -9.55
N GLY G 217 18.95 30.69 -10.52
CA GLY G 217 19.54 29.40 -10.24
C GLY G 217 18.56 28.29 -9.93
N ALA G 218 17.26 28.58 -9.91
CA ALA G 218 16.24 27.59 -9.64
C ALA G 218 15.45 27.21 -10.89
N TYR G 219 15.91 27.62 -12.07
CA TYR G 219 15.22 27.30 -13.31
C TYR G 219 16.24 27.23 -14.44
N ILE G 220 15.84 26.58 -15.53
CA ILE G 220 16.70 26.40 -16.70
C ILE G 220 16.70 27.70 -17.48
N ASP G 221 17.87 28.36 -17.54
CA ASP G 221 18.00 29.61 -18.27
C ASP G 221 18.22 29.28 -19.74
N TRP G 222 17.16 29.40 -20.54
CA TRP G 222 17.22 28.99 -21.94
C TRP G 222 18.06 29.93 -22.80
N SER G 223 18.42 31.10 -22.30
CA SER G 223 19.25 32.02 -23.05
C SER G 223 20.71 31.60 -23.12
N HIS G 224 21.21 30.93 -22.08
CA HIS G 224 22.60 30.53 -22.00
C HIS G 224 22.84 29.06 -22.30
N LEU G 225 21.83 28.35 -22.80
CA LEU G 225 22.02 26.94 -23.13
C LEU G 225 23.00 26.80 -24.30
N PRO G 226 23.83 25.76 -24.31
CA PRO G 226 24.73 25.53 -25.45
C PRO G 226 23.97 25.43 -26.77
N GLN G 227 24.63 25.81 -27.87
CA GLN G 227 23.98 25.81 -29.18
C GLN G 227 23.82 24.39 -29.71
N GLY G 228 22.62 23.83 -29.55
CA GLY G 228 22.31 22.51 -30.04
C GLY G 228 23.14 21.40 -29.44
N ALA G 229 22.86 20.15 -29.83
CA ALA G 229 23.66 19.00 -29.43
C ALA G 229 23.79 18.92 -27.91
N GLN G 230 24.74 19.68 -27.35
CA GLN G 230 24.93 19.73 -25.91
C GLN G 230 23.86 20.54 -25.20
N GLY G 231 23.08 21.34 -25.94
CA GLY G 231 21.99 22.07 -25.31
C GLY G 231 20.94 21.14 -24.72
N ILE G 232 20.57 20.09 -25.47
CA ILE G 232 19.64 19.09 -24.95
C ILE G 232 20.23 18.35 -23.76
N LYS G 233 21.52 17.99 -23.81
CA LYS G 233 22.18 17.36 -22.68
C LYS G 233 22.07 18.24 -21.44
N THR G 234 22.41 19.52 -21.58
CA THR G 234 22.36 20.43 -20.45
C THR G 234 20.94 20.56 -19.91
N ALA G 235 19.97 20.77 -20.80
CA ALA G 235 18.59 20.97 -20.40
C ALA G 235 18.07 19.76 -19.64
N LEU G 236 18.31 18.56 -20.18
CA LEU G 236 17.86 17.34 -19.53
C LEU G 236 18.55 17.10 -18.20
N GLN G 237 19.85 17.41 -18.10
CA GLN G 237 20.55 17.17 -16.84
C GLN G 237 20.09 18.13 -15.75
N GLN G 238 19.84 19.41 -16.09
CA GLN G 238 19.29 20.32 -15.08
C GLN G 238 17.85 19.94 -14.72
N GLN G 239 17.06 19.48 -15.69
CA GLN G 239 15.71 19.05 -15.37
C GLN G 239 15.72 17.85 -14.43
N GLN G 240 16.63 16.89 -14.67
CA GLN G 240 16.77 15.76 -13.77
C GLN G 240 17.30 16.18 -12.41
N ALA G 241 18.13 17.22 -12.37
CA ALA G 241 18.60 17.74 -11.08
C ALA G 241 17.44 18.27 -10.25
N GLY G 242 16.51 18.99 -10.88
CA GLY G 242 15.37 19.54 -10.17
C GLY G 242 15.02 20.95 -10.56
N LEU G 243 15.76 21.52 -11.50
CA LEU G 243 15.50 22.89 -11.94
C LEU G 243 14.17 22.97 -12.67
N ALA G 244 13.50 24.10 -12.54
CA ALA G 244 12.21 24.32 -13.18
C ALA G 244 12.38 24.59 -14.68
N LEU G 245 11.29 24.37 -15.42
CA LEU G 245 11.28 24.61 -16.85
C LEU G 245 10.92 26.05 -17.22
N SER G 246 10.37 26.82 -16.29
CA SER G 246 9.93 28.17 -16.59
C SER G 246 10.33 29.09 -15.44
N GLU G 247 10.50 30.37 -15.76
CA GLU G 247 10.84 31.36 -14.73
C GLU G 247 9.68 31.55 -13.76
N ILE G 248 8.46 31.58 -14.28
CA ILE G 248 7.27 31.82 -13.45
C ILE G 248 6.78 30.49 -12.89
N LYS G 249 6.65 30.41 -11.57
CA LYS G 249 6.14 29.24 -10.90
C LYS G 249 4.68 29.47 -10.53
N VAL G 250 3.81 28.56 -10.95
CA VAL G 250 2.37 28.71 -10.80
C VAL G 250 1.90 27.75 -9.70
N THR G 251 1.12 28.28 -8.76
CA THR G 251 0.57 27.50 -7.65
C THR G 251 -0.94 27.47 -7.78
N THR G 252 -1.53 26.30 -7.56
CA THR G 252 -2.95 26.07 -7.75
C THR G 252 -3.58 25.59 -6.45
N LEU G 253 -4.87 25.88 -6.28
CA LEU G 253 -5.62 25.36 -5.14
C LEU G 253 -5.62 23.84 -5.12
N GLN G 254 -5.72 23.22 -6.30
CA GLN G 254 -5.65 21.77 -6.39
C GLN G 254 -4.33 21.25 -5.86
N ASN G 255 -3.23 21.97 -6.13
CA ASN G 255 -1.92 21.54 -5.63
C ASN G 255 -1.89 21.54 -4.11
N ASN G 256 -2.40 22.59 -3.47
CA ASN G 256 -2.43 22.63 -2.00
C ASN G 256 -3.34 21.54 -1.44
N LEU G 257 -4.51 21.36 -2.03
CA LEU G 257 -5.43 20.34 -1.53
C LEU G 257 -4.88 18.93 -1.72
N ASP G 258 -4.06 18.72 -2.76
CA ASP G 258 -3.41 17.43 -2.93
C ASP G 258 -2.24 17.27 -1.98
N ASN G 259 -1.57 18.37 -1.64
CA ASN G 259 -0.50 18.31 -0.65
C ASN G 259 -1.05 17.95 0.71
N LEU G 260 -2.27 18.42 1.03
CA LEU G 260 -2.92 17.96 2.26
C LEU G 260 -3.16 16.46 2.20
N ILE G 261 -4.01 16.02 1.29
CA ILE G 261 -4.25 14.61 1.01
C ILE G 261 -5.05 14.51 -0.29
N PRO G 262 -4.63 13.68 -1.25
CA PRO G 262 -5.40 13.56 -2.50
C PRO G 262 -6.80 13.02 -2.24
N GLY G 263 -7.75 13.53 -3.02
CA GLY G 263 -9.13 13.07 -2.93
C GLY G 263 -9.91 13.60 -1.75
N LEU G 264 -9.49 14.72 -1.16
CA LEU G 264 -10.22 15.27 -0.01
C LEU G 264 -11.58 15.82 -0.44
N ALA G 265 -11.63 16.52 -1.56
CA ALA G 265 -12.90 17.07 -2.04
C ALA G 265 -13.88 15.95 -2.37
N ALA G 266 -13.39 14.85 -2.94
CA ALA G 266 -14.26 13.74 -3.29
C ALA G 266 -14.90 13.12 -2.05
N VAL G 267 -14.11 12.90 -1.01
CA VAL G 267 -14.65 12.30 0.21
C VAL G 267 -15.58 13.26 0.92
N ALA G 268 -15.28 14.57 0.89
CA ALA G 268 -16.18 15.54 1.49
C ALA G 268 -17.52 15.57 0.76
N LEU G 269 -17.49 15.52 -0.58
CA LEU G 269 -18.73 15.48 -1.35
C LEU G 269 -19.51 14.21 -1.08
N THR G 270 -18.81 13.08 -0.97
CA THR G 270 -19.48 11.81 -0.67
C THR G 270 -20.14 11.85 0.69
N PHE G 271 -19.48 12.45 1.69
CA PHE G 271 -20.08 12.57 3.01
C PHE G 271 -21.29 13.50 2.99
N LEU G 272 -21.22 14.58 2.21
CA LEU G 272 -22.38 15.46 2.06
C LEU G 272 -23.55 14.71 1.43
N CYS G 273 -23.27 13.89 0.41
CA CYS G 273 -24.32 13.10 -0.21
C CYS G 273 -24.90 12.10 0.77
N MET G 274 -24.06 11.49 1.60
CA MET G 274 -24.54 10.57 2.63
C MET G 274 -25.49 11.28 3.59
N TRP G 275 -25.10 12.48 4.04
CA TRP G 275 -25.96 13.23 4.95
C TRP G 275 -27.29 13.59 4.28
N LEU G 276 -27.25 14.04 3.03
CA LEU G 276 -28.47 14.41 2.33
C LEU G 276 -29.38 13.20 2.16
N LEU G 277 -28.82 12.04 1.84
CA LEU G 277 -29.63 10.84 1.73
C LEU G 277 -30.22 10.43 3.08
N LYS G 278 -29.43 10.58 4.16
CA LYS G 278 -29.96 10.29 5.49
C LYS G 278 -31.07 11.24 5.88
N LYS G 279 -31.09 12.45 5.32
CA LYS G 279 -32.18 13.40 5.54
C LYS G 279 -33.40 13.10 4.68
N LYS G 280 -33.47 11.92 4.08
CA LYS G 280 -34.61 11.49 3.27
C LYS G 280 -34.82 12.39 2.05
N ILE G 281 -33.75 12.64 1.31
CA ILE G 281 -33.83 13.41 0.07
C ILE G 281 -33.60 12.46 -1.10
N SER G 282 -34.42 12.60 -2.14
CA SER G 282 -34.39 11.65 -3.26
C SER G 282 -33.07 11.74 -4.01
N PRO G 283 -32.53 10.61 -4.48
CA PRO G 283 -31.29 10.67 -5.26
C PRO G 283 -31.41 11.47 -6.55
N ILE G 284 -32.60 11.57 -7.13
CA ILE G 284 -32.80 12.41 -8.30
C ILE G 284 -32.47 13.87 -7.98
N ILE G 285 -32.94 14.33 -6.82
CA ILE G 285 -32.65 15.70 -6.39
C ILE G 285 -31.15 15.90 -6.24
N ILE G 286 -30.45 14.93 -5.66
CA ILE G 286 -29.02 15.06 -5.45
C ILE G 286 -28.25 15.07 -6.76
N ILE G 287 -28.66 14.23 -7.72
CA ILE G 287 -27.98 14.20 -9.01
C ILE G 287 -28.20 15.51 -9.77
N LEU G 288 -29.44 16.00 -9.78
CA LEU G 288 -29.72 17.28 -10.42
C LEU G 288 -28.95 18.41 -9.74
N GLY G 289 -28.87 18.37 -8.41
CA GLY G 289 -28.09 19.36 -7.70
C GLY G 289 -26.62 19.30 -8.03
N LEU G 290 -26.08 18.09 -8.19
CA LEU G 290 -24.67 17.95 -8.57
C LEU G 290 -24.42 18.56 -9.94
N PHE G 291 -25.32 18.32 -10.88
CA PHE G 291 -25.20 18.96 -12.20
C PHE G 291 -25.26 20.48 -12.07
N VAL G 292 -26.17 20.97 -11.23
CA VAL G 292 -26.34 22.42 -11.08
C VAL G 292 -25.10 23.05 -10.49
N VAL G 293 -24.55 22.43 -9.43
CA VAL G 293 -23.34 22.99 -8.82
C VAL G 293 -22.14 22.85 -9.74
N GLY G 294 -22.10 21.82 -10.60
CA GLY G 294 -21.06 21.78 -11.62
C GLY G 294 -21.14 22.96 -12.56
N ILE G 295 -22.35 23.25 -13.05
CA ILE G 295 -22.54 24.39 -13.94
C ILE G 295 -22.13 25.68 -13.25
N VAL G 296 -22.59 25.87 -12.01
CA VAL G 296 -22.32 27.10 -11.27
C VAL G 296 -20.83 27.24 -10.98
N GLY G 297 -20.17 26.16 -10.57
CA GLY G 297 -18.76 26.22 -10.29
C GLY G 297 -17.93 26.53 -11.51
N HIS G 298 -18.31 25.99 -12.67
CA HIS G 298 -17.63 26.38 -13.89
C HIS G 298 -17.89 27.85 -14.22
N LEU G 299 -19.12 28.32 -13.96
CA LEU G 299 -19.46 29.70 -14.28
C LEU G 299 -18.65 30.69 -13.44
N ILE G 300 -18.49 30.41 -12.13
CA ILE G 300 -17.77 31.31 -11.25
C ILE G 300 -16.27 31.10 -11.27
N GLY G 301 -15.78 30.17 -12.08
CA GLY G 301 -14.36 29.91 -12.17
C GLY G 301 -13.79 28.96 -11.14
N LEU G 302 -14.62 28.44 -10.22
CA LEU G 302 -14.13 27.49 -9.23
C LEU G 302 -13.68 26.19 -9.88
N LEU G 303 -14.46 25.70 -10.86
CA LEU G 303 -14.13 24.45 -11.53
C LEU G 303 -13.99 24.66 -13.03
#